data_4PSO
#
_entry.id   4PSO
#
_cell.length_a   120.488
_cell.length_b   190.277
_cell.length_c   89.786
_cell.angle_alpha   90.00
_cell.angle_beta   90.00
_cell.angle_gamma   90.00
#
_symmetry.space_group_name_H-M   'P 21 21 21'
#
loop_
_entity.id
_entity.type
_entity.pdbx_description
1 polymer 'ssDNA binding protein'
2 polymer polydeoxyribonucleotide
3 non-polymer 'PHOSPHATE ION'
4 water water
#
loop_
_entity_poly.entity_id
_entity_poly.type
_entity_poly.pdbx_seq_one_letter_code
_entity_poly.pdbx_strand_id
1 'polypeptide(L)'
;GAMLPTLRTGLVIAAGYADKVRRVLFAQLRDAIKSGELSNKDVAMAAGNLNRVLFELLVNKLKADKLDVVRIQIDYEVRD
SQIQFDFSTLRVELWRRVPEEEIAPIVEDFARAAPRLLEEEIRFTVEKVGETDVGDVVYRIMYRGSDVGALIVTPLNGEA
LVRGAVVEPTPLLLKRTRVQVEADRIDDFVRESVSRLFSEAQNVEKREAVRVVNEILSLVKAGEEGFEEALEEEVEG
;
A,B,C,D,F,G,H,I
2 'polydeoxyribonucleotide' (DT)(DT)(DT)(DT)(DT)(DT)(DT)(DT)(DT)(DT) L,E,X,Z
#
loop_
_chem_comp.id
_chem_comp.type
_chem_comp.name
_chem_comp.formula
DT DNA linking THYMIDINE-5'-MONOPHOSPHATE 'C10 H15 N2 O8 P'
PO4 non-polymer 'PHOSPHATE ION' 'O4 P -3'
#
# COMPACT_ATOMS: atom_id res chain seq x y z
N MET A 3 -16.01 -32.09 -42.43
CA MET A 3 -16.38 -32.08 -41.02
C MET A 3 -16.22 -30.66 -40.46
N LEU A 4 -17.07 -30.30 -39.49
CA LEU A 4 -17.06 -28.93 -38.97
C LEU A 4 -16.47 -28.82 -37.57
N PRO A 5 -15.93 -27.63 -37.24
CA PRO A 5 -15.49 -27.32 -35.87
C PRO A 5 -16.66 -27.38 -34.90
N THR A 6 -16.42 -27.79 -33.66
CA THR A 6 -17.49 -27.89 -32.68
C THR A 6 -17.19 -27.04 -31.45
N LEU A 7 -18.14 -26.20 -31.06
CA LEU A 7 -18.02 -25.43 -29.84
C LEU A 7 -18.47 -26.27 -28.65
N ARG A 8 -17.55 -26.57 -27.73
CA ARG A 8 -17.86 -27.39 -26.57
C ARG A 8 -17.57 -26.63 -25.28
N THR A 9 -18.54 -26.64 -24.38
CA THR A 9 -18.44 -25.91 -23.12
C THR A 9 -17.83 -26.77 -22.02
N GLY A 10 -18.09 -28.06 -22.08
CA GLY A 10 -17.73 -28.94 -20.99
C GLY A 10 -18.73 -28.69 -19.88
N LEU A 11 -18.46 -29.20 -18.68
CA LEU A 11 -19.35 -28.96 -17.55
C LEU A 11 -19.26 -27.52 -17.08
N VAL A 12 -20.41 -26.87 -16.93
CA VAL A 12 -20.46 -25.50 -16.44
C VAL A 12 -21.79 -25.22 -15.73
N ILE A 13 -21.73 -24.43 -14.66
CA ILE A 13 -22.93 -23.98 -13.95
C ILE A 13 -23.77 -23.12 -14.88
N ALA A 14 -25.08 -23.36 -14.89
CA ALA A 14 -25.98 -22.70 -15.83
C ALA A 14 -25.88 -21.19 -15.79
N ALA A 15 -25.54 -20.64 -14.63
CA ALA A 15 -25.43 -19.21 -14.46
C ALA A 15 -24.29 -18.62 -15.28
N GLY A 16 -23.33 -19.46 -15.64
CA GLY A 16 -22.14 -19.00 -16.32
C GLY A 16 -21.88 -19.62 -17.68
N TYR A 17 -22.93 -20.10 -18.33
CA TYR A 17 -22.77 -20.74 -19.63
C TYR A 17 -22.38 -19.71 -20.68
N ALA A 18 -22.89 -18.49 -20.52
CA ALA A 18 -22.70 -17.45 -21.52
C ALA A 18 -21.23 -17.05 -21.65
N ASP A 19 -20.59 -16.80 -20.51
CA ASP A 19 -19.18 -16.41 -20.52
C ASP A 19 -18.32 -17.60 -20.95
N LYS A 20 -18.86 -18.81 -20.77
CA LYS A 20 -18.15 -20.00 -21.17
C LYS A 20 -18.18 -20.16 -22.69
N VAL A 21 -19.36 -19.97 -23.26
CA VAL A 21 -19.55 -20.05 -24.71
C VAL A 21 -18.71 -18.99 -25.42
N ARG A 22 -18.66 -17.80 -24.84
CA ARG A 22 -17.91 -16.69 -25.40
C ARG A 22 -16.40 -16.98 -25.37
N ARG A 23 -15.93 -17.52 -24.26
CA ARG A 23 -14.51 -17.79 -24.09
C ARG A 23 -14.04 -18.95 -24.96
N VAL A 24 -14.87 -19.96 -25.10
CA VAL A 24 -14.54 -21.11 -25.92
C VAL A 24 -14.43 -20.68 -27.38
N LEU A 25 -15.41 -19.90 -27.84
CA LEU A 25 -15.45 -19.47 -29.23
C LEU A 25 -14.27 -18.56 -29.59
N PHE A 26 -13.92 -17.66 -28.68
CA PHE A 26 -12.79 -16.75 -28.90
C PHE A 26 -11.47 -17.53 -28.94
N ALA A 27 -11.37 -18.56 -28.11
CA ALA A 27 -10.15 -19.38 -28.06
C ALA A 27 -9.95 -20.16 -29.35
N GLN A 28 -11.06 -20.63 -29.93
CA GLN A 28 -11.01 -21.44 -31.14
C GLN A 28 -10.74 -20.58 -32.38
N LEU A 29 -11.20 -19.33 -32.36
CA LEU A 29 -11.13 -18.49 -33.54
C LEU A 29 -10.11 -17.36 -33.46
N ARG A 30 -9.12 -17.48 -32.57
CA ARG A 30 -8.08 -16.47 -32.45
C ARG A 30 -7.34 -16.31 -33.77
N ASP A 31 -7.06 -17.44 -34.42
CA ASP A 31 -6.29 -17.47 -35.65
C ASP A 31 -6.99 -16.74 -36.80
N ALA A 32 -8.30 -16.91 -36.90
CA ALA A 32 -9.08 -16.27 -37.94
C ALA A 32 -9.08 -14.76 -37.80
N ILE A 33 -9.02 -14.30 -36.55
CA ILE A 33 -9.02 -12.88 -36.25
C ILE A 33 -7.72 -12.19 -36.66
N LYS A 34 -6.59 -12.79 -36.31
CA LYS A 34 -5.28 -12.21 -36.62
C LYS A 34 -5.02 -12.23 -38.12
N SER A 35 -5.55 -13.23 -38.80
CA SER A 35 -5.40 -13.34 -40.25
C SER A 35 -6.18 -12.23 -40.93
N GLY A 36 -7.24 -11.76 -40.27
CA GLY A 36 -8.07 -10.69 -40.79
C GLY A 36 -9.37 -11.25 -41.36
N GLU A 37 -9.54 -12.56 -41.22
CA GLU A 37 -10.75 -13.23 -41.68
C GLU A 37 -11.95 -12.88 -40.81
N LEU A 38 -11.69 -12.59 -39.54
CA LEU A 38 -12.75 -12.19 -38.62
C LEU A 38 -12.29 -11.05 -37.71
N SER A 39 -13.25 -10.32 -37.16
CA SER A 39 -12.96 -9.30 -36.16
C SER A 39 -13.48 -9.79 -34.80
N ASN A 40 -13.04 -9.16 -33.73
CA ASN A 40 -13.54 -9.48 -32.39
C ASN A 40 -15.04 -9.24 -32.31
N LYS A 41 -15.49 -8.24 -33.07
CA LYS A 41 -16.90 -7.89 -33.12
C LYS A 41 -17.70 -9.03 -33.75
N ASP A 42 -17.14 -9.63 -34.80
CA ASP A 42 -17.78 -10.71 -35.51
C ASP A 42 -18.02 -11.92 -34.61
N VAL A 43 -17.00 -12.26 -33.83
CA VAL A 43 -17.06 -13.42 -32.93
C VAL A 43 -17.96 -13.18 -31.72
N ALA A 44 -17.84 -11.99 -31.14
CA ALA A 44 -18.63 -11.63 -29.96
C ALA A 44 -20.12 -11.59 -30.28
N MET A 45 -20.45 -11.08 -31.46
CA MET A 45 -21.84 -11.04 -31.91
C MET A 45 -22.35 -12.47 -32.12
N ALA A 46 -21.46 -13.34 -32.60
CA ALA A 46 -21.82 -14.72 -32.84
C ALA A 46 -22.09 -15.45 -31.54
N ALA A 47 -21.19 -15.26 -30.58
CA ALA A 47 -21.34 -15.88 -29.27
C ALA A 47 -22.54 -15.31 -28.55
N GLY A 48 -22.75 -14.00 -28.71
CA GLY A 48 -23.85 -13.31 -28.07
C GLY A 48 -25.19 -13.76 -28.59
N ASN A 49 -25.29 -13.93 -29.91
CA ASN A 49 -26.53 -14.39 -30.53
C ASN A 49 -26.84 -15.84 -30.14
N LEU A 50 -25.81 -16.67 -30.04
CA LEU A 50 -25.99 -18.05 -29.61
C LEU A 50 -26.47 -18.11 -28.17
N ASN A 51 -25.87 -17.29 -27.31
CA ASN A 51 -26.24 -17.22 -25.90
C ASN A 51 -27.68 -16.75 -25.73
N ARG A 52 -28.10 -15.85 -26.61
CA ARG A 52 -29.47 -15.34 -26.64
C ARG A 52 -30.42 -16.50 -26.92
N VAL A 53 -30.03 -17.34 -27.86
CA VAL A 53 -30.81 -18.52 -28.24
C VAL A 53 -30.86 -19.55 -27.13
N LEU A 54 -29.71 -19.81 -26.52
CA LEU A 54 -29.62 -20.79 -25.45
C LEU A 54 -30.41 -20.37 -24.21
N PHE A 55 -30.58 -19.07 -24.01
CA PHE A 55 -31.30 -18.55 -22.86
C PHE A 55 -32.76 -19.00 -22.88
N GLU A 56 -33.38 -18.94 -24.05
CA GLU A 56 -34.77 -19.36 -24.18
C GLU A 56 -34.89 -20.86 -23.96
N LEU A 57 -33.92 -21.60 -24.49
CA LEU A 57 -33.90 -23.05 -24.36
C LEU A 57 -33.71 -23.50 -22.92
N LEU A 58 -32.72 -22.92 -22.24
CA LEU A 58 -32.37 -23.36 -20.90
C LEU A 58 -33.36 -22.90 -19.84
N VAL A 59 -33.76 -21.63 -19.91
CA VAL A 59 -34.59 -21.04 -18.86
C VAL A 59 -36.07 -21.33 -19.04
N ASN A 60 -36.56 -21.23 -20.28
CA ASN A 60 -37.98 -21.42 -20.55
C ASN A 60 -38.35 -22.85 -20.95
N LYS A 61 -37.64 -23.42 -21.90
CA LYS A 61 -38.00 -24.75 -22.42
C LYS A 61 -37.56 -25.90 -21.50
N LEU A 62 -36.33 -25.82 -20.99
CA LEU A 62 -35.83 -26.90 -20.14
C LEU A 62 -36.08 -26.58 -18.67
N LYS A 63 -36.43 -25.31 -18.42
CA LYS A 63 -36.74 -24.81 -17.09
C LYS A 63 -35.60 -25.12 -16.12
N ALA A 64 -34.38 -24.83 -16.55
CA ALA A 64 -33.18 -25.10 -15.74
C ALA A 64 -32.92 -23.97 -14.75
N ASP A 65 -32.65 -24.34 -13.49
CA ASP A 65 -32.26 -23.35 -12.49
C ASP A 65 -30.82 -22.95 -12.73
N LYS A 66 -30.45 -21.75 -12.32
CA LYS A 66 -29.10 -21.24 -12.60
C LYS A 66 -28.01 -21.93 -11.78
N LEU A 67 -28.40 -22.77 -10.84
CA LEU A 67 -27.42 -23.47 -10.03
C LEU A 67 -27.26 -24.91 -10.50
N ASP A 68 -27.92 -25.24 -11.61
CA ASP A 68 -27.77 -26.54 -12.25
C ASP A 68 -26.53 -26.58 -13.12
N VAL A 69 -26.24 -27.75 -13.70
CA VAL A 69 -25.07 -27.90 -14.56
C VAL A 69 -25.49 -28.30 -15.98
N VAL A 70 -24.96 -27.58 -16.97
CA VAL A 70 -25.28 -27.90 -18.36
C VAL A 70 -24.02 -28.21 -19.16
N ARG A 71 -24.19 -28.92 -20.26
CA ARG A 71 -23.11 -29.16 -21.21
C ARG A 71 -23.64 -28.97 -22.62
N ILE A 72 -23.07 -28.01 -23.33
CA ILE A 72 -23.57 -27.60 -24.62
C ILE A 72 -22.52 -27.81 -25.71
N GLN A 73 -22.95 -28.32 -26.85
CA GLN A 73 -22.06 -28.38 -28.01
C GLN A 73 -22.85 -28.13 -29.29
N ILE A 74 -22.17 -27.50 -30.26
CA ILE A 74 -22.78 -27.19 -31.54
C ILE A 74 -21.71 -26.96 -32.59
N ASP A 75 -21.94 -27.48 -33.79
CA ASP A 75 -21.01 -27.27 -34.89
C ASP A 75 -21.24 -25.90 -35.52
N TYR A 76 -20.19 -25.33 -36.08
CA TYR A 76 -20.28 -24.05 -36.77
C TYR A 76 -19.32 -24.00 -37.95
N GLU A 77 -19.60 -23.13 -38.91
CA GLU A 77 -18.74 -22.97 -40.08
C GLU A 77 -18.44 -21.49 -40.29
N VAL A 78 -17.22 -21.19 -40.74
CA VAL A 78 -16.86 -19.81 -41.05
C VAL A 78 -16.68 -19.63 -42.55
N ARG A 79 -17.60 -18.89 -43.14
CA ARG A 79 -17.59 -18.62 -44.58
C ARG A 79 -17.65 -17.12 -44.87
N ASP A 80 -16.63 -16.63 -45.56
CA ASP A 80 -16.58 -15.26 -46.04
C ASP A 80 -16.79 -14.27 -44.90
N SER A 81 -15.90 -14.35 -43.90
CA SER A 81 -15.85 -13.45 -42.76
C SER A 81 -17.11 -13.46 -41.89
N GLN A 82 -17.76 -14.61 -41.78
CA GLN A 82 -18.97 -14.75 -40.96
C GLN A 82 -19.10 -16.15 -40.33
N ILE A 83 -19.58 -16.18 -39.09
CA ILE A 83 -19.76 -17.43 -38.35
C ILE A 83 -21.21 -17.88 -38.44
N GLN A 84 -21.41 -19.13 -38.87
CA GLN A 84 -22.74 -19.65 -39.05
C GLN A 84 -22.89 -20.98 -38.32
N PHE A 85 -23.84 -21.03 -37.39
CA PHE A 85 -24.08 -22.25 -36.62
C PHE A 85 -25.02 -23.24 -37.31
N ASP A 86 -24.71 -24.52 -37.14
CA ASP A 86 -25.56 -25.60 -37.62
C ASP A 86 -26.38 -26.13 -36.45
N PHE A 87 -27.62 -25.64 -36.33
CA PHE A 87 -28.44 -25.94 -35.16
C PHE A 87 -28.96 -27.37 -35.15
N SER A 88 -28.73 -28.10 -36.24
CA SER A 88 -29.07 -29.51 -36.29
C SER A 88 -28.09 -30.31 -35.44
N THR A 89 -26.95 -29.71 -35.14
CA THR A 89 -25.91 -30.37 -34.35
C THR A 89 -25.94 -29.92 -32.89
N LEU A 90 -26.88 -29.04 -32.55
CA LEU A 90 -26.98 -28.55 -31.17
C LEU A 90 -27.34 -29.68 -30.23
N ARG A 91 -26.52 -29.85 -29.19
CA ARG A 91 -26.77 -30.86 -28.17
C ARG A 91 -26.65 -30.21 -26.80
N VAL A 92 -27.62 -30.48 -25.92
CA VAL A 92 -27.59 -29.90 -24.58
C VAL A 92 -27.81 -30.98 -23.53
N GLU A 93 -26.91 -31.05 -22.57
CA GLU A 93 -27.04 -31.99 -21.46
C GLU A 93 -27.36 -31.19 -20.20
N LEU A 94 -28.18 -31.76 -19.32
CA LEU A 94 -28.58 -31.05 -18.11
C LEU A 94 -28.51 -31.96 -16.89
N TRP A 95 -27.93 -31.43 -15.82
CA TRP A 95 -27.89 -32.08 -14.53
C TRP A 95 -28.59 -31.21 -13.51
N ARG A 96 -29.59 -31.76 -12.81
CA ARG A 96 -30.36 -30.97 -11.85
C ARG A 96 -29.80 -31.09 -10.43
N ARG A 97 -29.78 -29.94 -9.76
CA ARG A 97 -29.18 -29.79 -8.45
C ARG A 97 -29.93 -30.53 -7.35
N VAL A 98 -29.17 -31.25 -6.52
CA VAL A 98 -29.72 -31.88 -5.33
C VAL A 98 -29.58 -30.90 -4.16
N PRO A 99 -30.71 -30.57 -3.51
CA PRO A 99 -30.77 -29.60 -2.41
C PRO A 99 -29.78 -29.92 -1.27
N GLU A 100 -29.20 -28.89 -0.67
CA GLU A 100 -28.22 -29.08 0.39
C GLU A 100 -28.80 -29.81 1.59
N GLU A 101 -30.09 -29.58 1.85
CA GLU A 101 -30.78 -30.18 2.98
C GLU A 101 -30.91 -31.69 2.84
N GLU A 102 -30.65 -32.20 1.64
CA GLU A 102 -30.82 -33.63 1.38
C GLU A 102 -29.45 -34.33 1.39
N ILE A 103 -28.38 -33.54 1.24
CA ILE A 103 -27.04 -34.10 1.13
C ILE A 103 -26.16 -33.79 2.34
N ALA A 104 -26.22 -32.57 2.84
CA ALA A 104 -25.34 -32.12 3.91
C ALA A 104 -25.36 -32.98 5.20
N PRO A 105 -26.55 -33.36 5.70
CA PRO A 105 -26.53 -34.18 6.91
C PRO A 105 -25.92 -35.57 6.67
N ILE A 106 -26.12 -36.12 5.47
CA ILE A 106 -25.57 -37.41 5.11
C ILE A 106 -24.05 -37.31 5.01
N VAL A 107 -23.58 -36.19 4.46
CA VAL A 107 -22.15 -35.93 4.36
C VAL A 107 -21.55 -35.76 5.75
N GLU A 108 -22.30 -35.07 6.61
CA GLU A 108 -21.85 -34.78 7.98
C GLU A 108 -21.61 -36.03 8.83
N ASP A 109 -22.54 -36.98 8.78
CA ASP A 109 -22.43 -38.19 9.60
C ASP A 109 -21.28 -39.07 9.13
N PHE A 110 -21.12 -39.16 7.81
CA PHE A 110 -20.09 -40.00 7.22
C PHE A 110 -18.72 -39.44 7.58
N ALA A 111 -18.65 -38.12 7.71
CA ALA A 111 -17.39 -37.45 8.00
C ALA A 111 -16.84 -37.87 9.36
N ARG A 112 -17.74 -38.31 10.23
CA ARG A 112 -17.36 -38.78 11.55
C ARG A 112 -16.80 -40.20 11.45
N ALA A 113 -17.29 -40.94 10.46
CA ALA A 113 -16.95 -42.36 10.30
C ALA A 113 -15.78 -42.57 9.34
N ALA A 114 -15.34 -41.50 8.69
CA ALA A 114 -14.30 -41.60 7.68
C ALA A 114 -12.96 -42.11 8.22
N PRO A 115 -12.50 -41.58 9.38
CA PRO A 115 -11.20 -42.09 9.84
C PRO A 115 -11.23 -43.55 10.26
N ARG A 116 -12.43 -44.02 10.63
CA ARG A 116 -12.61 -45.42 11.00
C ARG A 116 -12.53 -46.34 9.78
N LEU A 117 -13.23 -45.94 8.73
CA LEU A 117 -13.30 -46.69 7.49
C LEU A 117 -11.96 -46.73 6.76
N LEU A 118 -11.21 -45.65 6.93
CA LEU A 118 -9.96 -45.45 6.21
C LEU A 118 -8.86 -46.42 6.63
N GLU A 119 -8.95 -46.94 7.85
CA GLU A 119 -7.94 -47.85 8.36
C GLU A 119 -8.34 -49.29 8.04
N GLU A 120 -9.64 -49.51 7.89
CA GLU A 120 -10.16 -50.85 7.61
C GLU A 120 -9.56 -51.37 6.32
N GLU A 121 -9.20 -52.65 6.28
CA GLU A 121 -8.70 -53.22 5.04
C GLU A 121 -9.87 -53.56 4.13
N ILE A 122 -9.65 -53.40 2.84
CA ILE A 122 -10.68 -53.55 1.82
C ILE A 122 -10.96 -55.00 1.41
N ARG A 123 -11.91 -55.66 2.07
CA ARG A 123 -12.30 -57.02 1.69
C ARG A 123 -12.70 -57.24 0.23
N PHE A 124 -11.96 -58.12 -0.43
CA PHE A 124 -12.33 -58.53 -1.77
C PHE A 124 -12.71 -60.01 -1.73
N THR A 125 -13.43 -60.48 -2.74
CA THR A 125 -13.69 -61.91 -2.91
C THR A 125 -13.32 -62.26 -4.33
N VAL A 126 -13.09 -63.53 -4.61
CA VAL A 126 -12.68 -63.93 -5.95
C VAL A 126 -13.51 -65.09 -6.50
N GLU A 127 -13.47 -65.25 -7.82
CA GLU A 127 -14.12 -66.39 -8.48
C GLU A 127 -13.33 -66.81 -9.71
N LYS A 128 -13.14 -68.12 -9.86
CA LYS A 128 -12.41 -68.69 -10.98
C LYS A 128 -13.10 -68.39 -12.32
N VAL A 129 -12.32 -67.86 -13.26
CA VAL A 129 -12.84 -67.50 -14.57
C VAL A 129 -12.41 -68.51 -15.63
N GLY A 130 -11.13 -68.88 -15.60
CA GLY A 130 -10.59 -69.85 -16.54
C GLY A 130 -9.08 -69.91 -16.48
N GLU A 131 -8.48 -70.59 -17.45
CA GLU A 131 -7.03 -70.66 -17.56
C GLU A 131 -6.54 -70.15 -18.92
N THR A 132 -5.33 -69.61 -18.94
CA THR A 132 -4.73 -69.10 -20.17
C THR A 132 -4.09 -70.22 -20.99
N ASP A 133 -3.59 -69.88 -22.17
CA ASP A 133 -2.97 -70.87 -23.06
C ASP A 133 -1.74 -71.52 -22.42
N VAL A 134 -1.00 -70.75 -21.63
CA VAL A 134 0.23 -71.25 -21.02
C VAL A 134 0.00 -71.71 -19.58
N GLY A 135 -1.25 -71.72 -19.17
CA GLY A 135 -1.60 -72.32 -17.89
C GLY A 135 -1.70 -71.36 -16.71
N ASP A 136 -1.84 -70.07 -16.98
CA ASP A 136 -2.08 -69.13 -15.89
C ASP A 136 -3.52 -69.26 -15.46
N VAL A 137 -3.79 -69.00 -14.18
CA VAL A 137 -5.13 -69.08 -13.63
C VAL A 137 -5.66 -67.67 -13.40
N VAL A 138 -6.84 -67.38 -13.96
CA VAL A 138 -7.42 -66.05 -13.87
C VAL A 138 -8.61 -65.99 -12.94
N TYR A 139 -8.60 -65.04 -12.01
CA TYR A 139 -9.73 -64.87 -11.11
C TYR A 139 -10.37 -63.51 -11.32
N ARG A 140 -11.67 -63.47 -11.08
CA ARG A 140 -12.43 -62.23 -11.10
C ARG A 140 -12.53 -61.73 -9.68
N ILE A 141 -12.14 -60.48 -9.46
CA ILE A 141 -12.19 -59.90 -8.13
C ILE A 141 -13.48 -59.15 -7.93
N MET A 142 -14.13 -59.38 -6.80
CA MET A 142 -15.41 -58.74 -6.54
C MET A 142 -15.32 -57.94 -5.25
N TYR A 143 -16.08 -56.85 -5.20
CA TYR A 143 -16.17 -56.02 -4.02
C TYR A 143 -17.63 -55.81 -3.66
N ARG A 144 -18.01 -56.34 -2.51
CA ARG A 144 -19.40 -56.34 -2.05
C ARG A 144 -20.30 -57.01 -3.10
N GLY A 145 -19.78 -58.10 -3.67
CA GLY A 145 -20.54 -58.92 -4.60
C GLY A 145 -20.51 -58.43 -6.05
N SER A 146 -19.99 -57.22 -6.25
CA SER A 146 -19.93 -56.64 -7.59
C SER A 146 -18.52 -56.74 -8.18
N ASP A 147 -18.43 -57.01 -9.48
CA ASP A 147 -17.15 -57.14 -10.15
C ASP A 147 -16.42 -55.80 -10.21
N VAL A 148 -15.17 -55.79 -9.73
CA VAL A 148 -14.39 -54.55 -9.68
C VAL A 148 -12.98 -54.71 -10.22
N GLY A 149 -12.56 -55.94 -10.48
CA GLY A 149 -11.23 -56.17 -10.98
C GLY A 149 -10.93 -57.61 -11.36
N ALA A 150 -9.66 -57.89 -11.61
CA ALA A 150 -9.23 -59.21 -12.05
C ALA A 150 -7.88 -59.55 -11.43
N LEU A 151 -7.54 -60.82 -11.44
CA LEU A 151 -6.30 -61.30 -10.84
C LEU A 151 -5.77 -62.48 -11.64
N ILE A 152 -4.46 -62.52 -11.85
CA ILE A 152 -3.86 -63.61 -12.61
C ILE A 152 -2.72 -64.25 -11.81
N VAL A 153 -2.72 -65.59 -11.77
CA VAL A 153 -1.71 -66.33 -11.04
C VAL A 153 -0.95 -67.24 -11.99
N THR A 154 0.38 -67.15 -11.94
CA THR A 154 1.25 -67.98 -12.76
C THR A 154 1.92 -69.03 -11.90
N PRO A 155 1.51 -70.29 -12.07
CA PRO A 155 2.05 -71.38 -11.25
C PRO A 155 3.49 -71.70 -11.63
N LEU A 156 4.33 -71.99 -10.64
CA LEU A 156 5.71 -72.36 -10.91
C LEU A 156 5.94 -73.72 -10.25
N ASN A 157 7.18 -74.07 -10.00
CA ASN A 157 7.45 -75.30 -9.25
C ASN A 157 7.59 -75.01 -7.77
N GLY A 158 6.48 -75.08 -7.03
CA GLY A 158 6.49 -74.77 -5.62
C GLY A 158 6.37 -73.28 -5.34
N GLU A 159 6.27 -72.49 -6.42
CA GLU A 159 6.18 -71.04 -6.33
C GLU A 159 5.03 -70.53 -7.19
N ALA A 160 4.59 -69.30 -6.94
CA ALA A 160 3.59 -68.67 -7.80
C ALA A 160 3.86 -67.18 -8.02
N LEU A 161 3.47 -66.67 -9.17
CA LEU A 161 3.51 -65.23 -9.44
C LEU A 161 2.11 -64.64 -9.47
N VAL A 162 1.89 -63.57 -8.71
CA VAL A 162 0.58 -62.94 -8.67
C VAL A 162 0.62 -61.50 -9.19
N ARG A 163 -0.31 -61.20 -10.09
CA ARG A 163 -0.52 -59.86 -10.63
C ARG A 163 -2.01 -59.58 -10.71
N GLY A 164 -2.39 -58.33 -10.51
CA GLY A 164 -3.80 -57.97 -10.57
C GLY A 164 -4.06 -56.50 -10.36
N ALA A 165 -5.33 -56.12 -10.47
CA ALA A 165 -5.76 -54.74 -10.30
C ALA A 165 -7.24 -54.68 -9.98
N VAL A 166 -7.62 -53.69 -9.18
CA VAL A 166 -9.03 -53.40 -8.93
C VAL A 166 -9.32 -51.95 -9.27
N VAL A 167 -10.56 -51.66 -9.62
CA VAL A 167 -10.98 -50.32 -10.01
C VAL A 167 -11.69 -49.62 -8.86
N GLU A 168 -12.48 -50.39 -8.12
CA GLU A 168 -13.25 -49.87 -6.98
C GLU A 168 -12.89 -50.69 -5.74
N PRO A 169 -13.06 -50.12 -4.54
CA PRO A 169 -13.53 -48.77 -4.21
C PRO A 169 -12.48 -47.70 -4.49
N THR A 170 -11.25 -48.13 -4.75
CA THR A 170 -10.20 -47.22 -5.17
C THR A 170 -9.25 -47.97 -6.10
N PRO A 171 -8.77 -47.29 -7.17
CA PRO A 171 -7.90 -47.94 -8.16
C PRO A 171 -6.59 -48.45 -7.55
N LEU A 172 -6.42 -49.76 -7.58
CA LEU A 172 -5.22 -50.38 -7.02
C LEU A 172 -4.53 -51.27 -8.04
N LEU A 173 -3.20 -51.30 -7.98
CA LEU A 173 -2.42 -52.16 -8.84
C LEU A 173 -1.57 -53.10 -8.01
N LEU A 174 -1.81 -54.39 -8.18
CA LEU A 174 -1.05 -55.42 -7.49
C LEU A 174 0.20 -55.74 -8.29
N LYS A 175 1.35 -55.32 -7.79
CA LYS A 175 2.62 -55.60 -8.46
C LYS A 175 2.91 -57.08 -8.57
N ARG A 176 3.71 -57.42 -9.58
CA ARG A 176 4.18 -58.78 -9.79
C ARG A 176 4.80 -59.30 -8.49
N THR A 177 4.15 -60.29 -7.90
CA THR A 177 4.58 -60.80 -6.60
C THR A 177 4.79 -62.30 -6.63
N ARG A 178 5.93 -62.74 -6.10
CA ARG A 178 6.21 -64.16 -6.01
C ARG A 178 5.96 -64.70 -4.61
N VAL A 179 5.24 -65.81 -4.52
CA VAL A 179 4.94 -66.41 -3.24
C VAL A 179 5.27 -67.89 -3.30
N GLN A 180 5.61 -68.48 -2.15
CA GLN A 180 5.95 -69.89 -2.10
C GLN A 180 4.73 -70.72 -1.71
N VAL A 181 4.09 -71.31 -2.70
CA VAL A 181 2.86 -72.09 -2.52
C VAL A 181 2.80 -73.18 -3.58
N GLU A 182 2.37 -74.38 -3.21
CA GLU A 182 2.23 -75.45 -4.19
C GLU A 182 1.00 -75.27 -5.07
N ALA A 183 1.15 -75.67 -6.34
CA ALA A 183 0.13 -75.47 -7.37
C ALA A 183 -1.23 -76.06 -7.01
N ASP A 184 -1.21 -77.09 -6.16
CA ASP A 184 -2.44 -77.77 -5.76
C ASP A 184 -3.32 -76.93 -4.85
N ARG A 185 -2.71 -76.04 -4.08
CA ARG A 185 -3.44 -75.25 -3.10
C ARG A 185 -3.59 -73.76 -3.46
N ILE A 186 -3.22 -73.42 -4.70
CA ILE A 186 -3.30 -72.04 -5.19
C ILE A 186 -4.71 -71.47 -5.06
N ASP A 187 -5.72 -72.22 -5.51
CA ASP A 187 -7.11 -71.76 -5.49
C ASP A 187 -7.55 -71.38 -4.07
N ASP A 188 -7.05 -72.12 -3.09
CA ASP A 188 -7.34 -71.82 -1.69
C ASP A 188 -6.56 -70.59 -1.24
N PHE A 189 -5.33 -70.48 -1.75
CA PHE A 189 -4.46 -69.35 -1.42
C PHE A 189 -5.08 -68.04 -1.86
N VAL A 190 -5.59 -68.02 -3.09
CA VAL A 190 -6.19 -66.80 -3.64
C VAL A 190 -7.39 -66.36 -2.82
N ARG A 191 -8.26 -67.30 -2.44
CA ARG A 191 -9.48 -66.95 -1.71
C ARG A 191 -9.22 -66.47 -0.28
N GLU A 192 -8.12 -66.92 0.30
CA GLU A 192 -7.81 -66.56 1.69
C GLU A 192 -6.90 -65.34 1.80
N SER A 193 -6.23 -64.98 0.71
CA SER A 193 -5.16 -63.98 0.79
C SER A 193 -5.34 -62.78 -0.16
N VAL A 194 -6.40 -62.79 -0.96
CA VAL A 194 -6.59 -61.74 -1.96
C VAL A 194 -6.71 -60.36 -1.31
N SER A 195 -7.42 -60.29 -0.19
CA SER A 195 -7.62 -59.02 0.51
C SER A 195 -6.32 -58.56 1.13
N ARG A 196 -5.49 -59.50 1.56
CA ARG A 196 -4.21 -59.18 2.19
C ARG A 196 -3.21 -58.73 1.12
N LEU A 197 -3.33 -59.27 -0.08
CA LEU A 197 -2.46 -58.89 -1.18
C LEU A 197 -2.67 -57.42 -1.59
N PHE A 198 -3.93 -57.00 -1.64
CA PHE A 198 -4.25 -55.65 -2.08
C PHE A 198 -4.13 -54.61 -0.96
N SER A 199 -3.84 -55.08 0.25
CA SER A 199 -3.61 -54.16 1.36
C SER A 199 -2.25 -53.49 1.24
N GLU A 200 -1.40 -54.06 0.39
CA GLU A 200 -0.07 -53.53 0.15
C GLU A 200 0.08 -53.15 -1.32
N ALA A 201 -1.05 -53.01 -2.00
CA ALA A 201 -1.06 -52.71 -3.43
C ALA A 201 -0.81 -51.22 -3.69
N GLN A 202 -0.51 -50.88 -4.94
CA GLN A 202 -0.25 -49.49 -5.31
C GLN A 202 -1.52 -48.70 -5.61
N ASN A 203 -1.58 -47.48 -5.10
CA ASN A 203 -2.65 -46.56 -5.47
C ASN A 203 -2.33 -45.90 -6.81
N VAL A 204 -3.13 -46.21 -7.82
CA VAL A 204 -2.88 -45.71 -9.17
C VAL A 204 -4.10 -44.98 -9.71
N GLU A 205 -4.01 -44.55 -10.97
CA GLU A 205 -5.13 -43.90 -11.65
C GLU A 205 -6.13 -44.96 -12.13
N LYS A 206 -7.38 -44.55 -12.30
CA LYS A 206 -8.45 -45.47 -12.68
C LYS A 206 -8.19 -46.16 -14.02
N ARG A 207 -7.73 -45.39 -15.01
CA ARG A 207 -7.54 -45.92 -16.36
C ARG A 207 -6.45 -46.98 -16.40
N GLU A 208 -5.46 -46.85 -15.53
CA GLU A 208 -4.40 -47.84 -15.43
C GLU A 208 -4.97 -49.15 -14.90
N ALA A 209 -5.78 -49.04 -13.87
CA ALA A 209 -6.40 -50.21 -13.26
C ALA A 209 -7.35 -50.88 -14.24
N VAL A 210 -8.12 -50.06 -14.97
CA VAL A 210 -9.08 -50.56 -15.94
C VAL A 210 -8.42 -51.40 -17.04
N ARG A 211 -7.30 -50.92 -17.58
CA ARG A 211 -6.64 -51.62 -18.68
C ARG A 211 -6.04 -52.96 -18.21
N VAL A 212 -5.45 -52.98 -17.02
CA VAL A 212 -4.85 -54.19 -16.48
C VAL A 212 -5.92 -55.25 -16.26
N VAL A 213 -7.09 -54.81 -15.77
CA VAL A 213 -8.22 -55.71 -15.58
C VAL A 213 -8.61 -56.35 -16.89
N ASN A 214 -8.75 -55.54 -17.93
CA ASN A 214 -9.08 -56.03 -19.25
C ASN A 214 -7.97 -56.89 -19.88
N GLU A 215 -6.71 -56.59 -19.56
CA GLU A 215 -5.60 -57.39 -20.06
C GLU A 215 -5.71 -58.82 -19.54
N ILE A 216 -6.00 -58.93 -18.25
CA ILE A 216 -6.08 -60.21 -17.57
C ILE A 216 -7.30 -60.98 -18.06
N LEU A 217 -8.43 -60.30 -18.19
CA LEU A 217 -9.66 -60.94 -18.63
C LEU A 217 -9.62 -61.33 -20.12
N SER A 218 -8.84 -60.61 -20.90
CA SER A 218 -8.75 -60.87 -22.33
C SER A 218 -8.04 -62.19 -22.63
N LEU A 219 -7.19 -62.62 -21.70
CA LEU A 219 -6.42 -63.85 -21.88
C LEU A 219 -7.34 -65.08 -21.79
N VAL A 220 -8.56 -64.87 -21.33
CA VAL A 220 -9.58 -65.91 -21.29
C VAL A 220 -10.57 -65.78 -22.45
N ALA B 2 -15.54 -25.24 -45.23
CA ALA B 2 -14.38 -24.35 -45.33
C ALA B 2 -13.35 -24.66 -44.26
N MET B 3 -13.56 -24.10 -43.09
CA MET B 3 -12.68 -24.31 -41.96
C MET B 3 -12.79 -25.75 -41.46
N LEU B 4 -11.68 -26.29 -40.98
CA LEU B 4 -11.64 -27.66 -40.49
C LEU B 4 -11.57 -27.65 -38.98
N PRO B 5 -11.97 -28.75 -38.33
CA PRO B 5 -11.77 -28.81 -36.88
C PRO B 5 -10.28 -28.69 -36.56
N THR B 6 -9.96 -28.06 -35.43
CA THR B 6 -8.56 -27.85 -35.07
C THR B 6 -8.23 -28.45 -33.71
N LEU B 7 -7.17 -29.25 -33.68
CA LEU B 7 -6.64 -29.81 -32.45
C LEU B 7 -5.68 -28.77 -31.86
N ARG B 8 -5.99 -28.25 -30.68
CA ARG B 8 -5.17 -27.22 -30.05
C ARG B 8 -4.67 -27.67 -28.68
N THR B 9 -3.38 -27.52 -28.42
CA THR B 9 -2.84 -27.95 -27.14
C THR B 9 -2.88 -26.83 -26.12
N GLY B 10 -2.74 -25.59 -26.57
CA GLY B 10 -2.58 -24.48 -25.66
C GLY B 10 -1.18 -24.53 -25.10
N LEU B 11 -0.90 -23.72 -24.07
CA LEU B 11 0.43 -23.75 -23.46
C LEU B 11 0.60 -25.06 -22.70
N VAL B 12 1.70 -25.77 -22.98
CA VAL B 12 1.98 -27.01 -22.31
C VAL B 12 3.49 -27.24 -22.26
N ILE B 13 3.95 -27.80 -21.14
CA ILE B 13 5.34 -28.19 -21.01
C ILE B 13 5.64 -29.27 -22.04
N ALA B 14 6.77 -29.14 -22.74
CA ALA B 14 7.11 -30.02 -23.84
C ALA B 14 7.09 -31.49 -23.44
N ALA B 15 7.38 -31.77 -22.16
CA ALA B 15 7.40 -33.14 -21.69
C ALA B 15 6.01 -33.78 -21.68
N GLY B 16 4.98 -32.96 -21.67
CA GLY B 16 3.62 -33.47 -21.56
C GLY B 16 2.68 -33.10 -22.69
N TYR B 17 3.22 -32.77 -23.86
CA TYR B 17 2.39 -32.37 -24.99
C TYR B 17 1.59 -33.56 -25.50
N ALA B 18 2.17 -34.74 -25.39
CA ALA B 18 1.60 -35.95 -25.95
C ALA B 18 0.26 -36.29 -25.30
N ASP B 19 0.23 -36.23 -23.97
CA ASP B 19 -1.00 -36.54 -23.25
C ASP B 19 -2.04 -35.45 -23.50
N LYS B 20 -1.57 -34.25 -23.85
CA LYS B 20 -2.47 -33.16 -24.18
C LYS B 20 -3.13 -33.37 -25.53
N VAL B 21 -2.33 -33.76 -26.52
CA VAL B 21 -2.84 -34.07 -27.85
C VAL B 21 -3.83 -35.21 -27.77
N ARG B 22 -3.52 -36.19 -26.94
CA ARG B 22 -4.38 -37.35 -26.77
C ARG B 22 -5.72 -36.99 -26.13
N ARG B 23 -5.67 -36.16 -25.10
CA ARG B 23 -6.87 -35.79 -24.35
C ARG B 23 -7.77 -34.85 -25.15
N VAL B 24 -7.16 -33.93 -25.89
CA VAL B 24 -7.92 -32.99 -26.70
C VAL B 24 -8.62 -33.72 -27.85
N LEU B 25 -7.89 -34.60 -28.52
CA LEU B 25 -8.43 -35.33 -29.66
C LEU B 25 -9.57 -36.26 -29.24
N PHE B 26 -9.44 -36.92 -28.09
CA PHE B 26 -10.51 -37.77 -27.59
C PHE B 26 -11.73 -36.93 -27.19
N ALA B 27 -11.49 -35.76 -26.64
CA ALA B 27 -12.57 -34.87 -26.24
C ALA B 27 -13.35 -34.36 -27.44
N GLN B 28 -12.65 -34.06 -28.53
CA GLN B 28 -13.28 -33.52 -29.73
C GLN B 28 -14.00 -34.61 -30.52
N LEU B 29 -13.50 -35.84 -30.43
CA LEU B 29 -14.05 -36.94 -31.20
C LEU B 29 -14.86 -37.90 -30.32
N ARG B 30 -15.29 -37.40 -29.17
CA ARG B 30 -16.11 -38.19 -28.25
C ARG B 30 -17.36 -38.68 -28.95
N ASP B 31 -17.97 -37.78 -29.71
CA ASP B 31 -19.21 -38.07 -30.41
C ASP B 31 -19.04 -39.06 -31.55
N ALA B 32 -17.94 -38.95 -32.28
CA ALA B 32 -17.67 -39.83 -33.42
C ALA B 32 -17.49 -41.27 -32.98
N ILE B 33 -16.88 -41.45 -31.81
CA ILE B 33 -16.67 -42.78 -31.25
C ILE B 33 -17.99 -43.39 -30.81
N LYS B 34 -18.77 -42.58 -30.09
CA LYS B 34 -20.05 -43.00 -29.54
C LYS B 34 -21.07 -43.29 -30.64
N SER B 35 -20.97 -42.54 -31.74
CA SER B 35 -21.86 -42.74 -32.88
C SER B 35 -21.50 -44.03 -33.63
N GLY B 36 -20.23 -44.41 -33.55
CA GLY B 36 -19.76 -45.63 -34.20
C GLY B 36 -18.98 -45.34 -35.46
N GLU B 37 -18.77 -44.06 -35.74
CA GLU B 37 -17.98 -43.64 -36.90
C GLU B 37 -16.49 -43.92 -36.70
N LEU B 38 -16.06 -43.93 -35.44
CA LEU B 38 -14.68 -44.22 -35.10
C LEU B 38 -14.62 -45.15 -33.90
N SER B 39 -13.48 -45.80 -33.71
CA SER B 39 -13.25 -46.62 -32.52
C SER B 39 -12.25 -45.90 -31.62
N ASN B 40 -12.19 -46.32 -30.36
CA ASN B 40 -11.22 -45.77 -29.43
C ASN B 40 -9.79 -46.06 -29.92
N LYS B 41 -9.65 -47.19 -30.60
CA LYS B 41 -8.38 -47.61 -31.18
C LYS B 41 -7.95 -46.64 -32.28
N ASP B 42 -8.90 -46.21 -33.10
CA ASP B 42 -8.63 -45.29 -34.20
C ASP B 42 -8.09 -43.95 -33.71
N VAL B 43 -8.71 -43.42 -32.66
CA VAL B 43 -8.34 -42.12 -32.13
C VAL B 43 -6.99 -42.19 -31.43
N ALA B 44 -6.78 -43.24 -30.64
CA ALA B 44 -5.53 -43.41 -29.92
C ALA B 44 -4.36 -43.59 -30.88
N MET B 45 -4.59 -44.34 -31.95
CA MET B 45 -3.57 -44.58 -32.96
C MET B 45 -3.22 -43.30 -33.71
N ALA B 46 -4.22 -42.48 -33.97
CA ALA B 46 -4.04 -41.22 -34.70
C ALA B 46 -3.21 -40.22 -33.89
N ALA B 47 -3.55 -40.08 -32.61
CA ALA B 47 -2.84 -39.17 -31.73
C ALA B 47 -1.40 -39.62 -31.53
N GLY B 48 -1.22 -40.94 -31.44
CA GLY B 48 0.11 -41.52 -31.25
C GLY B 48 1.02 -41.28 -32.42
N ASN B 49 0.47 -41.42 -33.63
CA ASN B 49 1.24 -41.20 -34.84
C ASN B 49 1.61 -39.72 -34.98
N LEU B 50 0.69 -38.85 -34.60
CA LEU B 50 0.94 -37.41 -34.63
C LEU B 50 2.02 -37.03 -33.63
N ASN B 51 1.92 -37.57 -32.41
CA ASN B 51 2.89 -37.31 -31.36
C ASN B 51 4.27 -37.81 -31.74
N ARG B 52 4.32 -38.93 -32.47
CA ARG B 52 5.59 -39.48 -32.94
C ARG B 52 6.25 -38.49 -33.90
N VAL B 53 5.44 -37.93 -34.78
CA VAL B 53 5.91 -36.94 -35.75
C VAL B 53 6.33 -35.65 -35.07
N LEU B 54 5.51 -35.19 -34.12
CA LEU B 54 5.79 -33.95 -33.41
C LEU B 54 7.07 -34.05 -32.57
N PHE B 55 7.38 -35.26 -32.11
CA PHE B 55 8.58 -35.50 -31.33
C PHE B 55 9.81 -35.24 -32.19
N GLU B 56 9.74 -35.67 -33.45
CA GLU B 56 10.84 -35.50 -34.38
C GLU B 56 11.06 -34.01 -34.63
N LEU B 57 9.98 -33.28 -34.75
CA LEU B 57 10.03 -31.84 -35.01
C LEU B 57 10.64 -31.06 -33.86
N LEU B 58 10.21 -31.35 -32.64
CA LEU B 58 10.62 -30.58 -31.47
C LEU B 58 12.05 -30.85 -31.04
N VAL B 59 12.44 -32.11 -31.02
CA VAL B 59 13.76 -32.50 -30.51
C VAL B 59 14.83 -32.36 -31.58
N ASN B 60 14.50 -32.70 -32.83
CA ASN B 60 15.50 -32.66 -33.88
C ASN B 60 15.61 -31.30 -34.54
N LYS B 61 14.46 -30.81 -35.02
CA LYS B 61 14.41 -29.59 -35.83
C LYS B 61 14.39 -28.32 -34.99
N LEU B 62 13.60 -28.32 -33.93
CA LEU B 62 13.44 -27.13 -33.10
C LEU B 62 14.37 -27.12 -31.88
N LYS B 63 14.99 -28.26 -31.61
CA LYS B 63 15.92 -28.39 -30.47
C LYS B 63 15.27 -27.96 -29.17
N ALA B 64 14.05 -28.43 -28.94
CA ALA B 64 13.31 -28.07 -27.73
C ALA B 64 13.72 -28.93 -26.54
N ASP B 65 13.97 -28.27 -25.41
CA ASP B 65 14.23 -28.98 -24.16
C ASP B 65 12.91 -29.51 -23.63
N LYS B 66 12.95 -30.56 -22.83
CA LYS B 66 11.70 -31.16 -22.34
C LYS B 66 11.04 -30.26 -21.29
N LEU B 67 11.76 -29.24 -20.85
CA LEU B 67 11.24 -28.30 -19.87
C LEU B 67 10.84 -26.97 -20.52
N ASP B 68 10.88 -26.92 -21.85
CA ASP B 68 10.44 -25.73 -22.56
C ASP B 68 8.91 -25.75 -22.70
N VAL B 69 8.36 -24.67 -23.25
CA VAL B 69 6.91 -24.60 -23.42
C VAL B 69 6.56 -24.51 -24.89
N VAL B 70 5.64 -25.38 -25.33
CA VAL B 70 5.21 -25.38 -26.72
C VAL B 70 3.72 -25.17 -26.82
N ARG B 71 3.28 -24.70 -27.99
CA ARG B 71 1.86 -24.65 -28.30
C ARG B 71 1.66 -25.12 -29.72
N ILE B 72 0.88 -26.20 -29.84
CA ILE B 72 0.73 -26.88 -31.12
C ILE B 72 -0.73 -26.85 -31.55
N GLN B 73 -0.94 -26.60 -32.84
CA GLN B 73 -2.27 -26.73 -33.41
C GLN B 73 -2.18 -27.28 -34.83
N ILE B 74 -3.20 -28.03 -35.23
CA ILE B 74 -3.24 -28.62 -36.57
C ILE B 74 -4.69 -28.96 -36.92
N ASP B 75 -5.07 -28.69 -38.16
CA ASP B 75 -6.41 -29.01 -38.62
C ASP B 75 -6.48 -30.50 -38.98
N TYR B 76 -7.66 -31.08 -38.82
CA TYR B 76 -7.86 -32.47 -39.18
C TYR B 76 -9.28 -32.70 -39.69
N GLU B 77 -9.46 -33.72 -40.51
CA GLU B 77 -10.78 -34.11 -41.00
C GLU B 77 -10.93 -35.62 -40.86
N VAL B 78 -12.17 -36.08 -40.70
CA VAL B 78 -12.46 -37.51 -40.56
C VAL B 78 -13.09 -38.06 -41.84
N ARG B 79 -12.36 -38.97 -42.49
CA ARG B 79 -12.80 -39.53 -43.77
C ARG B 79 -12.92 -41.05 -43.67
N ASP B 80 -14.13 -41.56 -43.89
CA ASP B 80 -14.38 -43.00 -43.96
C ASP B 80 -13.80 -43.72 -42.73
N SER B 81 -14.26 -43.31 -41.55
CA SER B 81 -13.84 -43.95 -40.30
C SER B 81 -12.33 -43.90 -40.11
N GLN B 82 -11.72 -42.80 -40.54
CA GLN B 82 -10.28 -42.61 -40.42
C GLN B 82 -9.95 -41.13 -40.20
N ILE B 83 -8.97 -40.87 -39.35
CA ILE B 83 -8.57 -39.50 -39.02
C ILE B 83 -7.37 -39.10 -39.86
N GLN B 84 -7.49 -37.97 -40.55
CA GLN B 84 -6.43 -37.51 -41.44
C GLN B 84 -6.10 -36.05 -41.16
N PHE B 85 -4.83 -35.81 -40.82
CA PHE B 85 -4.33 -34.47 -40.51
C PHE B 85 -3.89 -33.66 -41.73
N ASP B 86 -4.13 -32.36 -41.68
CA ASP B 86 -3.65 -31.43 -42.69
C ASP B 86 -2.41 -30.71 -42.16
N PHE B 87 -1.23 -31.22 -42.53
CA PHE B 87 0.02 -30.70 -41.97
C PHE B 87 0.40 -29.34 -42.54
N SER B 88 -0.34 -28.86 -43.54
CA SER B 88 -0.14 -27.52 -44.05
C SER B 88 -0.66 -26.50 -43.04
N THR B 89 -1.52 -26.98 -42.14
CA THR B 89 -2.13 -26.12 -41.14
C THR B 89 -1.37 -26.25 -39.83
N LEU B 90 -0.32 -27.07 -39.82
CA LEU B 90 0.48 -27.28 -38.63
C LEU B 90 1.15 -25.99 -38.20
N ARG B 91 0.95 -25.60 -36.95
CA ARG B 91 1.59 -24.43 -36.39
C ARG B 91 2.23 -24.80 -35.06
N VAL B 92 3.48 -24.40 -34.87
CA VAL B 92 4.17 -24.69 -33.63
C VAL B 92 4.85 -23.44 -33.08
N GLU B 93 4.52 -23.11 -31.82
CA GLU B 93 5.14 -21.98 -31.13
C GLU B 93 6.04 -22.53 -30.03
N LEU B 94 7.16 -21.85 -29.78
CA LEU B 94 8.13 -22.33 -28.80
C LEU B 94 8.63 -21.23 -27.88
N TRP B 95 8.67 -21.55 -26.59
CA TRP B 95 9.25 -20.69 -25.57
C TRP B 95 10.38 -21.43 -24.89
N ARG B 96 11.57 -20.86 -24.88
CA ARG B 96 12.72 -21.54 -24.31
C ARG B 96 12.88 -21.12 -22.86
N ARG B 97 13.12 -22.07 -21.97
CA ARG B 97 13.15 -21.78 -20.55
C ARG B 97 14.36 -20.93 -20.22
N VAL B 98 14.15 -19.91 -19.40
CA VAL B 98 15.24 -19.12 -18.88
C VAL B 98 15.76 -19.82 -17.64
N PRO B 99 17.07 -20.14 -17.61
CA PRO B 99 17.69 -20.92 -16.53
C PRO B 99 17.38 -20.36 -15.15
N GLU B 100 17.16 -21.26 -14.19
CA GLU B 100 16.81 -20.88 -12.83
C GLU B 100 17.92 -20.05 -12.19
N GLU B 101 19.15 -20.34 -12.60
CA GLU B 101 20.33 -19.67 -12.06
C GLU B 101 20.36 -18.19 -12.43
N GLU B 102 19.52 -17.80 -13.38
CA GLU B 102 19.50 -16.44 -13.90
C GLU B 102 18.30 -15.67 -13.35
N ILE B 103 17.30 -16.39 -12.86
CA ILE B 103 16.05 -15.77 -12.43
C ILE B 103 15.89 -15.78 -10.91
N ALA B 104 16.30 -16.88 -10.28
CA ALA B 104 16.15 -17.04 -8.84
C ALA B 104 16.77 -15.92 -8.01
N PRO B 105 18.00 -15.49 -8.34
CA PRO B 105 18.56 -14.40 -7.53
C PRO B 105 17.80 -13.08 -7.66
N ILE B 106 17.27 -12.80 -8.84
CA ILE B 106 16.52 -11.58 -9.08
C ILE B 106 15.20 -11.59 -8.30
N VAL B 107 14.54 -12.75 -8.29
CA VAL B 107 13.29 -12.90 -7.56
C VAL B 107 13.57 -12.80 -6.07
N GLU B 108 14.65 -13.44 -5.63
CA GLU B 108 15.04 -13.43 -4.22
C GLU B 108 15.35 -12.02 -3.74
N ASP B 109 16.06 -11.26 -4.57
CA ASP B 109 16.43 -9.89 -4.21
C ASP B 109 15.18 -9.03 -4.14
N PHE B 110 14.30 -9.21 -5.11
CA PHE B 110 13.06 -8.44 -5.18
C PHE B 110 12.09 -8.79 -4.07
N ALA B 111 12.09 -10.04 -3.65
CA ALA B 111 11.16 -10.54 -2.64
C ALA B 111 11.36 -9.86 -1.30
N ARG B 112 12.56 -9.33 -1.08
CA ARG B 112 12.88 -8.67 0.18
C ARG B 112 12.26 -7.27 0.22
N ALA B 113 12.18 -6.63 -0.94
CA ALA B 113 11.69 -5.26 -1.03
C ALA B 113 10.21 -5.19 -1.39
N ALA B 114 9.63 -6.33 -1.74
CA ALA B 114 8.25 -6.38 -2.22
C ALA B 114 7.18 -5.96 -1.20
N PRO B 115 7.27 -6.44 0.06
CA PRO B 115 6.20 -6.05 0.98
C PRO B 115 6.14 -4.56 1.34
N ARG B 116 7.26 -3.85 1.24
CA ARG B 116 7.25 -2.40 1.46
C ARG B 116 6.59 -1.74 0.26
N LEU B 117 6.93 -2.23 -0.93
CA LEU B 117 6.36 -1.73 -2.17
C LEU B 117 4.85 -2.00 -2.20
N LEU B 118 4.44 -3.02 -1.45
CA LEU B 118 3.05 -3.47 -1.43
C LEU B 118 2.13 -2.42 -0.82
N GLU B 119 2.68 -1.53 -0.01
CA GLU B 119 1.90 -0.48 0.65
C GLU B 119 1.88 0.84 -0.08
N GLU B 120 2.94 1.15 -0.83
CA GLU B 120 3.08 2.45 -1.46
C GLU B 120 1.97 2.81 -2.42
N GLU B 121 1.63 4.09 -2.45
CA GLU B 121 0.65 4.61 -3.37
C GLU B 121 1.29 4.70 -4.76
N ILE B 122 0.49 4.36 -5.77
CA ILE B 122 0.92 4.30 -7.16
C ILE B 122 0.91 5.67 -7.80
N ARG B 123 2.00 6.41 -7.65
CA ARG B 123 2.12 7.74 -8.24
C ARG B 123 1.82 7.72 -9.73
N PHE B 124 0.76 8.41 -10.14
CA PHE B 124 0.40 8.54 -11.54
C PHE B 124 0.60 9.96 -12.05
N THR B 125 0.69 10.10 -13.36
CA THR B 125 0.67 11.40 -14.01
C THR B 125 -0.36 11.36 -15.13
N VAL B 126 -0.80 12.52 -15.60
CA VAL B 126 -1.80 12.57 -16.66
C VAL B 126 -1.35 13.49 -17.78
N GLU B 127 -2.01 13.36 -18.93
CA GLU B 127 -1.79 14.23 -20.07
C GLU B 127 -3.11 14.47 -20.76
N LYS B 128 -3.41 15.74 -21.00
CA LYS B 128 -4.67 16.13 -21.62
C LYS B 128 -4.70 15.65 -23.06
N VAL B 129 -5.78 14.98 -23.43
CA VAL B 129 -5.93 14.42 -24.77
C VAL B 129 -6.85 15.29 -25.61
N GLY B 130 -7.95 15.75 -25.00
CA GLY B 130 -8.88 16.61 -25.70
C GLY B 130 -10.18 16.81 -24.95
N GLU B 131 -11.16 17.40 -25.63
CA GLU B 131 -12.48 17.58 -25.06
C GLU B 131 -13.47 16.83 -25.92
N THR B 132 -14.55 16.35 -25.30
CA THR B 132 -15.57 15.64 -26.05
C THR B 132 -16.50 16.64 -26.72
N ASP B 133 -17.43 16.13 -27.51
CA ASP B 133 -18.36 16.97 -28.26
C ASP B 133 -19.24 17.78 -27.32
N VAL B 134 -19.56 17.19 -26.17
CA VAL B 134 -20.45 17.82 -25.20
C VAL B 134 -19.67 18.48 -24.05
N GLY B 135 -18.35 18.51 -24.16
CA GLY B 135 -17.53 19.27 -23.25
C GLY B 135 -16.89 18.54 -22.08
N ASP B 136 -16.83 17.21 -22.14
CA ASP B 136 -16.07 16.46 -21.15
C ASP B 136 -14.59 16.56 -21.51
N VAL B 137 -13.73 16.52 -20.51
CA VAL B 137 -12.29 16.58 -20.76
C VAL B 137 -11.66 15.21 -20.50
N VAL B 138 -10.94 14.71 -21.49
CA VAL B 138 -10.33 13.38 -21.39
C VAL B 138 -8.81 13.45 -21.24
N TYR B 139 -8.29 12.74 -20.24
CA TYR B 139 -6.86 12.70 -20.00
C TYR B 139 -6.30 11.30 -20.20
N ARG B 140 -5.04 11.23 -20.60
CA ARG B 140 -4.34 9.95 -20.68
C ARG B 140 -3.53 9.78 -19.40
N ILE B 141 -3.70 8.64 -18.74
CA ILE B 141 -2.97 8.37 -17.50
C ILE B 141 -1.70 7.58 -17.77
N MET B 142 -0.58 8.01 -17.16
CA MET B 142 0.68 7.33 -17.39
C MET B 142 1.32 6.87 -16.08
N TYR B 143 2.09 5.79 -16.20
CA TYR B 143 2.86 5.26 -15.08
C TYR B 143 4.30 5.05 -15.52
N ARG B 144 5.21 5.82 -14.92
CA ARG B 144 6.62 5.84 -15.33
C ARG B 144 6.80 6.17 -16.80
N GLY B 145 6.01 7.13 -17.29
CA GLY B 145 6.14 7.63 -18.65
C GLY B 145 5.40 6.84 -19.71
N SER B 146 4.90 5.66 -19.34
CA SER B 146 4.17 4.84 -20.30
C SER B 146 2.66 4.95 -20.07
N ASP B 147 1.90 4.99 -21.16
CA ASP B 147 0.44 5.09 -21.06
C ASP B 147 -0.13 3.81 -20.47
N VAL B 148 -0.96 3.95 -19.43
CA VAL B 148 -1.51 2.81 -18.73
C VAL B 148 -3.02 2.90 -18.52
N GLY B 149 -3.60 4.06 -18.81
CA GLY B 149 -5.03 4.23 -18.65
C GLY B 149 -5.56 5.57 -19.12
N ALA B 150 -6.83 5.82 -18.85
CA ALA B 150 -7.48 7.04 -19.29
C ALA B 150 -8.45 7.56 -18.24
N LEU B 151 -8.80 8.83 -18.35
CA LEU B 151 -9.67 9.48 -17.38
C LEU B 151 -10.53 10.53 -18.06
N ILE B 152 -11.79 10.63 -17.65
CA ILE B 152 -12.72 11.60 -18.23
C ILE B 152 -13.35 12.46 -17.13
N VAL B 153 -13.40 13.77 -17.36
CA VAL B 153 -13.98 14.70 -16.39
C VAL B 153 -15.12 15.50 -16.98
N THR B 154 -16.26 15.50 -16.27
CA THR B 154 -17.45 16.24 -16.68
C THR B 154 -17.65 17.45 -15.78
N PRO B 155 -17.48 18.65 -16.36
CA PRO B 155 -17.61 19.90 -15.60
C PRO B 155 -19.05 20.20 -15.21
N LEU B 156 -19.26 20.67 -13.99
CA LEU B 156 -20.60 21.01 -13.53
C LEU B 156 -20.60 22.45 -13.00
N ASN B 157 -21.55 22.77 -12.13
CA ASN B 157 -21.57 24.07 -11.48
C ASN B 157 -20.85 24.03 -10.12
N GLY B 158 -19.55 24.32 -10.15
CA GLY B 158 -18.74 24.29 -8.94
C GLY B 158 -18.32 22.88 -8.58
N GLU B 159 -18.76 21.93 -9.40
CA GLU B 159 -18.51 20.52 -9.16
C GLU B 159 -18.01 19.83 -10.44
N ALA B 160 -17.41 18.65 -10.30
CA ALA B 160 -17.01 17.87 -11.46
C ALA B 160 -17.27 16.38 -11.23
N LEU B 161 -17.48 15.66 -12.32
CA LEU B 161 -17.57 14.20 -12.26
C LEU B 161 -16.30 13.60 -12.85
N VAL B 162 -15.66 12.71 -12.10
CA VAL B 162 -14.42 12.08 -12.55
C VAL B 162 -14.61 10.58 -12.69
N ARG B 163 -14.19 10.04 -13.83
CA ARG B 163 -14.23 8.62 -14.12
C ARG B 163 -12.94 8.18 -14.76
N GLY B 164 -12.50 6.96 -14.50
CA GLY B 164 -11.29 6.47 -15.12
C GLY B 164 -10.90 5.04 -14.78
N ALA B 165 -9.82 4.58 -15.41
CA ALA B 165 -9.30 3.25 -15.19
C ALA B 165 -7.86 3.16 -15.66
N VAL B 166 -7.06 2.35 -14.98
CA VAL B 166 -5.71 2.07 -15.44
C VAL B 166 -5.53 0.56 -15.57
N VAL B 167 -4.61 0.14 -16.43
CA VAL B 167 -4.37 -1.28 -16.67
C VAL B 167 -3.13 -1.73 -15.90
N GLU B 168 -2.13 -0.85 -15.86
CA GLU B 168 -0.88 -1.14 -15.19
C GLU B 168 -0.57 -0.02 -14.18
N PRO B 169 0.20 -0.32 -13.12
CA PRO B 169 0.83 -1.60 -12.79
C PRO B 169 -0.15 -2.64 -12.28
N THR B 170 -1.37 -2.22 -11.96
CA THR B 170 -2.43 -3.15 -11.61
C THR B 170 -3.78 -2.56 -12.04
N PRO B 171 -4.69 -3.41 -12.54
CA PRO B 171 -5.99 -2.92 -13.04
C PRO B 171 -6.81 -2.23 -11.97
N LEU B 172 -7.05 -0.93 -12.15
CA LEU B 172 -7.84 -0.17 -11.19
C LEU B 172 -9.00 0.52 -11.91
N LEU B 173 -10.14 0.59 -11.24
CA LEU B 173 -11.29 1.28 -11.79
C LEU B 173 -11.73 2.39 -10.85
N LEU B 174 -11.68 3.62 -11.37
CA LEU B 174 -12.13 4.78 -10.60
C LEU B 174 -13.62 4.95 -10.81
N LYS B 175 -14.40 4.63 -9.79
CA LYS B 175 -15.84 4.79 -9.88
C LYS B 175 -16.21 6.26 -10.03
N ARG B 176 -17.37 6.51 -10.62
CA ARG B 176 -17.89 7.86 -10.79
C ARG B 176 -17.87 8.65 -9.49
N THR B 177 -17.06 9.70 -9.45
CA THR B 177 -16.86 10.48 -8.24
C THR B 177 -17.14 11.95 -8.48
N ARG B 178 -17.90 12.56 -7.58
CA ARG B 178 -18.20 13.98 -7.65
C ARG B 178 -17.30 14.76 -6.71
N VAL B 179 -16.69 15.83 -7.21
CA VAL B 179 -15.73 16.62 -6.45
C VAL B 179 -16.01 18.12 -6.54
N GLN B 180 -15.51 18.88 -5.57
CA GLN B 180 -15.75 20.31 -5.51
C GLN B 180 -14.68 21.12 -6.25
N VAL B 181 -14.97 21.50 -7.49
CA VAL B 181 -14.02 22.25 -8.30
C VAL B 181 -14.74 23.09 -9.38
N GLU B 182 -14.31 24.33 -9.56
CA GLU B 182 -14.82 25.16 -10.65
C GLU B 182 -14.18 24.78 -11.99
N ALA B 183 -14.93 24.92 -13.08
CA ALA B 183 -14.51 24.45 -14.40
C ALA B 183 -13.16 25.00 -14.86
N ASP B 184 -12.81 26.20 -14.38
CA ASP B 184 -11.53 26.82 -14.73
C ASP B 184 -10.40 26.07 -14.04
N ARG B 185 -10.75 25.38 -12.95
CA ARG B 185 -9.80 24.70 -12.08
C ARG B 185 -9.70 23.20 -12.31
N ILE B 186 -10.45 22.69 -13.29
CA ILE B 186 -10.46 21.26 -13.59
C ILE B 186 -9.08 20.71 -13.98
N ASP B 187 -8.44 21.34 -14.96
CA ASP B 187 -7.16 20.88 -15.47
C ASP B 187 -6.14 20.83 -14.34
N ASP B 188 -6.24 21.78 -13.42
CA ASP B 188 -5.35 21.79 -12.27
C ASP B 188 -5.74 20.69 -11.27
N PHE B 189 -7.04 20.52 -11.05
CA PHE B 189 -7.51 19.51 -10.10
C PHE B 189 -7.15 18.08 -10.50
N VAL B 190 -7.39 17.76 -11.77
CA VAL B 190 -7.14 16.41 -12.28
C VAL B 190 -5.69 16.02 -12.12
N ARG B 191 -4.81 16.94 -12.48
CA ARG B 191 -3.39 16.70 -12.45
C ARG B 191 -2.87 16.57 -11.02
N GLU B 192 -3.60 17.17 -10.09
CA GLU B 192 -3.19 17.22 -8.69
C GLU B 192 -3.71 16.05 -7.85
N SER B 193 -4.74 15.39 -8.34
CA SER B 193 -5.46 14.45 -7.51
C SER B 193 -5.55 13.04 -8.09
N VAL B 194 -5.02 12.86 -9.30
CA VAL B 194 -5.15 11.58 -10.00
C VAL B 194 -4.54 10.42 -9.22
N SER B 195 -3.40 10.65 -8.58
CA SER B 195 -2.74 9.60 -7.82
C SER B 195 -3.54 9.30 -6.56
N ARG B 196 -4.15 10.34 -6.01
CA ARG B 196 -4.93 10.20 -4.78
C ARG B 196 -6.26 9.52 -5.05
N LEU B 197 -6.84 9.81 -6.21
CA LEU B 197 -8.12 9.26 -6.60
C LEU B 197 -8.05 7.74 -6.79
N PHE B 198 -6.96 7.28 -7.39
CA PHE B 198 -6.81 5.87 -7.69
C PHE B 198 -6.29 5.08 -6.49
N SER B 199 -5.98 5.78 -5.41
CA SER B 199 -5.57 5.11 -4.18
C SER B 199 -6.77 4.50 -3.47
N GLU B 200 -7.96 4.91 -3.88
CA GLU B 200 -9.20 4.39 -3.31
C GLU B 200 -10.04 3.73 -4.40
N ALA B 201 -9.40 3.42 -5.53
CA ALA B 201 -10.07 2.84 -6.69
C ALA B 201 -10.32 1.34 -6.55
N GLN B 202 -11.15 0.79 -7.43
CA GLN B 202 -11.48 -0.63 -7.39
C GLN B 202 -10.45 -1.51 -8.07
N ASN B 203 -10.09 -2.61 -7.41
CA ASN B 203 -9.27 -3.62 -8.04
C ASN B 203 -10.16 -4.50 -8.90
N VAL B 204 -9.99 -4.42 -10.21
CA VAL B 204 -10.84 -5.13 -11.15
C VAL B 204 -10.01 -6.01 -12.07
N GLU B 205 -10.66 -6.66 -13.03
CA GLU B 205 -9.94 -7.46 -14.02
C GLU B 205 -9.35 -6.56 -15.10
N LYS B 206 -8.29 -7.06 -15.74
CA LYS B 206 -7.59 -6.29 -16.76
C LYS B 206 -8.53 -5.94 -17.91
N ARG B 207 -9.36 -6.89 -18.32
CA ARG B 207 -10.24 -6.67 -19.46
C ARG B 207 -11.28 -5.59 -19.16
N GLU B 208 -11.68 -5.49 -17.89
CA GLU B 208 -12.62 -4.47 -17.46
C GLU B 208 -11.98 -3.10 -17.56
N ALA B 209 -10.75 -2.99 -17.07
CA ALA B 209 -10.03 -1.73 -17.10
C ALA B 209 -9.72 -1.34 -18.55
N VAL B 210 -9.31 -2.32 -19.35
CA VAL B 210 -8.98 -2.09 -20.75
C VAL B 210 -10.18 -1.54 -21.52
N ARG B 211 -11.36 -2.10 -21.27
CA ARG B 211 -12.57 -1.70 -21.99
C ARG B 211 -12.98 -0.27 -21.65
N VAL B 212 -12.87 0.07 -20.37
CA VAL B 212 -13.22 1.40 -19.88
C VAL B 212 -12.31 2.49 -20.46
N VAL B 213 -11.02 2.17 -20.59
CA VAL B 213 -10.05 3.10 -21.16
C VAL B 213 -10.45 3.57 -22.55
N ASN B 214 -10.83 2.60 -23.36
CA ASN B 214 -11.25 2.77 -24.74
C ASN B 214 -12.54 3.54 -24.91
N GLU B 215 -13.48 3.27 -24.00
CA GLU B 215 -14.76 3.94 -23.99
C GLU B 215 -14.46 5.42 -23.82
N ILE B 216 -13.53 5.70 -22.92
CA ILE B 216 -13.12 7.07 -22.63
C ILE B 216 -12.29 7.70 -23.76
N LEU B 217 -11.33 6.97 -24.30
CA LEU B 217 -10.46 7.49 -25.36
C LEU B 217 -11.16 7.62 -26.72
N SER B 218 -12.18 6.82 -26.96
CA SER B 218 -12.89 6.86 -28.24
C SER B 218 -13.69 8.16 -28.36
N LEU B 219 -14.05 8.74 -27.23
CA LEU B 219 -14.88 9.94 -27.20
C LEU B 219 -14.14 11.18 -27.71
N VAL B 220 -12.82 11.08 -27.80
CA VAL B 220 -12.00 12.15 -28.36
C VAL B 220 -11.62 11.84 -29.79
N LYS B 221 -11.43 10.54 -30.04
CA LYS B 221 -10.95 10.06 -31.33
C LYS B 221 -12.07 9.50 -32.20
N ALA C 2 2.75 -26.48 9.43
CA ALA C 2 1.38 -26.87 9.13
C ALA C 2 1.07 -26.71 7.64
N MET C 3 2.01 -26.11 6.91
CA MET C 3 1.93 -25.84 5.47
C MET C 3 0.82 -24.84 5.14
N LEU C 4 1.07 -24.01 4.13
CA LEU C 4 0.13 -22.96 3.74
C LEU C 4 -0.52 -23.22 2.39
N PRO C 5 -1.69 -22.62 2.15
CA PRO C 5 -2.25 -22.68 0.79
C PRO C 5 -1.30 -22.03 -0.20
N THR C 6 -1.27 -22.51 -1.43
CA THR C 6 -0.38 -21.96 -2.42
C THR C 6 -1.18 -21.46 -3.62
N LEU C 7 -0.94 -20.22 -4.01
CA LEU C 7 -1.56 -19.67 -5.20
C LEU C 7 -0.73 -20.07 -6.41
N ARG C 8 -1.32 -20.86 -7.31
CA ARG C 8 -0.62 -21.30 -8.51
C ARG C 8 -1.38 -20.87 -9.77
N THR C 9 -0.65 -20.24 -10.69
CA THR C 9 -1.24 -19.74 -11.92
C THR C 9 -1.17 -20.78 -13.02
N GLY C 10 -0.13 -21.61 -12.98
CA GLY C 10 0.15 -22.51 -14.07
C GLY C 10 0.76 -21.71 -15.21
N LEU C 11 0.86 -22.31 -16.39
CA LEU C 11 1.41 -21.62 -17.54
C LEU C 11 0.43 -20.54 -18.06
N VAL C 12 0.93 -19.32 -18.23
CA VAL C 12 0.11 -18.23 -18.75
C VAL C 12 0.97 -17.22 -19.51
N ILE C 13 0.42 -16.69 -20.59
CA ILE C 13 1.10 -15.64 -21.36
C ILE C 13 1.27 -14.43 -20.44
N ALA C 14 2.46 -13.85 -20.47
CA ALA C 14 2.84 -12.80 -19.53
C ALA C 14 1.85 -11.64 -19.47
N ALA C 15 1.19 -11.37 -20.60
CA ALA C 15 0.24 -10.28 -20.66
C ALA C 15 -1.02 -10.55 -19.85
N GLY C 16 -1.26 -11.81 -19.51
CA GLY C 16 -2.50 -12.18 -18.84
C GLY C 16 -2.30 -12.81 -17.46
N TYR C 17 -1.19 -12.50 -16.82
CA TYR C 17 -0.89 -13.04 -15.51
C TYR C 17 -1.79 -12.46 -14.43
N ALA C 18 -2.14 -11.18 -14.59
CA ALA C 18 -2.88 -10.46 -13.55
C ALA C 18 -4.28 -11.02 -13.34
N ASP C 19 -5.01 -11.21 -14.44
CA ASP C 19 -6.35 -11.76 -14.36
C ASP C 19 -6.31 -13.23 -13.99
N LYS C 20 -5.16 -13.86 -14.22
CA LYS C 20 -4.98 -15.26 -13.87
C LYS C 20 -4.83 -15.38 -12.36
N VAL C 21 -4.01 -14.51 -11.79
CA VAL C 21 -3.79 -14.46 -10.35
C VAL C 21 -5.07 -14.12 -9.59
N ARG C 22 -5.86 -13.20 -10.14
CA ARG C 22 -7.07 -12.75 -9.47
C ARG C 22 -8.10 -13.87 -9.44
N ARG C 23 -8.25 -14.58 -10.56
CA ARG C 23 -9.24 -15.65 -10.67
C ARG C 23 -8.88 -16.88 -9.84
N VAL C 24 -7.60 -17.21 -9.79
CA VAL C 24 -7.12 -18.34 -9.01
C VAL C 24 -7.33 -18.05 -7.52
N LEU C 25 -6.96 -16.83 -7.10
CA LEU C 25 -7.09 -16.44 -5.71
C LEU C 25 -8.57 -16.40 -5.27
N PHE C 26 -9.44 -15.91 -6.14
CA PHE C 26 -10.87 -15.88 -5.86
C PHE C 26 -11.47 -17.27 -5.78
N ALA C 27 -11.00 -18.18 -6.62
CA ALA C 27 -11.49 -19.56 -6.61
C ALA C 27 -11.10 -20.27 -5.33
N GLN C 28 -9.91 -19.98 -4.83
CA GLN C 28 -9.40 -20.61 -3.63
C GLN C 28 -10.05 -20.04 -2.36
N LEU C 29 -10.43 -18.77 -2.42
CA LEU C 29 -10.95 -18.10 -1.24
C LEU C 29 -12.46 -17.87 -1.32
N ARG C 30 -13.13 -18.63 -2.19
CA ARG C 30 -14.58 -18.50 -2.33
C ARG C 30 -15.30 -18.80 -1.02
N ASP C 31 -14.89 -19.89 -0.39
CA ASP C 31 -15.52 -20.37 0.82
C ASP C 31 -15.31 -19.36 1.94
N ALA C 32 -14.12 -18.77 1.97
CA ALA C 32 -13.78 -17.79 2.99
C ALA C 32 -14.66 -16.55 2.84
N ILE C 33 -15.00 -16.22 1.60
CA ILE C 33 -15.88 -15.09 1.31
C ILE C 33 -17.31 -15.37 1.74
N LYS C 34 -17.82 -16.54 1.38
CA LYS C 34 -19.19 -16.91 1.68
C LYS C 34 -19.41 -17.09 3.19
N SER C 35 -18.37 -17.55 3.88
CA SER C 35 -18.44 -17.72 5.32
C SER C 35 -18.46 -16.36 6.02
N GLY C 36 -17.84 -15.37 5.39
CA GLY C 36 -17.80 -14.03 5.94
C GLY C 36 -16.46 -13.71 6.58
N GLU C 37 -15.52 -14.66 6.46
CA GLU C 37 -14.19 -14.47 7.00
C GLU C 37 -13.45 -13.45 6.16
N LEU C 38 -13.85 -13.34 4.89
CA LEU C 38 -13.28 -12.34 3.99
C LEU C 38 -14.39 -11.71 3.15
N SER C 39 -14.12 -10.53 2.60
CA SER C 39 -15.04 -9.87 1.68
C SER C 39 -14.44 -9.92 0.28
N ASN C 40 -15.27 -9.66 -0.73
CA ASN C 40 -14.76 -9.60 -2.10
C ASN C 40 -13.71 -8.49 -2.22
N LYS C 41 -13.91 -7.43 -1.43
CA LYS C 41 -12.98 -6.31 -1.41
C LYS C 41 -11.62 -6.76 -0.89
N ASP C 42 -11.64 -7.57 0.16
CA ASP C 42 -10.41 -8.07 0.76
C ASP C 42 -9.60 -8.90 -0.22
N VAL C 43 -10.30 -9.76 -0.97
CA VAL C 43 -9.64 -10.64 -1.93
C VAL C 43 -9.15 -9.85 -3.14
N ALA C 44 -10.01 -8.94 -3.63
CA ALA C 44 -9.66 -8.12 -4.78
C ALA C 44 -8.47 -7.23 -4.49
N MET C 45 -8.43 -6.67 -3.28
CA MET C 45 -7.31 -5.84 -2.87
C MET C 45 -6.04 -6.68 -2.74
N ALA C 46 -6.19 -7.92 -2.29
CA ALA C 46 -5.05 -8.81 -2.12
C ALA C 46 -4.43 -9.17 -3.46
N ALA C 47 -5.27 -9.54 -4.41
CA ALA C 47 -4.81 -9.88 -5.73
C ALA C 47 -4.20 -8.67 -6.43
N GLY C 48 -4.81 -7.50 -6.21
CA GLY C 48 -4.36 -6.27 -6.82
C GLY C 48 -2.99 -5.86 -6.34
N ASN C 49 -2.77 -6.02 -5.04
CA ASN C 49 -1.50 -5.67 -4.44
C ASN C 49 -0.39 -6.61 -4.92
N LEU C 50 -0.72 -7.89 -5.08
CA LEU C 50 0.21 -8.87 -5.58
C LEU C 50 0.60 -8.59 -7.02
N ASN C 51 -0.40 -8.28 -7.85
CA ASN C 51 -0.18 -7.95 -9.24
C ASN C 51 0.67 -6.70 -9.43
N ARG C 52 0.50 -5.74 -8.52
CA ARG C 52 1.27 -4.50 -8.55
C ARG C 52 2.75 -4.82 -8.36
N VAL C 53 3.01 -5.72 -7.41
CA VAL C 53 4.36 -6.17 -7.10
C VAL C 53 4.96 -7.00 -8.24
N LEU C 54 4.17 -7.92 -8.78
CA LEU C 54 4.63 -8.79 -9.86
C LEU C 54 4.93 -8.00 -11.12
N PHE C 55 4.27 -6.85 -11.27
CA PHE C 55 4.47 -6.02 -12.45
C PHE C 55 5.91 -5.52 -12.52
N GLU C 56 6.43 -5.07 -11.38
CA GLU C 56 7.79 -4.58 -11.31
C GLU C 56 8.78 -5.71 -11.55
N LEU C 57 8.47 -6.87 -11.00
CA LEU C 57 9.33 -8.05 -11.14
C LEU C 57 9.37 -8.51 -12.59
N LEU C 58 8.21 -8.66 -13.20
CA LEU C 58 8.12 -9.23 -14.54
C LEU C 58 8.57 -8.26 -15.63
N VAL C 59 8.10 -7.02 -15.55
CA VAL C 59 8.33 -6.05 -16.61
C VAL C 59 9.68 -5.35 -16.46
N ASN C 60 10.02 -4.96 -15.24
CA ASN C 60 11.25 -4.20 -15.01
C ASN C 60 12.46 -5.08 -14.68
N LYS C 61 12.30 -5.97 -13.71
CA LYS C 61 13.43 -6.76 -13.20
C LYS C 61 13.80 -7.94 -14.09
N LEU C 62 12.80 -8.68 -14.56
CA LEU C 62 13.07 -9.87 -15.37
C LEU C 62 13.01 -9.54 -16.85
N LYS C 63 12.54 -8.33 -17.16
CA LYS C 63 12.43 -7.87 -18.54
C LYS C 63 11.62 -8.86 -19.37
N ALA C 64 10.48 -9.27 -18.84
CA ALA C 64 9.67 -10.25 -19.55
C ALA C 64 8.81 -9.57 -20.61
N ASP C 65 8.86 -10.10 -21.83
CA ASP C 65 7.98 -9.62 -22.88
C ASP C 65 6.60 -10.18 -22.63
N LYS C 66 5.58 -9.48 -23.10
CA LYS C 66 4.20 -9.89 -22.87
C LYS C 66 3.79 -11.09 -23.73
N LEU C 67 4.68 -11.54 -24.61
CA LEU C 67 4.46 -12.75 -25.40
C LEU C 67 5.22 -13.91 -24.82
N ASP C 68 5.86 -13.68 -23.68
CA ASP C 68 6.56 -14.74 -22.99
C ASP C 68 5.56 -15.55 -22.16
N VAL C 69 6.05 -16.63 -21.56
CA VAL C 69 5.20 -17.46 -20.72
C VAL C 69 5.77 -17.43 -19.32
N VAL C 70 4.92 -17.16 -18.33
CA VAL C 70 5.37 -17.15 -16.95
C VAL C 70 4.58 -18.16 -16.13
N ARG C 71 5.17 -18.60 -15.03
CA ARG C 71 4.46 -19.42 -14.06
C ARG C 71 4.82 -18.91 -12.68
N ILE C 72 3.82 -18.46 -11.95
CA ILE C 72 4.04 -17.81 -10.67
C ILE C 72 3.35 -18.59 -9.56
N GLN C 73 4.04 -18.77 -8.45
CA GLN C 73 3.39 -19.33 -7.27
C GLN C 73 3.92 -18.65 -6.02
N ILE C 74 3.06 -18.55 -5.01
CA ILE C 74 3.41 -17.91 -3.76
C ILE C 74 2.48 -18.39 -2.67
N ASP C 75 3.05 -18.68 -1.50
CA ASP C 75 2.24 -19.12 -0.37
C ASP C 75 1.56 -17.91 0.25
N TYR C 76 0.40 -18.13 0.84
CA TYR C 76 -0.32 -17.05 1.51
C TYR C 76 -1.05 -17.59 2.72
N GLU C 77 -1.33 -16.70 3.67
CA GLU C 77 -1.99 -17.09 4.90
C GLU C 77 -3.20 -16.22 5.19
N VAL C 78 -4.26 -16.82 5.70
CA VAL C 78 -5.43 -16.07 6.12
C VAL C 78 -5.59 -16.16 7.63
N ARG C 79 -5.34 -15.05 8.31
CA ARG C 79 -5.43 -15.00 9.76
C ARG C 79 -6.35 -13.88 10.20
N ASP C 80 -7.41 -14.22 10.91
CA ASP C 80 -8.31 -13.24 11.50
C ASP C 80 -8.79 -12.22 10.47
N SER C 81 -9.45 -12.71 9.43
CA SER C 81 -10.04 -11.87 8.39
C SER C 81 -9.00 -11.02 7.66
N GLN C 82 -7.81 -11.59 7.44
CA GLN C 82 -6.76 -10.86 6.75
C GLN C 82 -5.89 -11.79 5.88
N ILE C 83 -5.53 -11.32 4.69
CA ILE C 83 -4.72 -12.10 3.76
C ILE C 83 -3.24 -11.67 3.76
N GLN C 84 -2.35 -12.63 3.94
CA GLN C 84 -0.91 -12.39 3.99
C GLN C 84 -0.08 -13.26 3.05
N PHE C 85 0.66 -12.63 2.14
CA PHE C 85 1.55 -13.38 1.26
C PHE C 85 2.94 -13.56 1.90
N ASP C 86 3.53 -14.74 1.67
CA ASP C 86 4.89 -15.01 2.10
C ASP C 86 5.82 -14.90 0.90
N PHE C 87 6.46 -13.74 0.75
CA PHE C 87 7.26 -13.49 -0.44
C PHE C 87 8.57 -14.28 -0.45
N SER C 88 8.89 -14.93 0.66
CA SER C 88 10.04 -15.83 0.70
C SER C 88 9.72 -17.12 -0.06
N THR C 89 8.43 -17.35 -0.28
CA THR C 89 7.97 -18.54 -0.98
C THR C 89 7.65 -18.24 -2.45
N LEU C 90 7.83 -16.99 -2.85
CA LEU C 90 7.53 -16.58 -4.23
C LEU C 90 8.45 -17.28 -5.23
N ARG C 91 7.84 -17.90 -6.23
CA ARG C 91 8.59 -18.54 -7.31
C ARG C 91 8.05 -18.10 -8.66
N VAL C 92 8.96 -17.69 -9.53
CA VAL C 92 8.58 -17.23 -10.86
C VAL C 92 9.43 -17.92 -11.92
N GLU C 93 8.77 -18.56 -12.87
CA GLU C 93 9.47 -19.20 -13.98
C GLU C 93 9.17 -18.41 -15.24
N LEU C 94 10.15 -18.32 -16.13
CA LEU C 94 9.98 -17.52 -17.34
C LEU C 94 10.45 -18.28 -18.57
N TRP C 95 9.63 -18.25 -19.61
CA TRP C 95 10.00 -18.83 -20.89
C TRP C 95 9.96 -17.75 -21.95
N ARG C 96 11.07 -17.52 -22.64
CA ARG C 96 11.11 -16.44 -23.63
C ARG C 96 10.77 -16.97 -25.01
N ARG C 97 9.93 -16.23 -25.71
CA ARG C 97 9.38 -16.70 -26.98
C ARG C 97 10.41 -16.71 -28.10
N VAL C 98 10.42 -17.81 -28.85
CA VAL C 98 11.22 -17.92 -30.06
C VAL C 98 10.41 -17.40 -31.25
N PRO C 99 10.95 -16.41 -31.97
CA PRO C 99 10.28 -15.74 -33.07
C PRO C 99 9.73 -16.67 -34.16
N GLU C 100 8.56 -16.35 -34.70
CA GLU C 100 7.92 -17.18 -35.73
C GLU C 100 8.77 -17.26 -37.00
N GLU C 101 9.49 -16.18 -37.27
CA GLU C 101 10.30 -16.06 -38.47
C GLU C 101 11.43 -17.09 -38.48
N GLU C 102 11.68 -17.69 -37.31
CA GLU C 102 12.76 -18.65 -37.11
C GLU C 102 12.20 -20.08 -37.03
N ILE C 103 10.90 -20.21 -36.79
CA ILE C 103 10.28 -21.50 -36.57
C ILE C 103 9.40 -21.94 -37.75
N ALA C 104 8.67 -20.98 -38.33
CA ALA C 104 7.76 -21.27 -39.42
C ALA C 104 8.42 -21.97 -40.63
N PRO C 105 9.61 -21.50 -41.06
CA PRO C 105 10.20 -22.21 -42.20
C PRO C 105 10.58 -23.64 -41.86
N ILE C 106 10.99 -23.87 -40.61
CA ILE C 106 11.35 -25.21 -40.15
C ILE C 106 10.10 -26.10 -40.05
N VAL C 107 9.01 -25.54 -39.56
CA VAL C 107 7.76 -26.29 -39.47
C VAL C 107 7.18 -26.60 -40.85
N GLU C 108 7.23 -25.61 -41.75
CA GLU C 108 6.67 -25.80 -43.09
C GLU C 108 7.40 -26.87 -43.91
N ASP C 109 8.72 -26.88 -43.85
CA ASP C 109 9.49 -27.86 -44.62
C ASP C 109 9.23 -29.25 -44.03
N PHE C 110 9.16 -29.31 -42.70
CA PHE C 110 8.89 -30.56 -42.00
C PHE C 110 7.49 -31.01 -42.33
N ALA C 111 6.60 -30.06 -42.55
CA ALA C 111 5.20 -30.35 -42.87
C ALA C 111 5.10 -31.06 -44.22
N ARG C 112 6.10 -30.86 -45.07
CA ARG C 112 6.11 -31.50 -46.39
C ARG C 112 6.51 -32.96 -46.30
N ALA C 113 7.37 -33.30 -45.34
CA ALA C 113 7.84 -34.68 -45.20
C ALA C 113 6.99 -35.45 -44.20
N ALA C 114 6.10 -34.73 -43.53
CA ALA C 114 5.29 -35.29 -42.45
C ALA C 114 4.34 -36.42 -42.86
N PRO C 115 3.62 -36.27 -44.00
CA PRO C 115 2.70 -37.36 -44.31
C PRO C 115 3.39 -38.68 -44.61
N ARG C 116 4.65 -38.61 -45.03
CA ARG C 116 5.47 -39.78 -45.26
C ARG C 116 5.95 -40.41 -43.94
N LEU C 117 6.40 -39.54 -43.03
CA LEU C 117 6.91 -39.97 -41.73
C LEU C 117 5.79 -40.58 -40.88
N LEU C 118 4.56 -40.14 -41.12
CA LEU C 118 3.40 -40.54 -40.33
C LEU C 118 3.09 -42.03 -40.48
N GLU C 119 3.57 -42.62 -41.57
CA GLU C 119 3.30 -44.01 -41.89
C GLU C 119 4.38 -44.91 -41.28
N GLU C 120 5.57 -44.35 -41.18
CA GLU C 120 6.78 -45.06 -40.77
C GLU C 120 6.77 -45.65 -39.35
N GLU C 121 7.38 -46.83 -39.24
CA GLU C 121 7.55 -47.57 -37.99
C GLU C 121 8.71 -47.01 -37.15
N ILE C 122 8.55 -47.02 -35.83
CA ILE C 122 9.56 -46.47 -34.92
C ILE C 122 10.72 -47.44 -34.65
N ARG C 123 11.81 -47.32 -35.40
CA ARG C 123 13.00 -48.15 -35.17
C ARG C 123 13.56 -48.00 -33.74
N PHE C 124 13.56 -49.10 -32.97
CA PHE C 124 14.13 -49.11 -31.62
C PHE C 124 15.39 -49.96 -31.48
N THR C 125 16.15 -49.74 -30.39
CA THR C 125 17.26 -50.62 -30.03
C THR C 125 17.14 -51.06 -28.57
N VAL C 126 17.79 -52.16 -28.22
CA VAL C 126 17.72 -52.69 -26.86
C VAL C 126 19.10 -53.01 -26.30
N GLU C 127 19.16 -53.13 -24.98
CA GLU C 127 20.38 -53.52 -24.28
C GLU C 127 20.07 -54.32 -23.02
N LYS C 128 20.79 -55.42 -22.85
CA LYS C 128 20.61 -56.31 -21.70
C LYS C 128 20.93 -55.63 -20.37
N VAL C 129 20.00 -55.72 -19.43
CA VAL C 129 20.18 -55.11 -18.11
C VAL C 129 20.50 -56.16 -17.06
N GLY C 130 19.77 -57.28 -17.11
CA GLY C 130 19.98 -58.37 -16.18
C GLY C 130 18.85 -59.40 -16.25
N GLU C 131 18.86 -60.34 -15.31
CA GLU C 131 17.79 -61.34 -15.23
C GLU C 131 17.09 -61.31 -13.87
N THR C 132 15.82 -61.70 -13.87
CA THR C 132 15.05 -61.74 -12.62
C THR C 132 15.33 -63.02 -11.84
N ASP C 133 14.74 -63.11 -10.65
CA ASP C 133 14.94 -64.27 -9.78
C ASP C 133 14.39 -65.55 -10.39
N VAL C 134 13.30 -65.40 -11.15
CA VAL C 134 12.61 -66.55 -11.75
C VAL C 134 13.03 -66.76 -13.19
N GLY C 135 14.02 -65.99 -13.63
CA GLY C 135 14.64 -66.24 -14.91
C GLY C 135 14.11 -65.44 -16.10
N ASP C 136 13.40 -64.35 -15.81
CA ASP C 136 12.98 -63.45 -16.88
C ASP C 136 14.17 -62.61 -17.32
N VAL C 137 14.18 -62.23 -18.58
CA VAL C 137 15.24 -61.39 -19.11
C VAL C 137 14.72 -59.97 -19.34
N VAL C 138 15.41 -58.99 -18.77
CA VAL C 138 14.99 -57.60 -18.86
C VAL C 138 15.90 -56.79 -19.77
N TYR C 139 15.31 -56.06 -20.71
CA TYR C 139 16.09 -55.22 -21.60
C TYR C 139 15.75 -53.75 -21.41
N ARG C 140 16.71 -52.86 -21.66
CA ARG C 140 16.45 -51.43 -21.70
C ARG C 140 16.20 -51.05 -23.15
N ILE C 141 15.08 -50.37 -23.40
CA ILE C 141 14.75 -49.97 -24.75
C ILE C 141 15.26 -48.56 -24.99
N MET C 142 15.92 -48.35 -26.13
CA MET C 142 16.52 -47.06 -26.41
C MET C 142 15.99 -46.48 -27.72
N TYR C 143 15.84 -45.17 -27.75
CA TYR C 143 15.48 -44.46 -28.96
C TYR C 143 16.42 -43.29 -29.09
N ARG C 144 17.18 -43.24 -30.18
CA ARG C 144 18.21 -42.23 -30.40
C ARG C 144 19.31 -42.28 -29.34
N GLY C 145 19.66 -43.48 -28.91
CA GLY C 145 20.76 -43.68 -27.99
C GLY C 145 20.36 -43.39 -26.54
N SER C 146 19.17 -42.83 -26.38
CA SER C 146 18.66 -42.47 -25.06
C SER C 146 17.63 -43.47 -24.56
N ASP C 147 17.66 -43.75 -23.26
CA ASP C 147 16.73 -44.69 -22.66
C ASP C 147 15.31 -44.12 -22.70
N VAL C 148 14.37 -44.90 -23.23
CA VAL C 148 12.99 -44.44 -23.38
C VAL C 148 12.00 -45.47 -22.85
N GLY C 149 12.48 -46.67 -22.53
CA GLY C 149 11.59 -47.70 -22.02
C GLY C 149 12.29 -48.96 -21.57
N ALA C 150 11.50 -49.99 -21.28
CA ALA C 150 12.02 -51.26 -20.80
C ALA C 150 11.20 -52.42 -21.38
N LEU C 151 11.77 -53.61 -21.36
CA LEU C 151 11.11 -54.78 -21.92
C LEU C 151 11.51 -56.02 -21.12
N ILE C 152 10.55 -56.91 -20.89
CA ILE C 152 10.81 -58.13 -20.13
C ILE C 152 10.38 -59.37 -20.93
N VAL C 153 11.24 -60.38 -20.95
CA VAL C 153 10.96 -61.61 -21.68
C VAL C 153 10.94 -62.79 -20.73
N THR C 154 9.86 -63.54 -20.78
CA THR C 154 9.68 -64.72 -19.95
C THR C 154 9.82 -65.97 -20.80
N PRO C 155 10.92 -66.71 -20.60
CA PRO C 155 11.22 -67.91 -21.40
C PRO C 155 10.29 -69.06 -21.06
N LEU C 156 9.87 -69.79 -22.10
CA LEU C 156 9.00 -70.95 -21.94
C LEU C 156 9.71 -72.14 -22.59
N ASN C 157 8.94 -73.14 -23.02
CA ASN C 157 9.54 -74.25 -23.76
C ASN C 157 9.50 -73.98 -25.27
N GLY C 158 10.56 -73.35 -25.78
CA GLY C 158 10.63 -73.02 -27.19
C GLY C 158 9.86 -71.75 -27.51
N GLU C 159 9.25 -71.19 -26.46
CA GLU C 159 8.41 -70.01 -26.60
C GLU C 159 8.78 -68.97 -25.54
N ALA C 160 8.34 -67.73 -25.73
CA ALA C 160 8.55 -66.70 -24.74
C ALA C 160 7.35 -65.78 -24.60
N LEU C 161 7.22 -65.17 -23.43
CA LEU C 161 6.22 -64.10 -23.25
C LEU C 161 6.96 -62.78 -23.20
N VAL C 162 6.54 -61.83 -24.04
CA VAL C 162 7.19 -60.54 -24.10
C VAL C 162 6.22 -59.42 -23.70
N ARG C 163 6.69 -58.58 -22.79
CA ARG C 163 5.94 -57.42 -22.33
C ARG C 163 6.87 -56.23 -22.22
N GLY C 164 6.35 -55.03 -22.47
CA GLY C 164 7.18 -53.85 -22.38
C GLY C 164 6.43 -52.56 -22.64
N ALA C 165 7.15 -51.45 -22.54
CA ALA C 165 6.58 -50.13 -22.74
C ALA C 165 7.67 -49.11 -23.07
N VAL C 166 7.33 -48.14 -23.90
CA VAL C 166 8.23 -47.01 -24.17
C VAL C 166 7.52 -45.69 -23.91
N VAL C 167 8.31 -44.66 -23.63
CA VAL C 167 7.78 -43.34 -23.31
C VAL C 167 7.88 -42.40 -24.52
N GLU C 168 8.98 -42.51 -25.26
CA GLU C 168 9.23 -41.69 -26.43
C GLU C 168 9.50 -42.58 -27.64
N PRO C 169 9.25 -42.08 -28.86
CA PRO C 169 8.74 -40.76 -29.25
C PRO C 169 7.25 -40.60 -28.96
N THR C 170 6.58 -41.71 -28.66
CA THR C 170 5.19 -41.67 -28.24
C THR C 170 4.94 -42.83 -27.27
N PRO C 171 4.14 -42.59 -26.22
CA PRO C 171 3.91 -43.63 -25.22
C PRO C 171 3.25 -44.88 -25.81
N LEU C 172 3.99 -45.98 -25.80
CA LEU C 172 3.48 -47.24 -26.33
C LEU C 172 3.62 -48.33 -25.27
N LEU C 173 2.62 -49.19 -25.18
CA LEU C 173 2.66 -50.29 -24.24
C LEU C 173 2.47 -51.61 -24.99
N LEU C 174 3.47 -52.49 -24.89
CA LEU C 174 3.42 -53.79 -25.55
C LEU C 174 2.71 -54.82 -24.68
N LYS C 175 1.50 -55.19 -25.11
CA LYS C 175 0.70 -56.18 -24.39
C LYS C 175 1.38 -57.54 -24.37
N ARG C 176 1.00 -58.35 -23.39
CA ARG C 176 1.51 -59.71 -23.23
C ARG C 176 1.44 -60.49 -24.55
N THR C 177 2.61 -60.81 -25.10
CA THR C 177 2.70 -61.41 -26.42
C THR C 177 3.51 -62.70 -26.35
N ARG C 178 3.00 -63.77 -26.96
CA ARG C 178 3.71 -65.04 -27.00
C ARG C 178 4.39 -65.23 -28.36
N VAL C 179 5.67 -65.57 -28.34
CA VAL C 179 6.46 -65.72 -29.57
C VAL C 179 7.28 -67.00 -29.60
N GLN C 180 7.66 -67.44 -30.79
CA GLN C 180 8.46 -68.66 -30.98
C GLN C 180 9.96 -68.38 -30.97
N VAL C 181 10.62 -68.65 -29.85
CA VAL C 181 12.06 -68.40 -29.73
C VAL C 181 12.73 -69.32 -28.71
N GLU C 182 13.89 -69.85 -29.06
CA GLU C 182 14.68 -70.65 -28.12
C GLU C 182 15.42 -69.77 -27.12
N ALA C 183 15.55 -70.27 -25.89
CA ALA C 183 16.08 -69.48 -24.77
C ALA C 183 17.47 -68.89 -25.01
N ASP C 184 18.31 -69.59 -25.77
CA ASP C 184 19.64 -69.08 -26.06
C ASP C 184 19.56 -67.97 -27.09
N ARG C 185 18.47 -67.94 -27.87
CA ARG C 185 18.40 -67.02 -28.98
C ARG C 185 17.58 -65.78 -28.61
N ILE C 186 17.23 -65.69 -27.32
CA ILE C 186 16.41 -64.59 -26.81
C ILE C 186 17.03 -63.22 -27.10
N ASP C 187 18.29 -63.03 -26.73
CA ASP C 187 18.98 -61.75 -26.90
C ASP C 187 18.96 -61.34 -28.36
N ASP C 188 19.05 -62.34 -29.22
CA ASP C 188 19.04 -62.16 -30.65
C ASP C 188 17.65 -61.84 -31.21
N PHE C 189 16.65 -62.52 -30.69
CA PHE C 189 15.27 -62.34 -31.13
C PHE C 189 14.79 -60.92 -30.81
N VAL C 190 15.08 -60.49 -29.58
CA VAL C 190 14.66 -59.19 -29.09
C VAL C 190 15.21 -58.06 -29.93
N ARG C 191 16.49 -58.16 -30.27
CA ARG C 191 17.18 -57.14 -31.04
C ARG C 191 16.67 -57.07 -32.49
N GLU C 192 16.09 -58.16 -32.98
CA GLU C 192 15.56 -58.19 -34.35
C GLU C 192 14.09 -57.77 -34.42
N SER C 193 13.40 -57.85 -33.28
CA SER C 193 11.95 -57.78 -33.32
C SER C 193 11.33 -56.69 -32.45
N VAL C 194 12.16 -55.98 -31.68
CA VAL C 194 11.64 -55.01 -30.72
C VAL C 194 10.85 -53.91 -31.44
N SER C 195 11.34 -53.46 -32.58
CA SER C 195 10.69 -52.39 -33.33
C SER C 195 9.41 -52.91 -33.96
N ARG C 196 9.43 -54.16 -34.37
CA ARG C 196 8.30 -54.80 -35.02
C ARG C 196 7.19 -55.11 -34.03
N LEU C 197 7.57 -55.47 -32.80
CA LEU C 197 6.61 -55.77 -31.75
C LEU C 197 5.84 -54.52 -31.36
N PHE C 198 6.54 -53.39 -31.29
CA PHE C 198 5.93 -52.14 -30.86
C PHE C 198 5.15 -51.45 -31.98
N SER C 199 5.20 -52.03 -33.18
CA SER C 199 4.40 -51.50 -34.28
C SER C 199 2.93 -51.87 -34.07
N GLU C 200 2.69 -52.81 -33.17
CA GLU C 200 1.33 -53.23 -32.83
C GLU C 200 1.04 -52.98 -31.35
N ALA C 201 1.84 -52.14 -30.71
CA ALA C 201 1.68 -51.86 -29.29
C ALA C 201 0.53 -50.86 -29.08
N GLN C 202 0.05 -50.72 -27.85
CA GLN C 202 -1.04 -49.79 -27.57
C GLN C 202 -0.57 -48.36 -27.37
N ASN C 203 -1.31 -47.44 -27.98
CA ASN C 203 -1.07 -46.02 -27.74
C ASN C 203 -1.71 -45.64 -26.41
N VAL C 204 -0.88 -45.29 -25.43
CA VAL C 204 -1.38 -44.99 -24.10
C VAL C 204 -0.91 -43.62 -23.63
N GLU C 205 -1.27 -43.27 -22.40
CA GLU C 205 -0.79 -42.03 -21.79
C GLU C 205 0.62 -42.28 -21.26
N LYS C 206 1.40 -41.21 -21.12
CA LYS C 206 2.79 -41.31 -20.71
C LYS C 206 2.98 -41.98 -19.34
N ARG C 207 2.10 -41.63 -18.40
CA ARG C 207 2.20 -42.13 -17.03
C ARG C 207 1.95 -43.64 -16.94
N GLU C 208 1.12 -44.16 -17.86
CA GLU C 208 0.87 -45.60 -17.90
C GLU C 208 2.15 -46.31 -18.30
N ALA C 209 2.80 -45.77 -19.32
CA ALA C 209 4.05 -46.33 -19.82
C ALA C 209 5.16 -46.24 -18.78
N VAL C 210 5.24 -45.08 -18.12
CA VAL C 210 6.29 -44.85 -17.12
C VAL C 210 6.22 -45.88 -16.00
N ARG C 211 5.01 -46.17 -15.52
CA ARG C 211 4.84 -47.12 -14.43
C ARG C 211 5.21 -48.55 -14.83
N VAL C 212 4.84 -48.95 -16.03
CA VAL C 212 5.17 -50.28 -16.50
C VAL C 212 6.69 -50.42 -16.62
N VAL C 213 7.32 -49.37 -17.14
CA VAL C 213 8.78 -49.34 -17.27
C VAL C 213 9.46 -49.51 -15.91
N ASN C 214 9.01 -48.73 -14.93
CA ASN C 214 9.59 -48.81 -13.59
C ASN C 214 9.31 -50.16 -12.93
N GLU C 215 8.17 -50.76 -13.23
CA GLU C 215 7.83 -52.08 -12.71
C GLU C 215 8.81 -53.13 -13.22
N ILE C 216 9.12 -53.05 -14.52
CA ILE C 216 10.01 -54.01 -15.16
C ILE C 216 11.44 -53.84 -14.65
N LEU C 217 11.88 -52.60 -14.51
CA LEU C 217 13.24 -52.31 -14.06
C LEU C 217 13.46 -52.63 -12.57
N SER C 218 12.38 -52.59 -11.78
CA SER C 218 12.49 -52.88 -10.35
C SER C 218 12.78 -54.37 -10.13
N LEU C 219 12.33 -55.18 -11.09
CA LEU C 219 12.50 -56.63 -11.06
C LEU C 219 13.95 -57.04 -11.34
N VAL C 220 14.79 -56.08 -11.68
CA VAL C 220 16.18 -56.36 -12.03
C VAL C 220 17.14 -56.28 -10.86
N LYS C 221 18.12 -57.18 -10.87
CA LYS C 221 19.09 -57.32 -9.78
C LYS C 221 20.40 -56.63 -10.13
N ALA D 2 -4.83 -20.50 11.47
CA ALA D 2 -4.18 -20.60 10.16
C ALA D 2 -5.05 -21.38 9.18
N MET D 3 -5.28 -20.81 8.01
CA MET D 3 -6.07 -21.48 6.97
C MET D 3 -5.33 -22.69 6.41
N LEU D 4 -6.08 -23.71 5.99
CA LEU D 4 -5.49 -24.92 5.47
C LEU D 4 -5.69 -24.99 3.95
N PRO D 5 -4.81 -25.72 3.26
CA PRO D 5 -5.00 -26.00 1.83
C PRO D 5 -6.29 -26.75 1.58
N THR D 6 -6.91 -26.53 0.43
CA THR D 6 -8.17 -27.21 0.11
C THR D 6 -8.04 -28.01 -1.17
N LEU D 7 -8.42 -29.29 -1.08
CA LEU D 7 -8.49 -30.15 -2.25
C LEU D 7 -9.83 -29.95 -2.93
N ARG D 8 -9.82 -29.41 -4.14
CA ARG D 8 -11.05 -29.14 -4.90
C ARG D 8 -11.05 -29.84 -6.25
N THR D 9 -12.15 -30.51 -6.57
CA THR D 9 -12.25 -31.22 -7.83
C THR D 9 -12.83 -30.32 -8.91
N GLY D 10 -13.71 -29.41 -8.49
CA GLY D 10 -14.48 -28.64 -9.44
C GLY D 10 -15.57 -29.54 -9.98
N LEU D 11 -16.25 -29.13 -11.03
CA LEU D 11 -17.29 -29.96 -11.61
C LEU D 11 -16.67 -31.16 -12.32
N VAL D 12 -17.15 -32.36 -11.99
CA VAL D 12 -16.64 -33.57 -12.62
C VAL D 12 -17.70 -34.67 -12.68
N ILE D 13 -17.69 -35.41 -13.79
CA ILE D 13 -18.54 -36.59 -13.94
C ILE D 13 -18.16 -37.61 -12.88
N ALA D 14 -19.16 -38.17 -12.21
CA ALA D 14 -18.93 -39.07 -11.07
C ALA D 14 -18.00 -40.23 -11.41
N ALA D 15 -18.00 -40.66 -12.66
CA ALA D 15 -17.17 -41.79 -13.07
C ALA D 15 -15.68 -41.45 -13.03
N GLY D 16 -15.35 -40.16 -13.06
CA GLY D 16 -13.97 -39.75 -13.13
C GLY D 16 -13.49 -38.86 -11.99
N TYR D 17 -14.17 -38.93 -10.85
CA TYR D 17 -13.81 -38.09 -9.71
C TYR D 17 -12.47 -38.57 -9.14
N ALA D 18 -12.25 -39.87 -9.22
CA ALA D 18 -11.10 -40.48 -8.58
C ALA D 18 -9.79 -39.99 -9.19
N ASP D 19 -9.72 -39.99 -10.52
CA ASP D 19 -8.52 -39.52 -11.21
C ASP D 19 -8.40 -38.01 -11.10
N LYS D 20 -9.52 -37.33 -10.84
CA LYS D 20 -9.50 -35.88 -10.65
C LYS D 20 -8.90 -35.53 -9.29
N VAL D 21 -9.34 -36.24 -8.26
CA VAL D 21 -8.84 -36.06 -6.91
C VAL D 21 -7.34 -36.35 -6.82
N ARG D 22 -6.90 -37.39 -7.49
CA ARG D 22 -5.51 -37.81 -7.43
C ARG D 22 -4.60 -36.79 -8.12
N ARG D 23 -5.03 -36.32 -9.29
CA ARG D 23 -4.21 -35.39 -10.08
C ARG D 23 -4.13 -34.00 -9.45
N VAL D 24 -5.23 -33.53 -8.86
CA VAL D 24 -5.24 -32.23 -8.22
C VAL D 24 -4.33 -32.26 -7.00
N LEU D 25 -4.44 -33.33 -6.21
CA LEU D 25 -3.65 -33.46 -4.98
C LEU D 25 -2.15 -33.55 -5.30
N PHE D 26 -1.80 -34.23 -6.38
CA PHE D 26 -0.41 -34.32 -6.81
C PHE D 26 0.11 -32.96 -7.25
N ALA D 27 -0.75 -32.17 -7.88
CA ALA D 27 -0.36 -30.85 -8.36
C ALA D 27 -0.07 -29.90 -7.20
N GLN D 28 -0.86 -30.01 -6.13
CA GLN D 28 -0.73 -29.14 -4.98
C GLN D 28 0.48 -29.51 -4.12
N LEU D 29 0.83 -30.80 -4.13
CA LEU D 29 1.90 -31.29 -3.28
C LEU D 29 3.15 -31.58 -4.10
N ARG D 30 3.21 -30.98 -5.29
CA ARG D 30 4.35 -31.13 -6.18
C ARG D 30 5.63 -30.67 -5.50
N ASP D 31 5.56 -29.51 -4.87
CA ASP D 31 6.73 -28.94 -4.19
C ASP D 31 7.09 -29.77 -2.96
N ALA D 32 6.08 -30.24 -2.25
CA ALA D 32 6.29 -31.02 -1.04
C ALA D 32 7.04 -32.32 -1.33
N ILE D 33 6.74 -32.92 -2.48
CA ILE D 33 7.41 -34.15 -2.90
C ILE D 33 8.85 -33.87 -3.30
N LYS D 34 9.02 -32.83 -4.12
CA LYS D 34 10.32 -32.45 -4.64
C LYS D 34 11.23 -31.91 -3.52
N SER D 35 10.64 -31.27 -2.52
CA SER D 35 11.40 -30.78 -1.38
C SER D 35 11.87 -31.94 -0.52
N GLY D 36 11.11 -33.04 -0.56
CA GLY D 36 11.45 -34.24 0.18
C GLY D 36 10.63 -34.43 1.44
N GLU D 37 9.68 -33.52 1.67
CA GLU D 37 8.79 -33.60 2.82
C GLU D 37 7.80 -34.75 2.64
N LEU D 38 7.52 -35.08 1.38
CA LEU D 38 6.62 -36.17 1.04
C LEU D 38 7.20 -37.02 -0.08
N SER D 39 6.70 -38.24 -0.18
CA SER D 39 7.05 -39.13 -1.27
C SER D 39 5.86 -39.27 -2.20
N ASN D 40 6.09 -39.77 -3.41
CA ASN D 40 4.99 -40.02 -4.33
C ASN D 40 4.03 -41.06 -3.76
N LYS D 41 4.58 -42.02 -3.01
CA LYS D 41 3.76 -43.04 -2.39
C LYS D 41 2.83 -42.43 -1.34
N ASP D 42 3.34 -41.48 -0.56
CA ASP D 42 2.54 -40.83 0.48
C ASP D 42 1.33 -40.12 -0.10
N VAL D 43 1.54 -39.42 -1.22
CA VAL D 43 0.47 -38.66 -1.85
C VAL D 43 -0.56 -39.58 -2.53
N ALA D 44 -0.08 -40.58 -3.24
CA ALA D 44 -0.96 -41.51 -3.93
C ALA D 44 -1.80 -42.29 -2.92
N MET D 45 -1.16 -42.66 -1.83
CA MET D 45 -1.81 -43.38 -0.73
C MET D 45 -2.83 -42.50 -0.05
N ALA D 46 -2.52 -41.21 0.06
CA ALA D 46 -3.42 -40.26 0.69
C ALA D 46 -4.67 -40.08 -0.14
N ALA D 47 -4.47 -39.91 -1.45
CA ALA D 47 -5.57 -39.73 -2.39
C ALA D 47 -6.41 -41.00 -2.51
N GLY D 48 -5.75 -42.15 -2.44
CA GLY D 48 -6.43 -43.43 -2.55
C GLY D 48 -7.36 -43.64 -1.38
N ASN D 49 -6.90 -43.24 -0.20
CA ASN D 49 -7.72 -43.35 1.01
C ASN D 49 -8.92 -42.42 0.93
N LEU D 50 -8.71 -41.23 0.37
CA LEU D 50 -9.79 -40.26 0.19
C LEU D 50 -10.80 -40.78 -0.81
N ASN D 51 -10.31 -41.33 -1.92
CA ASN D 51 -11.16 -41.90 -2.95
C ASN D 51 -11.94 -43.10 -2.42
N ARG D 52 -11.31 -43.87 -1.53
CA ARG D 52 -11.93 -45.04 -0.91
C ARG D 52 -13.13 -44.59 -0.10
N VAL D 53 -12.96 -43.50 0.64
CA VAL D 53 -14.01 -42.93 1.46
C VAL D 53 -15.12 -42.33 0.59
N LEU D 54 -14.72 -41.59 -0.44
CA LEU D 54 -15.69 -40.94 -1.32
C LEU D 54 -16.53 -41.95 -2.10
N PHE D 55 -15.97 -43.12 -2.35
CA PHE D 55 -16.70 -44.15 -3.07
C PHE D 55 -17.92 -44.59 -2.28
N GLU D 56 -17.73 -44.77 -0.97
CA GLU D 56 -18.83 -45.18 -0.11
C GLU D 56 -19.91 -44.10 -0.04
N LEU D 57 -19.48 -42.84 0.04
CA LEU D 57 -20.41 -41.72 0.13
C LEU D 57 -21.21 -41.55 -1.17
N LEU D 58 -20.53 -41.55 -2.30
CA LEU D 58 -21.16 -41.24 -3.58
C LEU D 58 -22.02 -42.38 -4.11
N VAL D 59 -21.51 -43.60 -4.03
CA VAL D 59 -22.18 -44.76 -4.61
C VAL D 59 -23.24 -45.36 -3.69
N ASN D 60 -22.93 -45.44 -2.40
CA ASN D 60 -23.82 -46.09 -1.44
C ASN D 60 -24.82 -45.16 -0.77
N LYS D 61 -24.34 -44.05 -0.21
CA LYS D 61 -25.21 -43.16 0.55
C LYS D 61 -26.07 -42.30 -0.36
N LEU D 62 -25.45 -41.74 -1.40
CA LEU D 62 -26.14 -40.82 -2.28
C LEU D 62 -26.68 -41.48 -3.55
N LYS D 63 -26.25 -42.70 -3.82
CA LYS D 63 -26.68 -43.43 -5.00
C LYS D 63 -26.48 -42.62 -6.27
N ALA D 64 -25.28 -42.09 -6.43
CA ALA D 64 -24.99 -41.27 -7.60
C ALA D 64 -24.69 -42.17 -8.79
N ASP D 65 -25.32 -41.86 -9.92
CA ASP D 65 -25.04 -42.56 -11.16
C ASP D 65 -23.69 -42.09 -11.67
N LYS D 66 -22.98 -42.94 -12.43
CA LYS D 66 -21.65 -42.56 -12.87
C LYS D 66 -21.68 -41.48 -13.94
N LEU D 67 -22.88 -41.16 -14.44
CA LEU D 67 -23.01 -40.11 -15.43
C LEU D 67 -23.58 -38.83 -14.80
N ASP D 68 -23.71 -38.84 -13.48
CA ASP D 68 -24.12 -37.63 -12.77
C ASP D 68 -22.91 -36.72 -12.59
N VAL D 69 -23.13 -35.54 -12.03
CA VAL D 69 -22.03 -34.61 -11.81
C VAL D 69 -21.86 -34.31 -10.32
N VAL D 70 -20.63 -34.42 -9.84
CA VAL D 70 -20.35 -34.12 -8.43
C VAL D 70 -19.29 -33.04 -8.31
N ARG D 71 -19.28 -32.36 -7.17
CA ARG D 71 -18.19 -31.44 -6.87
C ARG D 71 -17.80 -31.63 -5.41
N ILE D 72 -16.53 -32.00 -5.22
CA ILE D 72 -16.03 -32.40 -3.92
C ILE D 72 -14.91 -31.47 -3.45
N GLN D 73 -14.93 -31.10 -2.18
CA GLN D 73 -13.79 -30.36 -1.62
C GLN D 73 -13.53 -30.78 -0.18
N ILE D 74 -12.27 -30.70 0.22
CA ILE D 74 -11.87 -31.07 1.58
C ILE D 74 -10.54 -30.41 1.95
N ASP D 75 -10.45 -29.90 3.19
CA ASP D 75 -9.22 -29.32 3.67
C ASP D 75 -8.29 -30.45 4.11
N TYR D 76 -6.98 -30.20 4.03
CA TYR D 76 -6.01 -31.19 4.45
C TYR D 76 -4.79 -30.51 5.06
N GLU D 77 -4.03 -31.26 5.87
CA GLU D 77 -2.86 -30.70 6.53
C GLU D 77 -1.62 -31.54 6.27
N VAL D 78 -0.51 -30.87 6.01
CA VAL D 78 0.77 -31.56 5.86
C VAL D 78 1.75 -31.10 6.93
N ARG D 79 1.97 -31.92 7.96
CA ARG D 79 2.95 -31.58 8.99
C ARG D 79 3.86 -32.77 9.30
N ASP D 80 5.16 -32.54 9.21
CA ASP D 80 6.17 -33.55 9.54
C ASP D 80 6.00 -34.84 8.74
N SER D 81 6.07 -34.69 7.42
CA SER D 81 6.05 -35.81 6.48
C SER D 81 4.79 -36.68 6.56
N GLN D 82 3.64 -36.05 6.78
CA GLN D 82 2.38 -36.78 6.85
C GLN D 82 1.22 -35.93 6.32
N ILE D 83 0.35 -36.56 5.52
CA ILE D 83 -0.81 -35.88 4.96
C ILE D 83 -2.07 -36.26 5.74
N GLN D 84 -2.79 -35.26 6.24
CA GLN D 84 -4.00 -35.51 7.02
C GLN D 84 -5.19 -34.70 6.54
N PHE D 85 -6.30 -35.39 6.25
CA PHE D 85 -7.53 -34.73 5.84
C PHE D 85 -8.38 -34.34 7.04
N ASP D 86 -9.02 -33.18 6.96
CA ASP D 86 -9.98 -32.76 7.97
C ASP D 86 -11.37 -33.02 7.43
N PHE D 87 -11.95 -34.15 7.81
CA PHE D 87 -13.22 -34.56 7.23
C PHE D 87 -14.39 -33.71 7.72
N SER D 88 -14.15 -32.84 8.70
CA SER D 88 -15.16 -31.89 9.13
C SER D 88 -15.33 -30.83 8.05
N THR D 89 -14.33 -30.74 7.17
CA THR D 89 -14.34 -29.75 6.09
C THR D 89 -14.80 -30.39 4.79
N LEU D 90 -15.14 -31.68 4.83
CA LEU D 90 -15.61 -32.39 3.63
C LEU D 90 -16.94 -31.82 3.17
N ARG D 91 -17.00 -31.42 1.90
CA ARG D 91 -18.23 -30.91 1.33
C ARG D 91 -18.47 -31.59 -0.02
N VAL D 92 -19.68 -32.07 -0.26
CA VAL D 92 -19.99 -32.76 -1.52
C VAL D 92 -21.27 -32.23 -2.16
N GLU D 93 -21.16 -31.82 -3.42
CA GLU D 93 -22.31 -31.36 -4.19
C GLU D 93 -22.66 -32.39 -5.26
N LEU D 94 -23.95 -32.55 -5.54
CA LEU D 94 -24.41 -33.56 -6.49
C LEU D 94 -25.44 -33.01 -7.47
N TRP D 95 -25.25 -33.34 -8.74
CA TRP D 95 -26.24 -33.00 -9.76
C TRP D 95 -26.72 -34.25 -10.47
N ARG D 96 -28.04 -34.49 -10.48
CA ARG D 96 -28.58 -35.71 -11.07
C ARG D 96 -28.97 -35.48 -12.53
N ARG D 97 -28.57 -36.42 -13.38
CA ARG D 97 -28.71 -36.26 -14.83
C ARG D 97 -30.16 -36.38 -15.29
N VAL D 98 -30.56 -35.47 -16.18
CA VAL D 98 -31.85 -35.55 -16.84
C VAL D 98 -31.74 -36.40 -18.11
N PRO D 99 -32.55 -37.47 -18.20
CA PRO D 99 -32.51 -38.43 -19.30
C PRO D 99 -32.62 -37.80 -20.69
N GLU D 100 -31.88 -38.34 -21.66
CA GLU D 100 -31.84 -37.80 -23.02
C GLU D 100 -33.23 -37.83 -23.68
N GLU D 101 -34.05 -38.80 -23.30
CA GLU D 101 -35.38 -38.94 -23.88
C GLU D 101 -36.27 -37.74 -23.56
N GLU D 102 -35.83 -36.94 -22.59
CA GLU D 102 -36.61 -35.80 -22.11
C GLU D 102 -36.06 -34.48 -22.66
N ILE D 103 -34.81 -34.51 -23.12
CA ILE D 103 -34.16 -33.28 -23.56
C ILE D 103 -33.98 -33.20 -25.07
N ALA D 104 -33.57 -34.30 -25.69
CA ALA D 104 -33.27 -34.33 -27.12
C ALA D 104 -34.44 -33.85 -28.00
N PRO D 105 -35.67 -34.34 -27.73
CA PRO D 105 -36.77 -33.84 -28.57
C PRO D 105 -37.05 -32.35 -28.37
N ILE D 106 -36.88 -31.85 -27.15
CA ILE D 106 -37.10 -30.44 -26.86
C ILE D 106 -36.06 -29.55 -27.53
N VAL D 107 -34.80 -29.98 -27.49
CA VAL D 107 -33.71 -29.25 -28.13
C VAL D 107 -33.88 -29.26 -29.65
N GLU D 108 -34.26 -30.41 -30.18
CA GLU D 108 -34.47 -30.58 -31.61
C GLU D 108 -35.61 -29.69 -32.10
N ASP D 109 -36.66 -29.61 -31.29
CA ASP D 109 -37.82 -28.79 -31.62
C ASP D 109 -37.42 -27.32 -31.65
N PHE D 110 -36.62 -26.95 -30.65
CA PHE D 110 -36.15 -25.59 -30.49
C PHE D 110 -35.14 -25.22 -31.59
N ALA D 111 -34.38 -26.21 -32.03
CA ALA D 111 -33.35 -26.00 -33.04
C ALA D 111 -33.94 -25.57 -34.38
N ARG D 112 -35.19 -25.92 -34.62
CA ARG D 112 -35.85 -25.57 -35.86
C ARG D 112 -36.26 -24.10 -35.86
N ALA D 113 -36.56 -23.57 -34.68
CA ALA D 113 -37.01 -22.19 -34.54
C ALA D 113 -35.85 -21.25 -34.23
N ALA D 114 -34.69 -21.83 -33.99
CA ALA D 114 -33.50 -21.08 -33.56
C ALA D 114 -32.95 -20.07 -34.58
N PRO D 115 -32.86 -20.43 -35.88
CA PRO D 115 -32.30 -19.44 -36.80
C PRO D 115 -33.14 -18.17 -36.95
N ARG D 116 -34.44 -18.25 -36.67
CA ARG D 116 -35.28 -17.05 -36.69
C ARG D 116 -34.99 -16.16 -35.49
N LEU D 117 -34.87 -16.79 -34.33
CA LEU D 117 -34.62 -16.09 -33.08
C LEU D 117 -33.24 -15.45 -33.06
N LEU D 118 -32.31 -16.04 -33.81
CA LEU D 118 -30.92 -15.61 -33.80
C LEU D 118 -30.75 -14.21 -34.39
N GLU D 119 -31.62 -13.83 -35.32
CA GLU D 119 -31.51 -12.52 -35.96
C GLU D 119 -32.41 -11.48 -35.28
N GLU D 120 -33.52 -11.92 -34.71
CA GLU D 120 -34.47 -10.95 -34.14
C GLU D 120 -33.82 -10.11 -33.06
N GLU D 121 -34.18 -8.84 -33.07
CA GLU D 121 -33.74 -7.90 -32.05
C GLU D 121 -34.59 -8.22 -30.82
N ILE D 122 -34.02 -8.05 -29.64
CA ILE D 122 -34.58 -8.59 -28.41
C ILE D 122 -35.81 -7.89 -27.81
N ARG D 123 -35.89 -6.58 -27.99
CA ARG D 123 -37.01 -5.76 -27.52
C ARG D 123 -36.99 -5.72 -25.98
N PHE D 124 -36.75 -4.53 -25.43
CA PHE D 124 -36.74 -4.32 -23.98
C PHE D 124 -37.83 -3.37 -23.47
N THR D 125 -38.06 -3.40 -22.17
CA THR D 125 -38.92 -2.43 -21.52
C THR D 125 -38.16 -1.79 -20.37
N VAL D 126 -38.57 -0.59 -19.97
CA VAL D 126 -37.89 0.13 -18.91
C VAL D 126 -38.84 0.70 -17.85
N GLU D 127 -38.29 1.05 -16.71
CA GLU D 127 -39.02 1.77 -15.68
C GLU D 127 -38.06 2.69 -14.96
N LYS D 128 -38.49 3.93 -14.77
CA LYS D 128 -37.67 4.92 -14.09
C LYS D 128 -37.43 4.48 -12.65
N VAL D 129 -36.20 4.55 -12.19
CA VAL D 129 -35.84 4.15 -10.84
C VAL D 129 -35.67 5.41 -9.99
N GLY D 130 -35.05 6.43 -10.57
CA GLY D 130 -34.89 7.70 -9.89
C GLY D 130 -33.96 8.67 -10.60
N GLU D 131 -33.67 9.79 -9.94
CA GLU D 131 -32.72 10.77 -10.47
C GLU D 131 -31.58 11.04 -9.51
N THR D 132 -30.41 11.36 -10.05
CA THR D 132 -29.27 11.72 -9.22
C THR D 132 -29.36 13.19 -8.83
N ASP D 133 -28.44 13.63 -7.99
CA ASP D 133 -28.41 15.02 -7.53
C ASP D 133 -28.11 15.96 -8.70
N VAL D 134 -27.34 15.48 -9.66
CA VAL D 134 -26.91 16.30 -10.80
C VAL D 134 -27.82 16.07 -12.01
N GLY D 135 -28.89 15.30 -11.81
CA GLY D 135 -29.94 15.20 -12.82
C GLY D 135 -29.87 14.05 -13.81
N ASP D 136 -29.09 13.02 -13.50
CA ASP D 136 -29.12 11.83 -14.34
C ASP D 136 -30.38 11.04 -14.04
N VAL D 137 -30.95 10.40 -15.04
CA VAL D 137 -32.13 9.57 -14.83
C VAL D 137 -31.79 8.09 -14.97
N VAL D 138 -32.13 7.29 -13.97
CA VAL D 138 -31.78 5.88 -13.97
C VAL D 138 -33.01 5.00 -14.22
N TYR D 139 -32.89 4.09 -15.18
CA TYR D 139 -33.98 3.18 -15.50
C TYR D 139 -33.60 1.72 -15.25
N ARG D 140 -34.60 0.89 -14.95
CA ARG D 140 -34.38 -0.55 -14.88
C ARG D 140 -34.79 -1.16 -16.21
N ILE D 141 -33.87 -1.90 -16.82
CA ILE D 141 -34.15 -2.52 -18.12
C ILE D 141 -34.59 -3.96 -17.93
N MET D 142 -35.64 -4.35 -18.65
CA MET D 142 -36.24 -5.66 -18.48
C MET D 142 -36.44 -6.50 -19.74
N TYR D 143 -36.46 -7.81 -19.54
CA TYR D 143 -36.79 -8.74 -20.61
C TYR D 143 -37.89 -9.68 -20.14
N ARG D 144 -39.06 -9.57 -20.79
CA ARG D 144 -40.24 -10.37 -20.44
C ARG D 144 -40.74 -10.22 -19.00
N GLY D 145 -40.76 -9.00 -18.49
CA GLY D 145 -41.31 -8.75 -17.16
C GLY D 145 -40.34 -8.98 -16.03
N SER D 146 -39.18 -9.54 -16.35
CA SER D 146 -38.14 -9.77 -15.35
C SER D 146 -37.01 -8.75 -15.51
N ASP D 147 -36.46 -8.28 -14.38
CA ASP D 147 -35.36 -7.31 -14.41
C ASP D 147 -34.07 -7.97 -14.95
N VAL D 148 -33.43 -7.33 -15.93
CA VAL D 148 -32.23 -7.90 -16.53
C VAL D 148 -31.09 -6.89 -16.65
N GLY D 149 -31.37 -5.62 -16.38
CA GLY D 149 -30.34 -4.60 -16.50
C GLY D 149 -30.74 -3.21 -16.02
N ALA D 150 -29.87 -2.23 -16.32
CA ALA D 150 -30.08 -0.87 -15.88
C ALA D 150 -29.63 0.12 -16.97
N LEU D 151 -30.11 1.35 -16.88
CA LEU D 151 -29.80 2.36 -17.87
C LEU D 151 -29.75 3.75 -17.24
N ILE D 152 -28.78 4.56 -17.66
CA ILE D 152 -28.65 5.91 -17.14
C ILE D 152 -28.58 6.92 -18.28
N VAL D 153 -29.36 7.99 -18.15
CA VAL D 153 -29.40 9.03 -19.16
C VAL D 153 -28.97 10.35 -18.54
N THR D 154 -27.98 10.99 -19.16
CA THR D 154 -27.50 12.27 -18.66
C THR D 154 -27.90 13.41 -19.59
N PRO D 155 -28.87 14.24 -19.16
CA PRO D 155 -29.23 15.36 -20.02
C PRO D 155 -28.11 16.39 -19.93
N LEU D 156 -27.72 16.98 -21.05
CA LEU D 156 -26.64 17.97 -21.04
C LEU D 156 -27.11 19.27 -21.67
N ASN D 157 -26.17 20.05 -22.19
CA ASN D 157 -26.54 21.29 -22.87
C ASN D 157 -27.41 21.00 -24.10
N GLY D 158 -28.71 20.88 -23.85
CA GLY D 158 -29.70 20.63 -24.90
C GLY D 158 -29.78 19.20 -25.41
N GLU D 159 -28.90 18.34 -24.94
CA GLU D 159 -28.80 16.96 -25.44
C GLU D 159 -28.70 15.96 -24.29
N ALA D 160 -28.81 14.67 -24.61
CA ALA D 160 -28.67 13.65 -23.58
C ALA D 160 -27.67 12.58 -23.96
N LEU D 161 -27.03 12.05 -22.91
CA LEU D 161 -26.08 10.95 -23.01
C LEU D 161 -26.65 9.67 -22.42
N VAL D 162 -26.56 8.58 -23.17
CA VAL D 162 -27.10 7.32 -22.70
C VAL D 162 -26.03 6.24 -22.50
N ARG D 163 -26.05 5.63 -21.32
CA ARG D 163 -25.22 4.46 -21.01
C ARG D 163 -26.03 3.43 -20.25
N GLY D 164 -25.71 2.17 -20.46
CA GLY D 164 -26.41 1.08 -19.79
C GLY D 164 -25.87 -0.29 -20.12
N ALA D 165 -26.46 -1.30 -19.50
CA ALA D 165 -26.06 -2.69 -19.70
C ALA D 165 -27.17 -3.64 -19.27
N VAL D 166 -27.26 -4.78 -19.95
CA VAL D 166 -28.17 -5.85 -19.54
C VAL D 166 -27.39 -7.15 -19.40
N VAL D 167 -27.91 -8.06 -18.58
CA VAL D 167 -27.25 -9.33 -18.31
C VAL D 167 -27.89 -10.46 -19.13
N GLU D 168 -29.22 -10.40 -19.24
CA GLU D 168 -29.98 -11.41 -19.97
C GLU D 168 -30.87 -10.75 -21.04
N PRO D 169 -31.23 -11.48 -22.11
CA PRO D 169 -30.92 -12.88 -22.44
C PRO D 169 -29.48 -13.09 -22.87
N THR D 170 -28.75 -12.01 -23.13
CA THR D 170 -27.31 -12.09 -23.39
C THR D 170 -26.64 -10.82 -22.88
N PRO D 171 -25.45 -10.96 -22.30
CA PRO D 171 -24.77 -9.79 -21.72
C PRO D 171 -24.47 -8.70 -22.75
N LEU D 172 -25.09 -7.54 -22.57
CA LEU D 172 -24.89 -6.43 -23.49
C LEU D 172 -24.48 -5.16 -22.76
N LEU D 173 -23.60 -4.39 -23.38
CA LEU D 173 -23.17 -3.11 -22.83
C LEU D 173 -23.45 -1.98 -23.80
N LEU D 174 -24.30 -1.05 -23.38
CA LEU D 174 -24.60 0.13 -24.20
C LEU D 174 -23.56 1.19 -23.91
N LYS D 175 -22.65 1.38 -24.85
CA LYS D 175 -21.59 2.39 -24.71
C LYS D 175 -22.19 3.79 -24.67
N ARG D 176 -21.43 4.70 -24.06
CA ARG D 176 -21.83 6.10 -23.96
C ARG D 176 -22.24 6.64 -25.32
N THR D 177 -23.53 6.95 -25.46
CA THR D 177 -24.10 7.35 -26.74
C THR D 177 -24.83 8.67 -26.67
N ARG D 178 -24.61 9.54 -27.65
CA ARG D 178 -25.30 10.82 -27.71
C ARG D 178 -26.47 10.72 -28.67
N VAL D 179 -27.63 11.23 -28.24
CA VAL D 179 -28.85 11.15 -29.02
C VAL D 179 -29.46 12.54 -29.09
N GLN D 180 -30.32 12.77 -30.07
CA GLN D 180 -30.91 14.10 -30.21
C GLN D 180 -32.17 14.16 -29.37
N VAL D 181 -32.00 14.69 -28.16
CA VAL D 181 -33.09 14.81 -27.19
C VAL D 181 -32.82 16.01 -26.29
N GLU D 182 -33.81 16.89 -26.17
CA GLU D 182 -33.77 17.98 -25.20
C GLU D 182 -34.24 17.40 -23.87
N ALA D 183 -33.79 17.98 -22.76
CA ALA D 183 -34.10 17.45 -21.43
C ALA D 183 -35.60 17.22 -21.21
N ASP D 184 -36.43 17.92 -22.00
CA ASP D 184 -37.88 17.81 -21.91
C ASP D 184 -38.40 16.47 -22.40
N ARG D 185 -37.61 15.82 -23.26
CA ARG D 185 -38.02 14.59 -23.96
C ARG D 185 -37.41 13.29 -23.42
N ILE D 186 -36.70 13.37 -22.29
CA ILE D 186 -35.99 12.20 -21.76
C ILE D 186 -36.81 10.95 -21.43
N ASP D 187 -37.81 11.08 -20.55
CA ASP D 187 -38.58 9.91 -20.11
C ASP D 187 -39.32 9.24 -21.26
N ASP D 188 -39.74 10.04 -22.22
CA ASP D 188 -40.46 9.55 -23.38
C ASP D 188 -39.53 8.81 -24.33
N PHE D 189 -38.34 9.38 -24.50
CA PHE D 189 -37.33 8.86 -25.41
C PHE D 189 -36.85 7.46 -25.02
N VAL D 190 -36.59 7.27 -23.73
CA VAL D 190 -36.08 6.01 -23.21
C VAL D 190 -37.02 4.85 -23.50
N ARG D 191 -38.31 5.08 -23.27
CA ARG D 191 -39.32 4.04 -23.44
C ARG D 191 -39.51 3.68 -24.91
N GLU D 192 -39.18 4.63 -25.78
CA GLU D 192 -39.36 4.49 -27.21
C GLU D 192 -38.14 3.92 -27.92
N SER D 193 -36.99 3.99 -27.25
CA SER D 193 -35.73 3.71 -27.93
C SER D 193 -34.85 2.65 -27.26
N VAL D 194 -35.26 2.15 -26.10
CA VAL D 194 -34.41 1.25 -25.33
C VAL D 194 -34.05 -0.04 -26.07
N SER D 195 -35.02 -0.61 -26.78
CA SER D 195 -34.80 -1.85 -27.50
C SER D 195 -33.91 -1.61 -28.70
N ARG D 196 -34.10 -0.43 -29.30
CA ARG D 196 -33.38 -0.04 -30.49
C ARG D 196 -31.93 0.35 -30.20
N LEU D 197 -31.70 0.92 -29.02
CA LEU D 197 -30.36 1.29 -28.61
C LEU D 197 -29.47 0.07 -28.42
N PHE D 198 -30.04 -0.99 -27.86
CA PHE D 198 -29.28 -2.19 -27.54
C PHE D 198 -29.06 -3.13 -28.73
N SER D 199 -29.62 -2.78 -29.89
CA SER D 199 -29.38 -3.54 -31.10
C SER D 199 -27.97 -3.28 -31.63
N GLU D 200 -27.36 -2.21 -31.12
CA GLU D 200 -26.01 -1.83 -31.52
C GLU D 200 -25.09 -1.88 -30.30
N ALA D 201 -25.52 -2.58 -29.27
CA ALA D 201 -24.75 -2.66 -28.04
C ALA D 201 -23.61 -3.67 -28.18
N GLN D 202 -22.66 -3.63 -27.25
CA GLN D 202 -21.52 -4.55 -27.28
C GLN D 202 -21.86 -5.88 -26.64
N ASN D 203 -21.49 -6.96 -27.29
CA ASN D 203 -21.58 -8.28 -26.67
C ASN D 203 -20.37 -8.47 -25.77
N VAL D 204 -20.60 -8.53 -24.46
CA VAL D 204 -19.51 -8.63 -23.50
C VAL D 204 -19.69 -9.82 -22.57
N GLU D 205 -18.80 -9.94 -21.59
CA GLU D 205 -18.90 -10.99 -20.58
C GLU D 205 -19.92 -10.59 -19.52
N LYS D 206 -20.48 -11.58 -18.83
CA LYS D 206 -21.54 -11.34 -17.86
C LYS D 206 -21.10 -10.41 -16.73
N ARG D 207 -19.90 -10.62 -16.20
CA ARG D 207 -19.44 -9.84 -15.07
C ARG D 207 -19.22 -8.37 -15.47
N GLU D 208 -18.89 -8.13 -16.73
CA GLU D 208 -18.73 -6.76 -17.21
C GLU D 208 -20.08 -6.05 -17.16
N ALA D 209 -21.12 -6.71 -17.64
CA ALA D 209 -22.45 -6.15 -17.65
C ALA D 209 -23.00 -5.97 -16.24
N VAL D 210 -22.76 -6.97 -15.39
CA VAL D 210 -23.22 -6.97 -14.01
C VAL D 210 -22.67 -5.77 -13.25
N ARG D 211 -21.40 -5.46 -13.48
CA ARG D 211 -20.72 -4.41 -12.75
C ARG D 211 -21.34 -3.05 -13.10
N VAL D 212 -21.62 -2.85 -14.39
CA VAL D 212 -22.22 -1.60 -14.87
C VAL D 212 -23.64 -1.43 -14.32
N VAL D 213 -24.41 -2.51 -14.30
CA VAL D 213 -25.76 -2.47 -13.75
C VAL D 213 -25.73 -2.01 -12.30
N ASN D 214 -24.84 -2.61 -11.52
CA ASN D 214 -24.68 -2.26 -10.12
C ASN D 214 -24.13 -0.84 -9.93
N GLU D 215 -23.26 -0.40 -10.84
CA GLU D 215 -22.73 0.97 -10.77
C GLU D 215 -23.85 1.98 -10.97
N ILE D 216 -24.69 1.72 -11.95
CA ILE D 216 -25.78 2.62 -12.30
C ILE D 216 -26.86 2.65 -11.22
N LEU D 217 -27.22 1.47 -10.70
CA LEU D 217 -28.24 1.39 -9.66
C LEU D 217 -27.76 1.96 -8.33
N SER D 218 -26.45 1.97 -8.13
CA SER D 218 -25.88 2.47 -6.87
C SER D 218 -26.03 3.99 -6.75
N LEU D 219 -26.14 4.67 -7.88
CA LEU D 219 -26.25 6.12 -7.91
C LEU D 219 -27.60 6.61 -7.39
N VAL D 220 -28.54 5.69 -7.23
CA VAL D 220 -29.85 6.01 -6.67
C VAL D 220 -29.92 5.67 -5.18
N MET E 3 28.45 34.06 0.68
CA MET E 3 27.82 33.82 1.97
C MET E 3 27.47 32.35 2.18
N LEU E 4 27.55 31.90 3.44
CA LEU E 4 27.30 30.51 3.78
C LEU E 4 26.00 30.31 4.56
N PRO E 5 25.43 29.10 4.48
CA PRO E 5 24.31 28.69 5.35
C PRO E 5 24.74 28.68 6.81
N THR E 6 23.81 28.95 7.73
CA THR E 6 24.15 28.95 9.15
C THR E 6 23.29 27.97 9.95
N LEU E 7 23.93 27.10 10.71
CA LEU E 7 23.22 26.21 11.63
C LEU E 7 22.97 26.95 12.93
N ARG E 8 21.71 27.16 13.27
CA ARG E 8 21.35 27.91 14.46
C ARG E 8 20.52 27.05 15.41
N THR E 9 20.89 27.07 16.70
CA THR E 9 20.19 26.25 17.67
C THR E 9 19.01 26.99 18.27
N GLY E 10 19.17 28.31 18.40
CA GLY E 10 18.20 29.10 19.14
C GLY E 10 18.41 28.83 20.62
N LEU E 11 17.48 29.29 21.46
CA LEU E 11 17.60 29.02 22.89
C LEU E 11 17.35 27.55 23.16
N VAL E 12 18.26 26.90 23.87
CA VAL E 12 18.11 25.49 24.20
C VAL E 12 18.84 25.17 25.50
N ILE E 13 18.25 24.30 26.31
CA ILE E 13 18.89 23.80 27.52
C ILE E 13 20.14 23.03 27.11
N ALA E 14 21.24 23.28 27.81
CA ALA E 14 22.54 22.70 27.45
C ALA E 14 22.49 21.18 27.38
N ALA E 15 21.60 20.56 28.16
CA ALA E 15 21.47 19.12 28.19
C ALA E 15 20.97 18.54 26.88
N GLY E 16 20.31 19.37 26.07
CA GLY E 16 19.70 18.89 24.84
C GLY E 16 20.20 19.54 23.56
N TYR E 17 21.43 20.05 23.59
CA TYR E 17 21.99 20.73 22.43
C TYR E 17 22.29 19.78 21.29
N ALA E 18 22.71 18.56 21.63
CA ALA E 18 23.16 17.59 20.63
C ALA E 18 22.02 17.18 19.71
N ASP E 19 20.87 16.84 20.30
CA ASP E 19 19.71 16.44 19.52
C ASP E 19 19.15 17.65 18.78
N LYS E 20 19.44 18.84 19.30
CA LYS E 20 18.98 20.08 18.69
C LYS E 20 19.80 20.40 17.44
N VAL E 21 21.11 20.26 17.56
CA VAL E 21 22.02 20.48 16.44
C VAL E 21 21.73 19.49 15.33
N ARG E 22 21.45 18.26 15.73
CA ARG E 22 21.18 17.18 14.79
C ARG E 22 19.89 17.40 14.00
N ARG E 23 18.84 17.82 14.70
CA ARG E 23 17.53 18.01 14.08
C ARG E 23 17.49 19.24 13.17
N VAL E 24 18.19 20.30 13.55
CA VAL E 24 18.23 21.51 12.73
C VAL E 24 18.95 21.22 11.42
N LEU E 25 20.09 20.53 11.52
CA LEU E 25 20.91 20.24 10.35
C LEU E 25 20.21 19.29 9.37
N PHE E 26 19.50 18.29 9.90
CA PHE E 26 18.76 17.37 9.05
C PHE E 26 17.63 18.09 8.35
N ALA E 27 17.02 19.05 9.05
CA ALA E 27 15.93 19.83 8.49
C ALA E 27 16.42 20.71 7.35
N GLN E 28 17.63 21.25 7.51
CA GLN E 28 18.19 22.16 6.52
C GLN E 28 18.73 21.41 5.30
N LEU E 29 19.19 20.18 5.51
CA LEU E 29 19.82 19.41 4.44
C LEU E 29 18.98 18.25 3.92
N ARG E 30 17.67 18.27 4.16
CA ARG E 30 16.79 17.21 3.67
C ARG E 30 16.86 17.12 2.15
N ASP E 31 16.82 18.28 1.51
CA ASP E 31 16.79 18.36 0.05
C ASP E 31 18.08 17.83 -0.53
N ALA E 32 19.20 18.11 0.13
CA ALA E 32 20.49 17.62 -0.32
C ALA E 32 20.52 16.09 -0.25
N ILE E 33 19.85 15.55 0.77
CA ILE E 33 19.74 14.11 0.96
C ILE E 33 18.83 13.45 -0.08
N LYS E 34 17.66 14.03 -0.32
CA LYS E 34 16.72 13.45 -1.28
C LYS E 34 17.22 13.49 -2.72
N SER E 35 17.98 14.53 -3.06
CA SER E 35 18.53 14.66 -4.41
C SER E 35 19.64 13.64 -4.63
N GLY E 36 20.30 13.25 -3.54
CA GLY E 36 21.37 12.27 -3.61
C GLY E 36 22.74 12.91 -3.50
N GLU E 37 22.77 14.21 -3.25
CA GLU E 37 24.03 14.93 -3.09
C GLU E 37 24.68 14.55 -1.76
N LEU E 38 23.86 14.18 -0.78
CA LEU E 38 24.35 13.73 0.52
C LEU E 38 23.56 12.51 1.01
N SER E 39 24.15 11.76 1.92
CA SER E 39 23.46 10.65 2.56
C SER E 39 23.13 11.00 4.01
N ASN E 40 22.23 10.25 4.62
CA ASN E 40 21.90 10.45 6.03
C ASN E 40 23.12 10.23 6.91
N LYS E 41 23.98 9.31 6.46
CA LYS E 41 25.22 9.00 7.16
C LYS E 41 26.14 10.21 7.14
N ASP E 42 26.20 10.91 6.01
CA ASP E 42 27.04 12.09 5.85
C ASP E 42 26.65 13.21 6.83
N VAL E 43 25.34 13.43 6.96
CA VAL E 43 24.82 14.48 7.82
C VAL E 43 24.98 14.14 9.30
N ALA E 44 24.69 12.89 9.63
CA ALA E 44 24.78 12.42 11.02
C ALA E 44 26.21 12.48 11.55
N MET E 45 27.17 12.11 10.71
CA MET E 45 28.58 12.20 11.10
C MET E 45 28.98 13.66 11.26
N ALA E 46 28.44 14.52 10.41
CA ALA E 46 28.76 15.94 10.44
C ALA E 46 28.21 16.59 11.71
N ALA E 47 26.96 16.28 12.03
CA ALA E 47 26.34 16.80 13.24
C ALA E 47 27.02 16.21 14.47
N GLY E 48 27.41 14.94 14.37
CA GLY E 48 28.06 14.24 15.46
C GLY E 48 29.42 14.83 15.78
N ASN E 49 30.16 15.18 14.73
CA ASN E 49 31.48 15.77 14.88
C ASN E 49 31.38 17.16 15.51
N LEU E 50 30.33 17.90 15.13
CA LEU E 50 30.10 19.22 15.70
C LEU E 50 29.76 19.14 17.19
N ASN E 51 28.88 18.20 17.52
CA ASN E 51 28.48 17.98 18.92
C ASN E 51 29.64 17.51 19.77
N ARG E 52 30.53 16.73 19.15
CA ARG E 52 31.74 16.24 19.80
C ARG E 52 32.61 17.43 20.19
N VAL E 53 32.73 18.38 19.27
CA VAL E 53 33.48 19.60 19.50
C VAL E 53 32.80 20.49 20.53
N LEU E 54 31.48 20.62 20.40
CA LEU E 54 30.71 21.46 21.30
C LEU E 54 30.72 20.94 22.74
N PHE E 55 30.87 19.63 22.91
CA PHE E 55 30.91 19.05 24.25
C PHE E 55 32.12 19.52 25.05
N GLU E 56 33.29 19.52 24.41
CA GLU E 56 34.51 19.95 25.06
C GLU E 56 34.43 21.42 25.40
N LEU E 57 33.87 22.20 24.49
CA LEU E 57 33.74 23.63 24.67
C LEU E 57 32.81 23.97 25.82
N LEU E 58 31.61 23.38 25.82
CA LEU E 58 30.58 23.73 26.79
C LEU E 58 30.85 23.16 28.19
N VAL E 59 31.21 21.88 28.25
CA VAL E 59 31.36 21.19 29.53
C VAL E 59 32.72 21.43 30.17
N ASN E 60 33.77 21.36 29.37
CA ASN E 60 35.13 21.50 29.89
C ASN E 60 35.62 22.94 29.91
N LYS E 61 35.52 23.61 28.76
CA LYS E 61 36.09 24.96 28.61
C LYS E 61 35.23 26.08 29.20
N LEU E 62 33.92 26.04 28.97
CA LEU E 62 33.04 27.08 29.47
C LEU E 62 32.40 26.72 30.81
N LYS E 63 32.53 25.45 31.19
CA LYS E 63 31.96 24.95 32.44
C LYS E 63 30.46 25.21 32.53
N ALA E 64 29.74 24.88 31.46
CA ALA E 64 28.31 25.09 31.42
C ALA E 64 27.59 23.95 32.11
N ASP E 65 26.66 24.27 33.00
CA ASP E 65 25.83 23.27 33.67
C ASP E 65 24.77 22.76 32.69
N LYS E 66 24.31 21.52 32.88
CA LYS E 66 23.36 20.92 31.97
C LYS E 66 21.96 21.50 32.11
N LEU E 67 21.74 22.31 33.13
CA LEU E 67 20.44 22.93 33.34
C LEU E 67 20.47 24.40 32.94
N ASP E 68 21.60 24.82 32.37
CA ASP E 68 21.73 26.17 31.84
C ASP E 68 21.16 26.27 30.43
N VAL E 69 21.17 27.48 29.87
CA VAL E 69 20.66 27.72 28.53
C VAL E 69 21.78 28.20 27.61
N VAL E 70 21.91 27.56 26.46
CA VAL E 70 22.92 27.94 25.48
C VAL E 70 22.29 28.30 24.13
N ARG E 71 23.01 29.07 23.33
CA ARG E 71 22.59 29.30 21.96
C ARG E 71 23.79 29.20 21.05
N ILE E 72 23.72 28.25 20.11
CA ILE E 72 24.86 27.92 19.27
C ILE E 72 24.55 28.18 17.80
N GLN E 73 25.51 28.76 17.11
CA GLN E 73 25.42 28.90 15.67
C GLN E 73 26.78 28.77 15.00
N ILE E 74 26.78 28.25 13.78
CA ILE E 74 28.02 28.09 13.02
C ILE E 74 27.69 27.96 11.54
N ASP E 75 28.48 28.60 10.69
CA ASP E 75 28.29 28.49 9.26
C ASP E 75 28.85 27.16 8.77
N TYR E 76 28.27 26.65 7.70
CA TYR E 76 28.76 25.42 7.09
C TYR E 76 28.57 25.55 5.60
N GLU E 77 29.34 24.80 4.84
CA GLU E 77 29.25 24.82 3.40
C GLU E 77 29.14 23.40 2.87
N VAL E 78 28.33 23.21 1.85
CA VAL E 78 28.23 21.91 1.21
C VAL E 78 28.87 22.03 -0.15
N ARG E 79 30.05 21.44 -0.29
CA ARG E 79 30.76 21.53 -1.55
C ARG E 79 31.15 20.13 -1.99
N ASP E 80 30.65 19.76 -3.16
CA ASP E 80 30.97 18.48 -3.78
C ASP E 80 30.66 17.29 -2.86
N SER E 81 29.40 17.19 -2.47
CA SER E 81 28.87 16.07 -1.68
C SER E 81 29.54 15.84 -0.32
N GLN E 82 29.92 16.92 0.35
CA GLN E 82 30.53 16.85 1.68
C GLN E 82 30.17 18.07 2.53
N ILE E 83 29.97 17.85 3.82
CA ILE E 83 29.64 18.93 4.74
C ILE E 83 30.89 19.45 5.44
N GLN E 84 31.12 20.76 5.35
CA GLN E 84 32.31 21.37 5.91
C GLN E 84 31.96 22.57 6.79
N PHE E 85 32.34 22.51 8.05
CA PHE E 85 32.09 23.60 8.97
C PHE E 85 33.20 24.66 8.89
N ASP E 86 32.80 25.92 8.99
CA ASP E 86 33.76 27.01 9.09
C ASP E 86 33.79 27.43 10.55
N PHE E 87 34.75 26.89 11.31
CA PHE E 87 34.77 27.08 12.75
C PHE E 87 35.18 28.51 13.12
N SER E 88 35.59 29.30 12.14
CA SER E 88 35.89 30.70 12.39
C SER E 88 34.60 31.48 12.65
N THR E 89 33.48 30.90 12.24
CA THR E 89 32.18 31.55 12.41
C THR E 89 31.45 31.02 13.62
N LEU E 90 32.06 30.07 14.34
CA LEU E 90 31.40 29.51 15.52
C LEU E 90 31.20 30.54 16.62
N ARG E 91 29.96 30.69 17.04
CA ARG E 91 29.60 31.58 18.14
C ARG E 91 28.71 30.83 19.12
N VAL E 92 29.02 30.95 20.40
CA VAL E 92 28.27 30.28 21.43
C VAL E 92 27.90 31.28 22.50
N GLU E 93 26.61 31.37 22.80
CA GLU E 93 26.13 32.26 23.85
C GLU E 93 25.70 31.40 25.03
N LEU E 94 25.91 31.92 26.24
CA LEU E 94 25.61 31.15 27.44
C LEU E 94 24.86 31.97 28.46
N TRP E 95 23.81 31.38 29.02
CA TRP E 95 23.05 31.99 30.10
C TRP E 95 23.08 31.06 31.30
N ARG E 96 23.54 31.56 32.45
CA ARG E 96 23.66 30.71 33.63
C ARG E 96 22.42 30.80 34.51
N ARG E 97 21.95 29.63 34.96
CA ARG E 97 20.69 29.53 35.68
C ARG E 97 20.79 30.11 37.09
N VAL E 98 19.78 30.86 37.48
CA VAL E 98 19.67 31.34 38.85
C VAL E 98 18.95 30.29 39.70
N PRO E 99 19.60 29.85 40.78
CA PRO E 99 19.10 28.80 41.69
C PRO E 99 17.68 29.10 42.18
N GLU E 100 16.86 28.06 42.33
CA GLU E 100 15.46 28.25 42.74
C GLU E 100 15.33 28.95 44.09
N GLU E 101 16.29 28.69 44.98
CA GLU E 101 16.30 29.28 46.31
C GLU E 101 16.49 30.80 46.26
N GLU E 102 16.87 31.30 45.09
CA GLU E 102 17.13 32.72 44.92
C GLU E 102 15.92 33.36 44.23
N ILE E 103 15.10 32.50 43.61
CA ILE E 103 13.95 32.96 42.83
C ILE E 103 12.61 32.58 43.46
N ALA E 104 12.50 31.39 44.02
CA ALA E 104 11.24 30.90 44.57
C ALA E 104 10.60 31.78 45.64
N PRO E 105 11.38 32.26 46.63
CA PRO E 105 10.74 33.12 47.64
C PRO E 105 10.23 34.46 47.11
N ILE E 106 10.94 35.03 46.14
CA ILE E 106 10.55 36.30 45.55
C ILE E 106 9.27 36.15 44.73
N VAL E 107 9.18 35.05 43.98
CA VAL E 107 8.00 34.75 43.20
C VAL E 107 6.84 34.45 44.14
N GLU E 108 7.14 33.69 45.20
CA GLU E 108 6.14 33.31 46.20
C GLU E 108 5.55 34.52 46.91
N ASP E 109 6.41 35.46 47.27
CA ASP E 109 5.99 36.67 47.97
C ASP E 109 5.13 37.51 47.04
N PHE E 110 5.55 37.58 45.79
CA PHE E 110 4.84 38.35 44.78
C PHE E 110 3.49 37.70 44.46
N ALA E 111 3.44 36.38 44.54
CA ALA E 111 2.25 35.63 44.16
C ALA E 111 1.06 35.97 45.05
N ARG E 112 1.35 36.41 46.27
CA ARG E 112 0.30 36.79 47.20
C ARG E 112 -0.21 38.19 46.86
N ALA E 113 0.68 39.00 46.28
CA ALA E 113 0.39 40.38 45.96
C ALA E 113 -0.10 40.60 44.54
N ALA E 114 -0.05 39.54 43.73
CA ALA E 114 -0.38 39.66 42.31
C ALA E 114 -1.84 40.06 42.02
N PRO E 115 -2.83 39.42 42.69
CA PRO E 115 -4.20 39.84 42.40
C PRO E 115 -4.48 41.25 42.89
N ARG E 116 -3.68 41.72 43.84
CA ARG E 116 -3.82 43.06 44.38
C ARG E 116 -3.39 44.09 43.32
N LEU E 117 -2.24 43.84 42.72
CA LEU E 117 -1.68 44.73 41.69
C LEU E 117 -2.41 44.69 40.35
N LEU E 118 -3.00 43.53 40.01
CA LEU E 118 -3.54 43.30 38.67
C LEU E 118 -4.74 44.15 38.25
N GLU E 119 -5.52 44.63 39.20
CA GLU E 119 -6.71 45.41 38.87
C GLU E 119 -6.41 46.92 38.85
N GLU E 120 -5.41 47.32 39.64
CA GLU E 120 -5.06 48.73 39.82
C GLU E 120 -4.68 49.46 38.54
N GLU E 121 -5.01 50.75 38.49
CA GLU E 121 -4.67 51.61 37.36
C GLU E 121 -3.18 51.98 37.35
N ILE E 122 -2.61 52.01 36.16
CA ILE E 122 -1.18 52.24 35.97
C ILE E 122 -0.80 53.71 35.99
N ARG E 123 -0.08 54.13 37.04
CA ARG E 123 0.46 55.47 37.14
C ARG E 123 1.34 55.86 35.96
N PHE E 124 0.92 56.84 35.16
CA PHE E 124 1.80 57.38 34.13
C PHE E 124 2.08 58.85 34.42
N THR E 125 3.19 59.35 33.90
CA THR E 125 3.50 60.77 33.95
C THR E 125 3.92 61.23 32.58
N VAL E 126 3.85 62.53 32.31
CA VAL E 126 4.22 63.03 30.99
C VAL E 126 5.17 64.23 31.06
N GLU E 127 5.86 64.48 29.95
CA GLU E 127 6.71 65.65 29.79
C GLU E 127 6.72 66.07 28.32
N LYS E 128 6.48 67.36 28.08
CA LYS E 128 6.41 67.88 26.72
C LYS E 128 7.77 67.79 26.01
N VAL E 129 7.75 67.27 24.79
CA VAL E 129 8.97 67.10 24.01
C VAL E 129 9.10 68.19 22.96
N GLY E 130 8.00 68.53 22.30
CA GLY E 130 8.00 69.57 21.31
C GLY E 130 6.72 69.60 20.50
N GLU E 131 6.72 70.38 19.43
CA GLU E 131 5.58 70.44 18.52
C GLU E 131 5.99 70.04 17.12
N THR E 132 5.03 69.48 16.37
CA THR E 132 5.27 69.07 15.00
C THR E 132 5.19 70.28 14.09
N ASP E 133 5.46 70.07 12.80
CA ASP E 133 5.45 71.15 11.81
C ASP E 133 4.07 71.76 11.69
N VAL E 134 3.03 70.93 11.85
CA VAL E 134 1.66 71.37 11.68
C VAL E 134 0.95 71.70 13.00
N GLY E 135 1.69 71.68 14.10
CA GLY E 135 1.16 72.14 15.37
C GLY E 135 0.59 71.08 16.30
N ASP E 136 0.95 69.82 16.09
CA ASP E 136 0.57 68.79 17.05
C ASP E 136 1.47 68.89 18.26
N VAL E 137 0.98 68.51 19.43
CA VAL E 137 1.80 68.56 20.63
C VAL E 137 2.23 67.16 21.00
N VAL E 138 3.54 66.98 21.15
CA VAL E 138 4.10 65.67 21.41
C VAL E 138 4.58 65.57 22.85
N TYR E 139 4.16 64.52 23.54
CA TYR E 139 4.56 64.31 24.92
C TYR E 139 5.37 63.04 25.06
N ARG E 140 6.27 63.01 26.04
CA ARG E 140 6.99 61.81 26.37
C ARG E 140 6.23 61.16 27.52
N ILE E 141 5.85 59.89 27.38
CA ILE E 141 5.14 59.23 28.46
C ILE E 141 6.12 58.44 29.30
N MET E 142 6.00 58.59 30.61
CA MET E 142 6.92 57.93 31.52
C MET E 142 6.18 57.08 32.55
N TYR E 143 6.85 56.04 32.99
CA TYR E 143 6.35 55.16 34.03
C TYR E 143 7.42 55.04 35.10
N ARG E 144 7.11 55.59 36.27
CA ARG E 144 8.04 55.70 37.39
C ARG E 144 9.32 56.43 36.98
N GLY E 145 9.18 57.49 36.19
CA GLY E 145 10.29 58.33 35.80
C GLY E 145 11.04 57.80 34.59
N SER E 146 10.69 56.58 34.17
CA SER E 146 11.34 55.95 33.04
C SER E 146 10.49 56.04 31.77
N ASP E 147 11.14 56.28 30.64
CA ASP E 147 10.42 56.40 29.37
C ASP E 147 9.84 55.05 28.94
N VAL E 148 8.55 55.04 28.66
CA VAL E 148 7.88 53.80 28.27
C VAL E 148 7.02 54.00 27.03
N GLY E 149 6.83 55.25 26.63
CA GLY E 149 6.02 55.55 25.47
C GLY E 149 5.97 57.00 25.05
N ALA E 150 5.07 57.30 24.13
CA ALA E 150 4.92 58.64 23.59
C ALA E 150 3.45 58.94 23.34
N LEU E 151 3.12 60.22 23.23
CA LEU E 151 1.73 60.63 23.04
C LEU E 151 1.69 61.89 22.18
N ILE E 152 0.73 61.95 21.26
CA ILE E 152 0.61 63.10 20.36
C ILE E 152 -0.81 63.67 20.39
N VAL E 153 -0.90 65.00 20.47
CA VAL E 153 -2.19 65.68 20.52
C VAL E 153 -2.39 66.64 19.35
N THR E 154 -3.52 66.49 18.66
CA THR E 154 -3.86 67.39 17.56
C THR E 154 -5.01 68.28 18.01
N PRO E 155 -4.71 69.57 18.24
CA PRO E 155 -5.65 70.56 18.74
C PRO E 155 -6.67 71.02 17.69
N LEU E 156 -7.92 71.20 18.11
CA LEU E 156 -8.95 71.67 17.22
C LEU E 156 -9.61 72.91 17.82
N ASN E 157 -10.86 73.20 17.42
CA ASN E 157 -11.59 74.30 18.02
C ASN E 157 -12.38 73.80 19.22
N GLY E 158 -11.79 73.85 20.40
CA GLY E 158 -12.45 73.36 21.59
C GLY E 158 -12.29 71.84 21.72
N GLU E 159 -11.60 71.25 20.75
CA GLU E 159 -11.41 69.80 20.71
C GLU E 159 -9.96 69.42 20.46
N ALA E 160 -9.61 68.18 20.76
CA ALA E 160 -8.28 67.65 20.46
C ALA E 160 -8.35 66.18 20.01
N LEU E 161 -7.37 65.77 19.21
CA LEU E 161 -7.21 64.36 18.86
C LEU E 161 -6.01 63.78 19.60
N VAL E 162 -6.21 62.69 20.31
CA VAL E 162 -5.12 62.08 21.07
C VAL E 162 -4.81 60.66 20.60
N ARG E 163 -3.53 60.41 20.33
CA ARG E 163 -3.06 59.08 19.99
C ARG E 163 -1.73 58.83 20.67
N GLY E 164 -1.46 57.59 21.06
CA GLY E 164 -0.22 57.27 21.73
C GLY E 164 -0.08 55.78 22.05
N ALA E 165 1.06 55.43 22.63
CA ALA E 165 1.35 54.04 22.99
C ALA E 165 2.42 53.96 24.06
N VAL E 166 2.31 52.95 24.92
CA VAL E 166 3.37 52.64 25.88
C VAL E 166 3.79 51.20 25.70
N VAL E 167 5.04 50.90 26.07
CA VAL E 167 5.59 49.57 25.90
C VAL E 167 5.56 48.79 27.22
N GLU E 168 5.83 49.51 28.30
CA GLU E 168 5.88 48.93 29.64
C GLU E 168 4.95 49.69 30.59
N PRO E 169 4.48 49.04 31.66
CA PRO E 169 4.73 47.66 32.09
C PRO E 169 4.03 46.62 31.23
N THR E 170 3.12 47.07 30.38
CA THR E 170 2.49 46.19 29.40
C THR E 170 2.17 47.00 28.14
N PRO E 171 2.36 46.38 26.96
CA PRO E 171 2.15 47.09 25.69
C PRO E 171 0.71 47.58 25.54
N LEU E 172 0.54 48.90 25.49
CA LEU E 172 -0.79 49.49 25.33
C LEU E 172 -0.82 50.44 24.15
N LEU E 173 -1.95 50.46 23.45
CA LEU E 173 -2.13 51.36 22.32
C LEU E 173 -3.32 52.27 22.54
N LEU E 174 -3.07 53.58 22.58
CA LEU E 174 -4.15 54.55 22.70
C LEU E 174 -4.67 54.86 21.32
N LYS E 175 -5.84 54.34 21.00
CA LYS E 175 -6.46 54.59 19.72
C LYS E 175 -6.81 56.07 19.55
N ARG E 176 -6.92 56.51 18.30
CA ARG E 176 -7.34 57.87 17.99
C ARG E 176 -8.60 58.27 18.75
N THR E 177 -8.44 59.24 19.66
CA THR E 177 -9.53 59.63 20.52
C THR E 177 -9.78 61.13 20.41
N ARG E 178 -11.05 61.50 20.26
CA ARG E 178 -11.43 62.91 20.17
C ARG E 178 -11.90 63.38 21.54
N VAL E 179 -11.38 64.52 21.97
CA VAL E 179 -11.67 65.02 23.31
C VAL E 179 -12.08 66.48 23.32
N GLN E 180 -12.75 66.90 24.39
CA GLN E 180 -13.21 68.28 24.56
C GLN E 180 -12.17 69.12 25.27
N VAL E 181 -11.33 69.84 24.52
CA VAL E 181 -10.27 70.64 25.16
C VAL E 181 -9.89 71.88 24.35
N GLU E 182 -9.81 73.02 25.03
CA GLU E 182 -9.27 74.24 24.43
C GLU E 182 -7.73 74.23 24.46
N ALA E 183 -7.13 74.83 23.44
CA ALA E 183 -5.67 74.75 23.24
C ALA E 183 -4.79 75.21 24.41
N ASP E 184 -5.25 76.18 25.21
CA ASP E 184 -4.47 76.66 26.33
C ASP E 184 -4.41 75.67 27.49
N ARG E 185 -5.42 74.80 27.58
CA ARG E 185 -5.51 73.84 28.69
C ARG E 185 -5.08 72.42 28.30
N ILE E 186 -4.51 72.27 27.11
CA ILE E 186 -4.05 70.98 26.62
C ILE E 186 -3.12 70.30 27.63
N ASP E 187 -2.06 71.00 28.03
CA ASP E 187 -1.07 70.45 28.95
C ASP E 187 -1.67 70.06 30.30
N ASP E 188 -2.67 70.80 30.76
CA ASP E 188 -3.31 70.49 32.02
C ASP E 188 -4.11 69.20 31.85
N PHE E 189 -4.76 69.07 30.70
CA PHE E 189 -5.52 67.86 30.38
C PHE E 189 -4.64 66.62 30.31
N VAL E 190 -3.52 66.73 29.61
CA VAL E 190 -2.63 65.60 29.43
C VAL E 190 -2.06 65.09 30.76
N ARG E 191 -1.61 66.01 31.59
CA ARG E 191 -0.98 65.65 32.86
C ARG E 191 -1.94 65.05 33.87
N GLU E 192 -3.22 65.41 33.76
CA GLU E 192 -4.23 64.94 34.70
C GLU E 192 -4.96 63.68 34.22
N SER E 193 -4.89 63.41 32.92
CA SER E 193 -5.75 62.39 32.32
C SER E 193 -5.02 61.29 31.57
N VAL E 194 -3.70 61.39 31.47
CA VAL E 194 -2.91 60.42 30.70
C VAL E 194 -3.09 59.01 31.26
N SER E 195 -3.17 58.91 32.58
CA SER E 195 -3.30 57.61 33.23
C SER E 195 -4.69 57.02 32.97
N ARG E 196 -5.68 57.89 32.86
CA ARG E 196 -7.05 57.45 32.60
C ARG E 196 -7.26 57.03 31.15
N LEU E 197 -6.56 57.71 30.24
CA LEU E 197 -6.69 57.41 28.82
C LEU E 197 -6.21 56.00 28.53
N PHE E 198 -5.12 55.61 29.19
CA PHE E 198 -4.55 54.29 28.98
C PHE E 198 -5.26 53.23 29.81
N SER E 199 -6.20 53.66 30.66
CA SER E 199 -7.02 52.72 31.42
C SER E 199 -8.08 52.11 30.50
N GLU E 200 -8.27 52.73 29.34
CA GLU E 200 -9.22 52.26 28.35
C GLU E 200 -8.50 51.94 27.05
N ALA E 201 -7.18 51.81 27.14
CA ALA E 201 -6.36 51.55 25.96
C ALA E 201 -6.38 50.09 25.57
N GLN E 202 -5.94 49.81 24.35
CA GLN E 202 -5.93 48.43 23.84
C GLN E 202 -4.65 47.69 24.20
N ASN E 203 -4.82 46.44 24.63
CA ASN E 203 -3.69 45.56 24.87
C ASN E 203 -3.20 44.98 23.55
N VAL E 204 -1.99 45.37 23.16
CA VAL E 204 -1.44 44.97 21.87
C VAL E 204 -0.08 44.30 22.06
N GLU E 205 0.56 43.95 20.96
CA GLU E 205 1.90 43.36 21.03
C GLU E 205 2.93 44.46 21.26
N LYS E 206 4.07 44.07 21.84
CA LYS E 206 5.14 45.02 22.16
C LYS E 206 5.65 45.75 20.92
N ARG E 207 5.83 45.00 19.84
CA ARG E 207 6.38 45.55 18.60
C ARG E 207 5.43 46.59 17.99
N GLU E 208 4.13 46.43 18.20
CA GLU E 208 3.16 47.41 17.69
C GLU E 208 3.30 48.75 18.40
N ALA E 209 3.38 48.71 19.72
CA ALA E 209 3.51 49.91 20.52
C ALA E 209 4.84 50.61 20.25
N VAL E 210 5.89 49.82 20.12
CA VAL E 210 7.23 50.35 19.86
C VAL E 210 7.21 51.17 18.57
N ARG E 211 6.49 50.67 17.58
CA ARG E 211 6.41 51.33 16.29
C ARG E 211 5.76 52.70 16.40
N VAL E 212 4.67 52.75 17.15
CA VAL E 212 3.91 53.98 17.34
C VAL E 212 4.71 55.02 18.09
N VAL E 213 5.42 54.58 19.13
CA VAL E 213 6.27 55.47 19.92
C VAL E 213 7.30 56.15 19.03
N ASN E 214 7.97 55.34 18.21
CA ASN E 214 8.96 55.85 17.27
C ASN E 214 8.32 56.73 16.19
N GLU E 215 7.07 56.41 15.81
CA GLU E 215 6.34 57.20 14.82
C GLU E 215 6.11 58.63 15.32
N ILE E 216 5.67 58.73 16.57
CA ILE E 216 5.36 60.01 17.18
C ILE E 216 6.61 60.84 17.44
N LEU E 217 7.66 60.19 17.95
CA LEU E 217 8.89 60.89 18.29
C LEU E 217 9.66 61.37 17.07
N SER E 218 9.42 60.71 15.93
CA SER E 218 10.10 61.09 14.70
C SER E 218 9.61 62.46 14.20
N LEU E 219 8.39 62.81 14.58
CA LEU E 219 7.77 64.06 14.18
C LEU E 219 8.40 65.26 14.90
N VAL E 220 9.22 64.99 15.91
CA VAL E 220 9.94 66.02 16.63
C VAL E 220 11.35 66.14 16.06
N LYS E 221 11.81 65.07 15.43
CA LYS E 221 13.16 65.00 14.89
C LYS E 221 13.18 65.22 13.38
N MET F 3 27.02 26.24 -1.91
CA MET F 3 25.63 26.28 -1.47
C MET F 3 25.29 27.64 -0.87
N LEU F 4 24.04 28.07 -1.04
CA LEU F 4 23.60 29.36 -0.54
C LEU F 4 22.66 29.17 0.65
N PRO F 5 22.52 30.21 1.48
CA PRO F 5 21.51 30.13 2.54
C PRO F 5 20.13 29.94 1.94
N THR F 6 19.26 29.21 2.63
CA THR F 6 17.92 28.94 2.12
C THR F 6 16.87 29.44 3.12
N LEU F 7 15.92 30.22 2.61
CA LEU F 7 14.80 30.67 3.42
C LEU F 7 13.75 29.56 3.43
N ARG F 8 13.49 29.01 4.61
CA ARG F 8 12.54 27.91 4.73
C ARG F 8 11.42 28.27 5.69
N THR F 9 10.18 28.10 5.25
CA THR F 9 9.04 28.45 6.08
C THR F 9 8.57 27.26 6.90
N GLY F 10 8.73 26.06 6.37
CA GLY F 10 8.14 24.89 6.97
C GLY F 10 6.65 24.92 6.66
N LEU F 11 5.87 24.09 7.33
CA LEU F 11 4.43 24.10 7.10
C LEU F 11 3.81 25.37 7.66
N VAL F 12 3.02 26.05 6.83
CA VAL F 12 2.35 27.27 7.25
C VAL F 12 1.02 27.46 6.51
N ILE F 13 0.01 27.96 7.23
CA ILE F 13 -1.27 28.31 6.64
C ILE F 13 -1.06 29.42 5.63
N ALA F 14 -1.67 29.30 4.45
CA ALA F 14 -1.46 30.25 3.36
C ALA F 14 -1.74 31.69 3.78
N ALA F 15 -2.64 31.86 4.73
CA ALA F 15 -3.01 33.19 5.20
C ALA F 15 -1.86 33.84 5.97
N GLY F 16 -0.93 33.03 6.45
CA GLY F 16 0.15 33.52 7.29
C GLY F 16 1.55 33.26 6.76
N TYR F 17 1.69 33.11 5.45
CA TYR F 17 3.01 32.85 4.87
C TYR F 17 3.91 34.08 4.95
N ALA F 18 3.31 35.26 4.81
CA ALA F 18 4.07 36.50 4.73
C ALA F 18 4.80 36.81 6.02
N ASP F 19 4.09 36.70 7.15
CA ASP F 19 4.69 36.95 8.44
C ASP F 19 5.67 35.84 8.79
N LYS F 20 5.48 34.68 8.16
CA LYS F 20 6.39 33.56 8.35
C LYS F 20 7.70 33.80 7.60
N VAL F 21 7.57 34.23 6.35
CA VAL F 21 8.74 34.55 5.54
C VAL F 21 9.55 35.68 6.16
N ARG F 22 8.85 36.70 6.64
CA ARG F 22 9.49 37.88 7.22
C ARG F 22 10.14 37.58 8.56
N VAL F 24 11.49 34.71 9.96
CA VAL F 24 12.52 33.74 9.57
C VAL F 24 13.69 34.43 8.88
N LEU F 25 13.41 35.34 7.95
CA LEU F 25 14.45 36.05 7.23
C LEU F 25 15.24 36.93 8.20
N PHE F 26 14.53 37.56 9.12
CA PHE F 26 15.15 38.37 10.15
C PHE F 26 15.96 37.48 11.10
N ALA F 27 15.44 36.28 11.35
CA ALA F 27 16.09 35.33 12.25
C ALA F 27 17.40 34.84 11.65
N GLN F 28 17.41 34.64 10.34
CA GLN F 28 18.60 34.14 9.65
C GLN F 28 19.65 35.24 9.48
N LEU F 29 19.17 36.48 9.35
CA LEU F 29 20.06 37.60 9.06
C LEU F 29 20.26 38.55 10.24
N ARG F 30 19.98 38.07 11.45
CA ARG F 30 20.15 38.89 12.65
C ARG F 30 21.59 39.38 12.80
N ASP F 31 22.53 38.46 12.62
CA ASP F 31 23.94 38.75 12.81
C ASP F 31 24.45 39.75 11.78
N ALA F 32 23.95 39.62 10.56
CA ALA F 32 24.31 40.51 9.47
C ALA F 32 23.88 41.93 9.78
N ILE F 33 22.76 42.06 10.48
CA ILE F 33 22.22 43.36 10.88
C ILE F 33 23.11 44.00 11.94
N LYS F 34 23.50 43.22 12.96
CA LYS F 34 24.35 43.75 14.03
C LYS F 34 25.75 44.12 13.56
N SER F 35 26.27 43.38 12.57
CA SER F 35 27.59 43.67 12.04
C SER F 35 27.58 44.99 11.27
N GLY F 36 26.42 45.36 10.73
CA GLY F 36 26.28 46.62 10.02
C GLY F 36 26.27 46.40 8.52
N GLU F 37 26.32 45.14 8.13
CA GLU F 37 26.30 44.74 6.73
C GLU F 37 24.91 44.94 6.13
N LEU F 38 23.90 44.87 6.98
CA LEU F 38 22.52 45.08 6.58
C LEU F 38 21.77 45.93 7.59
N SER F 39 20.68 46.54 7.17
CA SER F 39 19.81 47.27 8.09
C SER F 39 18.52 46.46 8.24
N ASN F 40 17.75 46.74 9.28
CA ASN F 40 16.47 46.07 9.46
C ASN F 40 15.52 46.40 8.31
N LYS F 41 15.65 47.61 7.78
CA LYS F 41 14.82 48.07 6.67
C LYS F 41 15.12 47.31 5.38
N ASP F 42 16.39 47.04 5.12
CA ASP F 42 16.81 46.31 3.92
C ASP F 42 16.18 44.92 3.92
N VAL F 43 16.17 44.29 5.10
CA VAL F 43 15.64 42.94 5.25
C VAL F 43 14.13 42.91 5.09
N ALA F 44 13.45 43.88 5.69
CA ALA F 44 12.00 43.97 5.62
C ALA F 44 11.53 44.19 4.19
N MET F 45 12.27 45.00 3.45
CA MET F 45 11.95 45.27 2.04
C MET F 45 12.15 44.03 1.17
N ALA F 46 13.16 43.23 1.49
CA ALA F 46 13.43 42.01 0.73
C ALA F 46 12.31 41.01 0.93
N ALA F 47 11.91 40.83 2.18
CA ALA F 47 10.83 39.92 2.51
C ALA F 47 9.53 40.44 1.91
N GLY F 48 9.37 41.77 1.92
CA GLY F 48 8.18 42.39 1.38
C GLY F 48 8.08 42.17 -0.11
N ASN F 49 9.21 42.30 -0.80
CA ASN F 49 9.26 42.07 -2.24
C ASN F 49 9.03 40.59 -2.57
N LEU F 50 9.59 39.71 -1.74
CA LEU F 50 9.42 38.27 -1.92
C LEU F 50 7.97 37.87 -1.70
N ASN F 51 7.38 38.41 -0.63
CA ASN F 51 6.00 38.11 -0.29
C ASN F 51 5.05 38.61 -1.38
N ARG F 52 5.40 39.73 -2.00
CA ARG F 52 4.62 40.28 -3.10
C ARG F 52 4.62 39.34 -4.29
N VAL F 53 5.80 38.78 -4.57
CA VAL F 53 5.98 37.86 -5.68
C VAL F 53 5.21 36.56 -5.42
N LEU F 54 5.33 36.05 -4.21
CA LEU F 54 4.67 34.79 -3.85
C LEU F 54 3.15 34.91 -3.87
N PHE F 55 2.65 36.12 -3.63
CA PHE F 55 1.21 36.35 -3.60
C PHE F 55 0.57 36.09 -4.96
N GLU F 56 1.23 36.55 -6.02
CA GLU F 56 0.75 36.32 -7.38
C GLU F 56 0.78 34.84 -7.72
N LEU F 57 1.83 34.17 -7.26
CA LEU F 57 1.99 32.74 -7.51
C LEU F 57 0.92 31.92 -6.79
N LEU F 58 0.70 32.22 -5.52
CA LEU F 58 -0.21 31.43 -4.71
C LEU F 58 -1.68 31.70 -5.06
N VAL F 59 -2.03 32.98 -5.21
CA VAL F 59 -3.43 33.37 -5.41
C VAL F 59 -3.86 33.28 -6.88
N ASN F 60 -3.00 33.73 -7.80
CA ASN F 60 -3.36 33.75 -9.22
C ASN F 60 -2.96 32.47 -9.94
N LYS F 61 -1.70 32.07 -9.78
CA LYS F 61 -1.17 30.92 -10.52
C LYS F 61 -1.60 29.58 -9.95
N LEU F 62 -1.53 29.44 -8.62
CA LEU F 62 -1.85 28.17 -7.98
C LEU F 62 -3.30 28.14 -7.49
N LYS F 63 -3.93 29.30 -7.45
CA LYS F 63 -5.32 29.43 -6.99
C LYS F 63 -5.49 28.81 -5.61
N ALA F 64 -4.58 29.11 -4.71
CA ALA F 64 -4.58 28.56 -3.36
C ALA F 64 -5.51 29.32 -2.41
N ASP F 65 -6.31 28.60 -1.66
CA ASP F 65 -7.16 29.20 -0.63
C ASP F 65 -6.34 29.61 0.58
N LYS F 66 -6.82 30.59 1.32
CA LYS F 66 -6.09 31.13 2.47
C LYS F 66 -6.10 30.16 3.66
N LEU F 67 -6.90 29.10 3.55
CA LEU F 67 -6.95 28.10 4.61
C LEU F 67 -6.20 26.84 4.18
N ASP F 68 -5.53 26.92 3.04
CA ASP F 68 -4.69 25.82 2.58
C ASP F 68 -3.33 25.85 3.27
N VAL F 69 -2.52 24.84 3.00
CA VAL F 69 -1.18 24.76 3.59
C VAL F 69 -0.12 24.80 2.51
N VAL F 70 0.85 25.70 2.67
CA VAL F 70 1.95 25.81 1.73
C VAL F 70 3.27 25.60 2.44
N ARG F 71 4.29 25.24 1.68
CA ARG F 71 5.65 25.20 2.21
C ARG F 71 6.55 25.81 1.16
N ILE F 72 7.21 26.90 1.51
CA ILE F 72 7.98 27.66 0.55
C ILE F 72 9.44 27.68 0.94
N GLN F 73 10.31 27.51 -0.05
CA GLN F 73 11.73 27.71 0.19
C GLN F 73 12.40 28.33 -1.03
N ILE F 74 13.42 29.14 -0.77
CA ILE F 74 14.16 29.80 -1.83
C ILE F 74 15.52 30.19 -1.29
N ASP F 75 16.55 29.98 -2.11
CA ASP F 75 17.90 30.36 -1.73
C ASP F 75 18.09 31.85 -1.96
N TYR F 76 18.97 32.46 -1.18
CA TYR F 76 19.28 33.87 -1.34
C TYR F 76 20.75 34.13 -1.05
N GLU F 77 21.26 35.23 -1.60
CA GLU F 77 22.63 35.63 -1.37
C GLU F 77 22.56 37.10 -0.97
N VAL F 78 23.47 37.53 -0.10
CA VAL F 78 23.49 38.91 0.38
C VAL F 78 24.64 39.69 -0.25
N ARG F 79 24.29 40.67 -1.07
CA ARG F 79 25.25 41.47 -1.81
C ARG F 79 25.09 42.97 -1.57
N ASP F 80 26.14 43.62 -1.08
CA ASP F 80 26.16 45.09 -0.95
C ASP F 80 24.96 45.64 -0.19
N SER F 81 24.81 45.19 1.06
CA SER F 81 23.73 45.68 1.93
C SER F 81 22.39 45.42 1.25
N GLN F 82 22.33 44.32 0.52
CA GLN F 82 21.13 43.89 -0.20
C GLN F 82 20.99 42.38 -0.31
N ILE F 83 19.75 41.93 -0.24
CA ILE F 83 19.40 40.54 -0.35
C ILE F 83 18.91 40.26 -1.77
N GLN F 84 19.48 39.24 -2.41
CA GLN F 84 19.10 38.90 -3.78
C GLN F 84 18.69 37.45 -3.80
N PHE F 85 17.45 37.21 -4.21
CA PHE F 85 16.90 35.87 -4.27
C PHE F 85 17.26 35.18 -5.59
N ASP F 86 17.52 33.88 -5.52
CA ASP F 86 17.75 33.09 -6.71
C ASP F 86 16.46 32.35 -7.04
N PHE F 87 15.68 32.92 -7.96
CA PHE F 87 14.35 32.39 -8.24
C PHE F 87 14.41 31.08 -9.02
N SER F 88 15.61 30.69 -9.45
CA SER F 88 15.79 29.37 -10.06
C SER F 88 15.68 28.31 -8.99
N THR F 89 15.85 28.73 -7.74
CA THR F 89 15.81 27.83 -6.59
C THR F 89 14.47 27.88 -5.86
N LEU F 90 13.52 28.67 -6.35
CA LEU F 90 12.21 28.77 -5.70
C LEU F 90 11.46 27.45 -5.76
N ARG F 91 11.03 26.96 -4.60
CA ARG F 91 10.27 25.73 -4.51
C ARG F 91 9.02 25.93 -3.66
N VAL F 92 7.89 25.47 -4.16
CA VAL F 92 6.63 25.62 -3.45
C VAL F 92 5.88 24.30 -3.37
N GLU F 93 5.51 23.92 -2.15
CA GLU F 93 4.68 22.74 -1.94
C GLU F 93 3.31 23.21 -1.48
N LEU F 94 2.27 22.49 -1.88
CA LEU F 94 0.91 22.91 -1.57
C LEU F 94 0.05 21.75 -1.10
N TRP F 95 -0.70 21.98 -0.03
CA TRP F 95 -1.68 21.01 0.46
C TRP F 95 -3.06 21.66 0.46
N ARG F 96 -4.02 21.06 -0.23
CA ARG F 96 -5.35 21.65 -0.33
C ARG F 96 -6.27 21.07 0.73
N ARG F 97 -7.02 21.96 1.39
CA ARG F 97 -7.85 21.59 2.53
C ARG F 97 -9.07 20.77 2.13
N VAL F 98 -9.32 19.71 2.88
CA VAL F 98 -10.54 18.93 2.73
C VAL F 98 -11.62 19.60 3.56
N PRO F 99 -12.74 19.97 2.92
CA PRO F 99 -13.83 20.71 3.57
C PRO F 99 -14.29 20.04 4.86
N GLU F 100 -14.62 20.85 5.87
CA GLU F 100 -15.02 20.37 7.17
C GLU F 100 -16.28 19.50 7.08
N GLU F 101 -17.11 19.80 6.10
CA GLU F 101 -18.38 19.09 5.89
C GLU F 101 -18.16 17.62 5.52
N GLU F 102 -16.92 17.29 5.14
CA GLU F 102 -16.58 15.95 4.70
C GLU F 102 -15.81 15.15 5.75
N ILE F 103 -15.27 15.84 6.75
CA ILE F 103 -14.41 15.20 7.74
C ILE F 103 -15.11 15.07 9.09
N ALA F 104 -15.84 16.11 9.49
CA ALA F 104 -16.50 16.15 10.79
C ALA F 104 -17.45 14.97 11.06
N PRO F 105 -18.31 14.60 10.10
CA PRO F 105 -19.20 13.47 10.39
C PRO F 105 -18.46 12.15 10.58
N ILE F 106 -17.35 11.98 9.87
CA ILE F 106 -16.54 10.78 10.00
C ILE F 106 -15.89 10.76 11.38
N VAL F 107 -15.42 11.94 11.80
CA VAL F 107 -14.80 12.11 13.12
C VAL F 107 -15.80 11.95 14.26
N GLU F 108 -16.99 12.53 14.09
CA GLU F 108 -18.04 12.46 15.11
C GLU F 108 -18.46 11.02 15.34
N ASP F 109 -18.62 10.28 14.24
CA ASP F 109 -19.05 8.89 14.29
C ASP F 109 -17.97 8.02 14.92
N PHE F 110 -16.72 8.25 14.53
CA PHE F 110 -15.59 7.47 15.04
C PHE F 110 -15.30 7.72 16.51
N ALA F 111 -15.53 8.94 16.97
CA ALA F 111 -15.19 9.33 18.33
C ALA F 111 -15.95 8.53 19.37
N ARG F 112 -17.10 7.99 19.00
CA ARG F 112 -17.92 7.21 19.90
C ARG F 112 -17.34 5.80 20.07
N ALA F 113 -16.67 5.31 19.04
CA ALA F 113 -16.11 3.96 19.05
C ALA F 113 -14.67 3.99 19.51
N ALA F 114 -14.13 5.19 19.66
CA ALA F 114 -12.73 5.38 20.04
C ALA F 114 -12.35 4.88 21.44
N PRO F 115 -13.18 5.15 22.47
CA PRO F 115 -12.76 4.68 23.79
C PRO F 115 -12.70 3.16 23.93
N ARG F 116 -13.44 2.45 23.09
CA ARG F 116 -13.40 0.99 23.10
C ARG F 116 -12.15 0.38 22.49
N LEU F 117 -11.74 0.90 21.33
CA LEU F 117 -10.54 0.42 20.66
C LEU F 117 -9.30 0.72 21.48
N LEU F 118 -9.38 1.77 22.29
CA LEU F 118 -8.23 2.23 23.07
C LEU F 118 -7.79 1.22 24.12
N GLU F 119 -8.71 0.39 24.59
CA GLU F 119 -8.38 -0.63 25.59
C GLU F 119 -8.11 -1.97 24.92
N GLU F 120 -8.79 -2.18 23.79
CA GLU F 120 -8.74 -3.45 23.05
C GLU F 120 -7.32 -3.76 22.58
N GLU F 121 -6.94 -5.02 22.61
CA GLU F 121 -5.58 -5.42 22.20
C GLU F 121 -5.35 -5.41 20.69
N ILE F 122 -4.12 -5.03 20.34
CA ILE F 122 -3.67 -4.86 18.97
C ILE F 122 -3.25 -6.19 18.35
N ARG F 123 -4.21 -6.93 17.78
CA ARG F 123 -3.88 -8.19 17.12
C ARG F 123 -2.77 -8.04 16.09
N PHE F 124 -1.67 -8.74 16.32
CA PHE F 124 -0.56 -8.76 15.38
C PHE F 124 -0.43 -10.13 14.73
N THR F 125 0.25 -10.18 13.59
CA THR F 125 0.59 -11.43 12.92
C THR F 125 2.08 -11.43 12.62
N VAL F 126 2.65 -12.62 12.41
CA VAL F 126 4.08 -12.72 12.15
C VAL F 126 4.39 -13.55 10.91
N GLU F 127 5.62 -13.40 10.42
CA GLU F 127 6.11 -14.18 9.29
C GLU F 127 7.61 -14.47 9.39
N LYS F 128 7.97 -15.74 9.25
CA LYS F 128 9.37 -16.13 9.32
C LYS F 128 10.12 -15.57 8.10
N VAL F 129 11.24 -14.89 8.37
CA VAL F 129 12.01 -14.27 7.29
C VAL F 129 13.28 -15.06 6.97
N GLY F 130 13.98 -15.49 8.01
CA GLY F 130 15.20 -16.25 7.86
C GLY F 130 15.94 -16.38 9.17
N GLU F 131 17.18 -16.85 9.11
CA GLU F 131 18.02 -16.96 10.29
C GLU F 131 19.26 -16.10 10.13
N THR F 132 19.80 -15.60 11.23
CA THR F 132 21.01 -14.80 11.18
C THR F 132 22.22 -15.72 11.10
N ASP F 133 23.39 -15.11 10.98
CA ASP F 133 24.63 -15.84 10.86
C ASP F 133 24.93 -16.65 12.13
N VAL F 134 24.51 -16.12 13.28
CA VAL F 134 24.77 -16.77 14.56
C VAL F 134 23.57 -17.56 15.08
N GLY F 135 22.52 -17.67 14.26
CA GLY F 135 21.41 -18.56 14.56
C GLY F 135 20.18 -17.97 15.23
N ASP F 136 20.03 -16.65 15.20
CA ASP F 136 18.80 -16.02 15.67
C ASP F 136 17.73 -16.16 14.59
N VAL F 137 16.47 -16.23 14.99
CA VAL F 137 15.39 -16.32 14.00
C VAL F 137 14.64 -14.99 13.94
N VAL F 138 14.54 -14.46 12.72
CA VAL F 138 13.93 -13.15 12.50
C VAL F 138 12.56 -13.27 11.83
N TYR F 139 11.56 -12.62 12.41
CA TYR F 139 10.20 -12.63 11.89
C TYR F 139 9.71 -11.28 11.40
N ARG F 140 8.75 -11.30 10.47
CA ARG F 140 8.11 -10.08 10.02
C ARG F 140 6.82 -9.85 10.82
N ILE F 141 6.69 -8.69 11.45
CA ILE F 141 5.47 -8.38 12.19
C ILE F 141 4.54 -7.54 11.32
N MET F 142 3.29 -7.93 11.23
CA MET F 142 2.32 -7.22 10.40
C MET F 142 1.07 -6.86 11.16
N TYR F 143 0.42 -5.79 10.71
CA TYR F 143 -0.83 -5.32 11.26
C TYR F 143 -1.86 -5.20 10.15
N ARG F 144 -2.88 -6.06 10.19
CA ARG F 144 -3.87 -6.14 9.11
C ARG F 144 -3.23 -6.37 7.75
N GLY F 145 -2.22 -7.24 7.71
CA GLY F 145 -1.61 -7.65 6.46
C GLY F 145 -0.58 -6.64 6.01
N SER F 146 -0.55 -5.51 6.69
CA SER F 146 0.34 -4.42 6.35
C SER F 146 1.57 -4.41 7.27
N ASP F 147 2.71 -4.08 6.68
CA ASP F 147 3.99 -4.06 7.38
C ASP F 147 4.13 -2.97 8.43
N VAL F 148 4.47 -3.36 9.66
CA VAL F 148 4.61 -2.41 10.75
C VAL F 148 5.82 -2.58 11.67
N GLY F 149 6.53 -3.70 11.59
CA GLY F 149 7.66 -3.92 12.49
C GLY F 149 8.48 -5.19 12.29
N ALA F 150 9.36 -5.51 13.24
CA ALA F 150 10.21 -6.69 13.11
C ALA F 150 10.40 -7.38 14.45
N LEU F 151 10.80 -8.64 14.42
CA LEU F 151 10.98 -9.42 15.64
C LEU F 151 12.10 -10.44 15.49
N ILE F 152 12.91 -10.60 16.53
CA ILE F 152 14.02 -11.54 16.53
C ILE F 152 13.97 -12.46 17.74
N VAL F 153 14.18 -13.75 17.50
CA VAL F 153 14.17 -14.74 18.57
C VAL F 153 15.52 -15.47 18.62
N THR F 154 16.12 -15.51 19.81
CA THR F 154 17.39 -16.19 20.00
C THR F 154 17.18 -17.48 20.77
N PRO F 155 17.32 -18.62 20.08
CA PRO F 155 17.08 -19.91 20.72
C PRO F 155 18.19 -20.26 21.71
N LEU F 156 17.80 -20.82 22.85
CA LEU F 156 18.75 -21.20 23.89
C LEU F 156 18.54 -22.67 24.23
N ASN F 157 18.90 -23.05 25.45
CA ASN F 157 18.64 -24.41 25.92
C ASN F 157 17.27 -24.49 26.61
N GLY F 158 16.23 -24.78 25.84
CA GLY F 158 14.89 -24.87 26.37
C GLY F 158 14.25 -23.49 26.53
N GLU F 159 15.01 -22.45 26.18
CA GLU F 159 14.57 -21.08 26.37
C GLU F 159 14.81 -20.25 25.10
N ALA F 160 14.18 -19.08 25.03
CA ALA F 160 14.40 -18.16 23.92
C ALA F 160 14.49 -16.72 24.39
N LEU F 161 15.23 -15.89 23.66
CA LEU F 161 15.22 -14.45 23.91
C LEU F 161 14.44 -13.76 22.81
N VAL F 162 13.47 -12.95 23.19
CA VAL F 162 12.65 -12.27 22.20
C VAL F 162 12.79 -10.75 22.30
N ARG F 163 13.07 -10.13 21.16
CA ARG F 163 13.14 -8.67 21.05
C ARG F 163 12.46 -8.26 19.76
N GLY F 164 11.84 -7.10 19.75
CA GLY F 164 11.17 -6.61 18.57
C GLY F 164 10.58 -5.22 18.72
N ALA F 165 10.02 -4.71 17.65
CA ALA F 165 9.42 -3.38 17.64
C ALA F 165 8.44 -3.24 16.48
N VAL F 166 7.37 -2.48 16.69
CA VAL F 166 6.46 -2.15 15.60
C VAL F 166 6.33 -0.64 15.47
N VAL F 167 5.96 -0.18 14.27
CA VAL F 167 5.83 1.25 14.01
C VAL F 167 4.36 1.68 14.04
N GLU F 168 3.49 0.82 13.51
CA GLU F 168 2.06 1.08 13.45
C GLU F 168 1.29 -0.08 14.09
N PRO F 169 0.06 0.18 14.59
CA PRO F 169 -0.71 1.44 14.62
C PRO F 169 -0.15 2.43 15.63
N THR F 170 0.73 1.96 16.50
CA THR F 170 1.45 2.83 17.42
C THR F 170 2.83 2.25 17.70
N PRO F 171 3.84 3.14 17.80
CA PRO F 171 5.23 2.69 18.02
C PRO F 171 5.39 1.92 19.33
N LEU F 172 5.75 0.64 19.23
CA LEU F 172 5.94 -0.20 20.39
C LEU F 172 7.32 -0.82 20.38
N LEU F 173 7.93 -0.96 21.55
CA LEU F 173 9.22 -1.61 21.65
C LEU F 173 9.17 -2.81 22.58
N LEU F 174 9.45 -3.99 22.03
CA LEU F 174 9.50 -5.21 22.83
C LEU F 174 10.88 -5.39 23.41
N LYS F 175 11.02 -5.13 24.70
CA LYS F 175 12.29 -5.30 25.40
C LYS F 175 12.73 -6.75 25.41
N ARG F 176 14.03 -6.97 25.55
CA ARG F 176 14.59 -8.31 25.66
C ARG F 176 13.85 -9.14 26.71
N THR F 177 13.14 -10.16 26.25
CA THR F 177 12.32 -10.97 27.14
C THR F 177 12.69 -12.43 26.95
N ARG F 178 12.89 -13.13 28.07
CA ARG F 178 13.20 -14.55 28.01
C ARG F 178 11.94 -15.35 28.27
N VAL F 179 11.70 -16.35 27.43
CA VAL F 179 10.48 -17.14 27.54
C VAL F 179 10.76 -18.62 27.56
N GLN F 180 9.82 -19.38 28.10
CA GLN F 180 9.98 -20.82 28.20
C GLN F 180 9.38 -21.48 26.96
N VAL F 181 10.23 -21.87 26.02
CA VAL F 181 9.77 -22.50 24.77
C VAL F 181 10.86 -23.44 24.26
N GLU F 182 10.46 -24.62 23.80
CA GLU F 182 11.39 -25.53 23.16
C GLU F 182 11.68 -25.05 21.75
N ALA F 183 12.91 -25.28 21.29
CA ALA F 183 13.36 -24.81 19.99
C ALA F 183 12.42 -25.30 18.89
N ASP F 184 11.78 -26.43 19.15
CA ASP F 184 10.85 -27.03 18.21
C ASP F 184 9.55 -26.24 18.13
N ARG F 185 9.18 -25.57 19.22
CA ARG F 185 7.88 -24.89 19.29
C ARG F 185 7.95 -23.38 19.16
N ILE F 186 9.14 -22.84 18.86
CA ILE F 186 9.32 -21.40 18.74
C ILE F 186 8.37 -20.81 17.69
N ASP F 187 8.37 -21.40 16.49
CA ASP F 187 7.55 -20.92 15.38
C ASP F 187 6.06 -20.91 15.75
N ASP F 188 5.64 -21.90 16.52
CA ASP F 188 4.26 -21.97 16.99
C ASP F 188 4.03 -20.92 18.07
N PHE F 189 5.02 -20.73 18.93
CA PHE F 189 4.94 -19.76 20.02
C PHE F 189 4.81 -18.33 19.51
N VAL F 190 5.62 -17.99 18.51
CA VAL F 190 5.63 -16.63 17.96
C VAL F 190 4.27 -16.28 17.33
N ARG F 191 3.70 -17.19 16.54
CA ARG F 191 2.42 -16.92 15.89
C ARG F 191 1.28 -16.85 16.89
N GLU F 192 1.44 -17.52 18.03
CA GLU F 192 0.40 -17.55 19.05
C GLU F 192 0.54 -16.45 20.09
N SER F 193 1.72 -15.84 20.17
CA SER F 193 2.00 -14.94 21.30
C SER F 193 2.43 -13.52 20.93
N VAL F 194 2.57 -13.21 19.64
CA VAL F 194 3.08 -11.90 19.23
C VAL F 194 2.18 -10.75 19.71
N SER F 195 0.87 -10.95 19.62
CA SER F 195 -0.09 -9.95 20.06
C SER F 195 -0.08 -9.88 21.57
N ARG F 196 0.19 -11.02 22.21
CA ARG F 196 0.24 -11.11 23.65
C ARG F 196 1.49 -10.42 24.18
N LEU F 197 2.57 -10.52 23.42
CA LEU F 197 3.85 -9.92 23.78
C LEU F 197 3.86 -8.39 23.78
N PHE F 198 3.20 -7.79 22.79
CA PHE F 198 3.22 -6.34 22.62
C PHE F 198 2.22 -5.61 23.51
N SER F 199 1.41 -6.35 24.26
CA SER F 199 0.49 -5.75 25.21
C SER F 199 1.28 -5.24 26.41
N GLU F 200 2.54 -5.67 26.50
CA GLU F 200 3.44 -5.28 27.57
C GLU F 200 4.62 -4.53 26.97
N ALA F 201 4.48 -4.10 25.71
CA ALA F 201 5.58 -3.43 25.03
C ALA F 201 5.65 -1.97 25.47
N GLN F 202 6.79 -1.34 25.21
CA GLN F 202 6.96 0.07 25.56
C GLN F 202 6.44 0.98 24.48
N ASN F 203 5.70 2.01 24.88
CA ASN F 203 5.31 3.06 23.95
C ASN F 203 6.48 4.02 23.77
N VAL F 204 7.04 4.03 22.57
CA VAL F 204 8.22 4.84 22.30
C VAL F 204 7.96 5.75 21.11
N GLU F 205 8.99 6.48 20.68
CA GLU F 205 8.86 7.32 19.49
C GLU F 205 9.00 6.48 18.23
N LYS F 206 8.40 6.98 17.14
CA LYS F 206 8.41 6.27 15.86
C LYS F 206 9.83 6.03 15.35
N ARG F 207 10.66 7.07 15.46
CA ARG F 207 12.03 7.02 14.96
C ARG F 207 12.85 5.99 15.73
N GLU F 208 12.50 5.83 17.00
CA GLU F 208 13.14 4.84 17.86
C GLU F 208 12.76 3.45 17.38
N ALA F 209 11.48 3.26 17.11
CA ALA F 209 10.95 1.99 16.64
C ALA F 209 11.50 1.66 15.26
N VAL F 210 11.56 2.67 14.39
CA VAL F 210 12.04 2.49 13.02
C VAL F 210 13.47 1.96 13.00
N ARG F 211 14.33 2.51 13.86
CA ARG F 211 15.73 2.13 13.90
C ARG F 211 15.91 0.68 14.37
N VAL F 212 15.14 0.29 15.39
CA VAL F 212 15.21 -1.06 15.90
C VAL F 212 14.75 -2.05 14.82
N VAL F 213 13.68 -1.68 14.12
CA VAL F 213 13.14 -2.50 13.04
C VAL F 213 14.16 -2.73 11.92
N ASN F 214 14.79 -1.66 11.46
CA ASN F 214 15.78 -1.77 10.40
C ASN F 214 17.03 -2.53 10.81
N GLU F 215 17.43 -2.41 12.08
CA GLU F 215 18.58 -3.14 12.58
C GLU F 215 18.36 -4.64 12.52
N ILE F 216 17.17 -5.08 12.92
CA ILE F 216 16.84 -6.49 12.95
C ILE F 216 16.76 -7.03 11.52
N LEU F 217 16.15 -6.25 10.63
CA LEU F 217 16.00 -6.67 9.24
C LEU F 217 17.37 -6.65 8.53
N SER F 218 18.28 -5.83 9.04
CA SER F 218 19.62 -5.71 8.46
C SER F 218 20.40 -7.00 8.68
N LEU F 219 20.02 -7.75 9.70
CA LEU F 219 20.71 -8.99 10.05
C LEU F 219 20.43 -10.10 9.03
N VAL F 220 19.46 -9.87 8.15
CA VAL F 220 19.17 -10.80 7.07
C VAL F 220 19.79 -10.32 5.75
N ALA G 2 -15.72 23.48 34.08
CA ALA G 2 -14.30 23.18 34.13
C ALA G 2 -13.73 23.05 32.73
N MET G 3 -13.08 24.10 32.25
CA MET G 3 -12.47 24.03 30.93
C MET G 3 -11.32 23.04 31.03
N LEU G 4 -11.08 22.30 29.96
CA LEU G 4 -10.07 21.26 30.00
C LEU G 4 -8.84 21.65 29.19
N PRO G 5 -7.68 21.10 29.56
CA PRO G 5 -6.48 21.26 28.74
C PRO G 5 -6.71 20.66 27.37
N THR G 6 -6.09 21.24 26.35
CA THR G 6 -6.28 20.73 25.00
C THR G 6 -4.93 20.32 24.41
N LEU G 7 -4.87 19.09 23.92
CA LEU G 7 -3.69 18.61 23.23
C LEU G 7 -3.77 19.07 21.79
N ARG G 8 -2.85 19.93 21.39
CA ARG G 8 -2.84 20.47 20.04
C ARG G 8 -1.53 20.15 19.32
N THR G 9 -1.65 19.62 18.11
CA THR G 9 -0.48 19.22 17.33
C THR G 9 -0.01 20.37 16.46
N GLY G 10 -0.94 21.19 15.99
CA GLY G 10 -0.61 22.20 15.00
C GLY G 10 -0.44 21.51 13.67
N LEU G 11 0.10 22.20 12.68
CA LEU G 11 0.33 21.58 11.38
C LEU G 11 1.46 20.56 11.46
N VAL G 12 1.21 19.35 10.97
CA VAL G 12 2.21 18.30 10.96
C VAL G 12 1.98 17.34 9.80
N ILE G 13 3.07 16.85 9.21
CA ILE G 13 2.97 15.82 8.18
C ILE G 13 2.36 14.56 8.81
N ALA G 14 1.39 13.96 8.12
CA ALA G 14 0.65 12.83 8.65
C ALA G 14 1.56 11.69 9.10
N ALA G 15 2.72 11.57 8.47
CA ALA G 15 3.67 10.52 8.80
C ALA G 15 4.28 10.71 10.19
N GLY G 16 4.22 11.92 10.72
CA GLY G 16 4.87 12.22 11.98
C GLY G 16 3.95 12.73 13.07
N TYR G 17 2.65 12.38 12.99
CA TYR G 17 1.67 12.83 13.97
C TYR G 17 1.91 12.16 15.32
N ALA G 18 2.36 10.91 15.29
CA ALA G 18 2.49 10.10 16.48
C ALA G 18 3.52 10.68 17.45
N ASP G 19 4.68 11.03 16.90
CA ASP G 19 5.74 11.62 17.70
C ASP G 19 5.39 13.05 18.11
N LYS G 20 4.49 13.69 17.36
CA LYS G 20 4.05 15.04 17.69
C LYS G 20 3.11 15.04 18.90
N VAL G 21 2.14 14.13 18.87
CA VAL G 21 1.20 13.97 19.98
C VAL G 21 1.95 13.57 21.25
N ARG G 22 2.96 12.73 21.10
CA ARG G 22 3.76 12.25 22.22
C ARG G 22 4.56 13.37 22.87
N ARG G 23 5.20 14.20 22.05
CA ARG G 23 6.04 15.28 22.56
C ARG G 23 5.20 16.40 23.17
N VAL G 24 4.04 16.65 22.58
CA VAL G 24 3.14 17.67 23.10
C VAL G 24 2.59 17.27 24.46
N LEU G 25 2.15 16.02 24.58
CA LEU G 25 1.56 15.53 25.82
C LEU G 25 2.56 15.48 26.97
N PHE G 26 3.80 15.07 26.68
CA PHE G 26 4.84 15.03 27.70
C PHE G 26 5.20 16.44 28.18
N ALA G 27 5.18 17.41 27.27
CA ALA G 27 5.51 18.79 27.61
C ALA G 27 4.45 19.40 28.54
N GLN G 28 3.20 19.04 28.31
CA GLN G 28 2.08 19.59 29.09
C GLN G 28 1.98 18.94 30.46
N LEU G 29 2.38 17.68 30.56
CA LEU G 29 2.22 16.93 31.79
C LEU G 29 3.55 16.74 32.50
N ARG G 30 4.52 17.59 32.17
CA ARG G 30 5.82 17.56 32.80
C ARG G 30 5.67 17.75 34.31
N ASP G 31 4.84 18.71 34.68
CA ASP G 31 4.64 19.06 36.09
C ASP G 31 3.94 17.93 36.84
N ALA G 32 2.98 17.28 36.18
CA ALA G 32 2.21 16.20 36.79
C ALA G 32 3.12 15.01 37.11
N ILE G 33 4.10 14.78 36.26
CA ILE G 33 5.05 13.68 36.45
C ILE G 33 5.99 13.95 37.63
N LYS G 34 6.55 15.15 37.68
CA LYS G 34 7.48 15.51 38.75
C LYS G 34 6.77 15.53 40.10
N SER G 35 5.50 15.91 40.09
CA SER G 35 4.71 15.94 41.31
C SER G 35 4.43 14.53 41.83
N GLY G 36 4.38 13.57 40.91
CA GLY G 36 4.17 12.18 41.27
C GLY G 36 2.73 11.76 41.06
N GLU G 37 1.93 12.66 40.50
CA GLU G 37 0.53 12.37 40.21
C GLU G 37 0.45 11.40 39.03
N LEU G 38 1.46 11.47 38.16
CA LEU G 38 1.56 10.56 37.02
C LEU G 38 3.00 10.10 36.85
N SER G 39 3.17 8.97 36.18
CA SER G 39 4.48 8.45 35.85
C SER G 39 4.74 8.59 34.35
N ASN G 40 6.00 8.45 33.94
CA ASN G 40 6.35 8.48 32.53
C ASN G 40 5.65 7.37 31.77
N LYS G 41 5.45 6.25 32.43
CA LYS G 41 4.75 5.11 31.85
C LYS G 41 3.29 5.44 31.55
N ASP G 42 2.65 6.14 32.49
CA ASP G 42 1.25 6.52 32.36
C ASP G 42 1.06 7.44 31.15
N VAL G 43 1.98 8.38 30.97
CA VAL G 43 1.91 9.35 29.89
C VAL G 43 2.19 8.70 28.54
N ALA G 44 3.21 7.84 28.51
CA ALA G 44 3.59 7.14 27.29
C ALA G 44 2.46 6.23 26.83
N MET G 45 1.79 5.60 27.80
CA MET G 45 0.65 4.75 27.51
C MET G 45 -0.50 5.59 26.96
N ALA G 46 -0.64 6.81 27.49
CA ALA G 46 -1.72 7.68 27.05
C ALA G 46 -1.54 8.14 25.62
N ALA G 47 -0.34 8.59 25.29
CA ALA G 47 -0.04 9.04 23.94
C ALA G 47 -0.07 7.87 22.95
N GLY G 48 0.42 6.72 23.38
CA GLY G 48 0.45 5.54 22.53
C GLY G 48 -0.94 5.03 22.23
N ASN G 49 -1.80 5.03 23.24
CA ASN G 49 -3.17 4.59 23.08
C ASN G 49 -3.97 5.58 22.22
N LEU G 50 -3.67 6.87 22.38
CA LEU G 50 -4.30 7.90 21.56
C LEU G 50 -3.85 7.78 20.11
N ASN G 51 -2.55 7.57 19.91
CA ASN G 51 -1.99 7.40 18.59
C ASN G 51 -2.53 6.15 17.89
N ARG G 52 -2.80 5.11 18.67
CA ARG G 52 -3.40 3.88 18.16
C ARG G 52 -4.77 4.18 17.58
N VAL G 53 -5.52 5.01 18.31
CA VAL G 53 -6.86 5.42 17.89
C VAL G 53 -6.80 6.31 16.65
N LEU G 54 -5.89 7.27 16.66
CA LEU G 54 -5.74 8.21 15.56
C LEU G 54 -5.29 7.53 14.27
N PHE G 55 -4.58 6.41 14.40
CA PHE G 55 -4.09 5.69 13.23
C PHE G 55 -5.22 5.12 12.39
N GLU G 56 -6.24 4.56 13.06
CA GLU G 56 -7.39 4.02 12.36
C GLU G 56 -8.19 5.11 11.65
N LEU G 57 -8.34 6.25 12.32
CA LEU G 57 -9.10 7.37 11.77
C LEU G 57 -8.43 7.97 10.54
N LEU G 58 -7.13 8.24 10.63
CA LEU G 58 -6.42 8.94 9.57
C LEU G 58 -6.17 8.06 8.34
N VAL G 59 -5.74 6.82 8.57
CA VAL G 59 -5.34 5.95 7.48
C VAL G 59 -6.53 5.24 6.83
N ASN G 60 -7.45 4.73 7.66
CA ASN G 60 -8.60 3.98 7.16
C ASN G 60 -9.87 4.80 6.91
N LYS G 61 -10.27 5.60 7.89
CA LYS G 61 -11.55 6.31 7.78
C LYS G 61 -11.42 7.53 6.88
N LEU G 62 -10.35 8.29 7.06
CA LEU G 62 -10.13 9.51 6.27
C LEU G 62 -9.28 9.22 5.06
N LYS G 63 -8.67 8.03 5.05
CA LYS G 63 -7.83 7.56 3.96
C LYS G 63 -6.73 8.57 3.62
N ALA G 64 -6.03 9.02 4.65
CA ALA G 64 -4.97 10.02 4.49
C ALA G 64 -3.64 9.43 4.04
N ASP G 65 -3.01 10.09 3.07
CA ASP G 65 -1.67 9.73 2.62
C ASP G 65 -0.63 10.15 3.65
N LYS G 66 0.51 9.47 3.65
CA LYS G 66 1.56 9.72 4.64
C LYS G 66 2.27 11.04 4.39
N LEU G 67 2.04 11.62 3.22
CA LEU G 67 2.67 12.89 2.86
C LEU G 67 1.68 14.05 2.91
N ASP G 68 0.48 13.79 3.41
CA ASP G 68 -0.52 14.84 3.58
C ASP G 68 -0.24 15.63 4.86
N VAL G 69 -1.03 16.67 5.10
CA VAL G 69 -0.87 17.49 6.29
C VAL G 69 -2.12 17.39 7.15
N VAL G 70 -1.93 17.10 8.43
CA VAL G 70 -3.05 17.01 9.37
C VAL G 70 -2.87 17.96 10.55
N ARG G 71 -3.98 18.30 11.19
CA ARG G 71 -3.96 19.05 12.44
C ARG G 71 -4.96 18.41 13.37
N ILE G 72 -4.49 17.92 14.51
CA ILE G 72 -5.32 17.15 15.43
C ILE G 72 -5.40 17.83 16.79
N GLN G 73 -6.58 17.87 17.38
CA GLN G 73 -6.72 18.35 18.74
C GLN G 73 -7.77 17.58 19.53
N ILE G 74 -7.57 17.48 20.84
CA ILE G 74 -8.49 16.77 21.72
C ILE G 74 -8.32 17.23 23.17
N ASP G 75 -9.43 17.42 23.88
CA ASP G 75 -9.39 17.77 25.29
C ASP G 75 -9.11 16.53 26.13
N TYR G 76 -8.49 16.71 27.28
CA TYR G 76 -8.21 15.60 28.18
C TYR G 76 -8.30 16.05 29.64
N GLU G 77 -8.48 15.07 30.52
CA GLU G 77 -8.60 15.33 31.95
C GLU G 77 -7.63 14.48 32.76
N VAL G 78 -7.02 15.08 33.78
CA VAL G 78 -6.20 14.30 34.70
C VAL G 78 -6.87 14.32 36.07
N ARG G 79 -7.50 13.20 36.43
CA ARG G 79 -8.19 13.09 37.71
C ARG G 79 -7.77 11.82 38.44
N ASP G 80 -7.27 11.98 39.66
CA ASP G 80 -6.89 10.85 40.50
C ASP G 80 -5.90 9.93 39.80
N SER G 81 -4.78 10.49 39.38
CA SER G 81 -3.69 9.72 38.76
C SER G 81 -4.17 8.97 37.53
N GLN G 82 -5.03 9.60 36.73
CA GLN G 82 -5.58 8.97 35.55
C GLN G 82 -5.77 9.99 34.43
N ILE G 83 -5.40 9.60 33.21
CA ILE G 83 -5.59 10.47 32.05
C ILE G 83 -6.78 9.99 31.23
N GLN G 84 -7.72 10.90 30.99
CA GLN G 84 -8.94 10.56 30.27
C GLN G 84 -9.18 11.51 29.12
N PHE G 85 -9.25 10.98 27.90
CA PHE G 85 -9.53 11.81 26.74
C PHE G 85 -11.04 11.95 26.53
N ASP G 86 -11.47 13.14 26.16
CA ASP G 86 -12.87 13.38 25.80
C ASP G 86 -12.96 13.41 24.29
N PHE G 87 -13.35 12.28 23.70
CA PHE G 87 -13.31 12.14 22.25
C PHE G 87 -14.42 12.94 21.56
N SER G 88 -15.33 13.50 22.34
CA SER G 88 -16.35 14.40 21.81
C SER G 88 -15.71 15.72 21.41
N THR G 89 -14.52 15.96 21.94
CA THR G 89 -13.80 17.20 21.69
C THR G 89 -12.75 16.98 20.60
N LEU G 90 -12.68 15.75 20.08
CA LEU G 90 -11.71 15.43 19.03
C LEU G 90 -12.03 16.18 17.75
N ARG G 91 -11.04 16.89 17.23
CA ARG G 91 -11.17 17.60 15.97
C ARG G 91 -9.99 17.25 15.08
N VAL G 92 -10.27 16.92 13.83
CA VAL G 92 -9.22 16.57 12.90
C VAL G 92 -9.39 17.32 11.58
N GLU G 93 -8.35 18.03 11.18
CA GLU G 93 -8.35 18.75 9.91
C GLU G 93 -7.39 18.05 8.95
N LEU G 94 -7.72 18.09 7.66
CA LEU G 94 -6.92 17.38 6.67
C LEU G 94 -6.62 18.23 5.45
N TRP G 95 -5.36 18.23 5.05
CA TRP G 95 -4.93 18.87 3.82
C TRP G 95 -4.29 17.83 2.94
N ARG G 96 -4.80 17.68 1.73
CA ARG G 96 -4.31 16.67 0.81
C ARG G 96 -3.23 17.20 -0.13
N ARG G 97 -2.18 16.41 -0.30
CA ARG G 97 -0.98 16.83 -1.00
C ARG G 97 -1.15 17.07 -2.49
N VAL G 98 -0.67 18.22 -2.95
CA VAL G 98 -0.53 18.52 -4.36
C VAL G 98 0.86 18.11 -4.83
N PRO G 99 0.93 17.18 -5.79
CA PRO G 99 2.21 16.66 -6.28
C PRO G 99 3.14 17.75 -6.79
N GLU G 100 4.42 17.63 -6.46
CA GLU G 100 5.44 18.60 -6.84
C GLU G 100 5.61 18.64 -8.36
N GLU G 101 5.41 17.49 -8.99
CA GLU G 101 5.56 17.35 -10.44
C GLU G 101 4.51 18.14 -11.20
N GLU G 102 3.47 18.58 -10.49
CA GLU G 102 2.31 19.18 -11.13
C GLU G 102 2.23 20.71 -11.07
N ILE G 103 2.96 21.30 -10.14
CA ILE G 103 2.91 22.74 -9.92
C ILE G 103 4.22 23.34 -10.39
N ALA G 104 5.28 22.55 -10.32
CA ALA G 104 6.64 22.98 -10.67
C ALA G 104 6.73 23.69 -12.03
N PRO G 105 6.03 23.18 -13.07
CA PRO G 105 6.15 23.95 -14.31
C PRO G 105 5.57 25.36 -14.19
N ILE G 106 4.51 25.52 -13.40
CA ILE G 106 3.91 26.83 -13.17
C ILE G 106 4.82 27.70 -12.31
N VAL G 107 5.42 27.08 -11.29
CA VAL G 107 6.34 27.79 -10.40
C VAL G 107 7.60 28.21 -11.17
N GLU G 108 8.12 27.32 -12.01
CA GLU G 108 9.32 27.62 -12.78
C GLU G 108 9.10 28.76 -13.78
N ASP G 109 7.96 28.76 -14.46
CA ASP G 109 7.66 29.85 -15.42
C ASP G 109 7.46 31.17 -14.68
N PHE G 110 6.78 31.12 -13.54
CA PHE G 110 6.54 32.33 -12.76
C PHE G 110 7.85 32.88 -12.21
N ALA G 111 8.77 31.98 -11.87
CA ALA G 111 10.04 32.38 -11.29
C ALA G 111 10.88 33.17 -12.28
N ARG G 112 10.61 32.98 -13.57
CA ARG G 112 11.33 33.67 -14.63
C ARG G 112 10.85 35.10 -14.76
N ALA G 113 9.58 35.32 -14.44
CA ALA G 113 8.97 36.64 -14.58
C ALA G 113 9.08 37.42 -13.29
N ALA G 114 9.56 36.75 -12.25
CA ALA G 114 9.61 37.34 -10.92
C ALA G 114 10.55 38.56 -10.81
N PRO G 115 11.76 38.49 -11.41
CA PRO G 115 12.62 39.67 -11.28
C PRO G 115 12.06 40.89 -12.00
N ARG G 116 11.23 40.66 -13.02
CA ARG G 116 10.55 41.71 -13.73
C ARG G 116 9.43 42.28 -12.87
N LEU G 117 8.71 41.39 -12.19
CA LEU G 117 7.60 41.78 -11.32
C LEU G 117 8.11 42.63 -10.15
N LEU G 118 9.36 42.40 -9.77
CA LEU G 118 10.00 43.12 -8.67
C LEU G 118 10.24 44.59 -9.00
N GLU G 119 10.25 44.91 -10.29
CA GLU G 119 10.51 46.28 -10.74
C GLU G 119 9.18 47.03 -10.81
N GLU G 120 8.11 46.30 -11.09
CA GLU G 120 6.78 46.87 -11.24
C GLU G 120 6.29 47.51 -9.94
N GLU G 121 5.62 48.66 -10.05
CA GLU G 121 4.99 49.29 -8.90
C GLU G 121 3.62 48.66 -8.65
N ILE G 122 3.24 48.53 -7.37
CA ILE G 122 1.98 47.87 -6.99
C ILE G 122 0.78 48.80 -7.15
N ARG G 123 0.26 48.92 -8.36
CA ARG G 123 -0.92 49.76 -8.61
C ARG G 123 -2.09 49.40 -7.69
N PHE G 124 -2.51 50.38 -6.89
CA PHE G 124 -3.68 50.24 -6.03
C PHE G 124 -4.82 51.12 -6.50
N THR G 125 -6.03 50.82 -6.05
CA THR G 125 -7.16 51.70 -6.29
C THR G 125 -7.85 51.98 -4.96
N VAL G 126 -8.57 53.09 -4.90
CA VAL G 126 -9.24 53.48 -3.66
C VAL G 126 -10.69 53.87 -3.92
N GLU G 127 -11.49 53.88 -2.86
CA GLU G 127 -12.86 54.35 -2.96
C GLU G 127 -13.28 55.02 -1.65
N LYS G 128 -13.90 56.18 -1.76
CA LYS G 128 -14.36 56.94 -0.61
C LYS G 128 -15.43 56.16 0.16
N VAL G 129 -15.26 56.06 1.48
CA VAL G 129 -16.19 55.31 2.32
C VAL G 129 -17.13 56.29 3.01
N GLY G 130 -16.58 57.41 3.45
CA GLY G 130 -17.34 58.45 4.11
C GLY G 130 -16.44 59.49 4.71
N GLU G 131 -17.00 60.40 5.50
CA GLU G 131 -16.22 61.41 6.17
C GLU G 131 -16.40 61.31 7.68
N THR G 132 -15.36 61.69 8.43
CA THR G 132 -15.43 61.63 9.89
C THR G 132 -16.13 62.86 10.44
N ASP G 133 -16.32 62.87 11.76
CA ASP G 133 -17.01 63.94 12.45
C ASP G 133 -16.28 65.28 12.32
N VAL G 134 -14.95 65.21 12.29
CA VAL G 134 -14.13 66.42 12.22
C VAL G 134 -13.64 66.70 10.80
N GLY G 135 -14.15 65.93 9.83
CA GLY G 135 -13.89 66.22 8.43
C GLY G 135 -12.74 65.48 7.77
N ASP G 136 -12.31 64.36 8.34
CA ASP G 136 -11.32 63.52 7.70
C ASP G 136 -11.97 62.71 6.57
N VAL G 137 -11.19 62.40 5.54
CA VAL G 137 -11.70 61.60 4.44
C VAL G 137 -11.14 60.18 4.52
N VAL G 138 -12.03 59.20 4.54
CA VAL G 138 -11.61 57.80 4.69
C VAL G 138 -11.83 57.02 3.40
N TYR G 139 -10.78 56.34 2.94
CA TYR G 139 -10.88 55.54 1.73
C TYR G 139 -10.68 54.07 2.02
N ARG G 140 -11.29 53.23 1.21
CA ARG G 140 -11.04 51.80 1.23
C ARG G 140 -10.03 51.52 0.14
N ILE G 141 -8.92 50.86 0.49
CA ILE G 141 -7.88 50.58 -0.50
C ILE G 141 -8.05 49.19 -1.08
N MET G 142 -7.97 49.10 -2.39
CA MET G 142 -8.18 47.84 -3.10
C MET G 142 -7.02 47.46 -4.00
N TYR G 143 -6.83 46.17 -4.21
CA TYR G 143 -5.83 45.69 -5.16
C TYR G 143 -6.49 44.73 -6.13
N ARG G 144 -6.57 45.17 -7.39
CA ARG G 144 -7.30 44.44 -8.43
C ARG G 144 -8.75 44.16 -8.03
N GLY G 145 -9.39 45.18 -7.45
CA GLY G 145 -10.80 45.14 -7.10
C GLY G 145 -11.19 44.53 -5.77
N SER G 146 -10.24 43.91 -5.08
CA SER G 146 -10.53 43.33 -3.78
C SER G 146 -10.02 44.22 -2.65
N ASP G 147 -10.79 44.32 -1.58
CA ASP G 147 -10.43 45.15 -0.44
C ASP G 147 -9.22 44.55 0.27
N VAL G 148 -8.19 45.37 0.49
CA VAL G 148 -6.96 44.90 1.13
C VAL G 148 -6.49 45.84 2.24
N GLY G 149 -7.10 47.01 2.34
CA GLY G 149 -6.70 47.96 3.36
C GLY G 149 -7.58 49.20 3.43
N ALA G 150 -7.13 50.19 4.19
CA ALA G 150 -7.88 51.42 4.38
C ALA G 150 -6.93 52.61 4.44
N LEU G 151 -7.46 53.80 4.22
CA LEU G 151 -6.63 55.01 4.21
C LEU G 151 -7.41 56.20 4.74
N ILE G 152 -6.72 57.05 5.50
CA ILE G 152 -7.36 58.22 6.08
C ILE G 152 -6.60 59.49 5.70
N VAL G 153 -7.34 60.50 5.26
CA VAL G 153 -6.76 61.78 4.88
C VAL G 153 -7.36 62.89 5.71
N THR G 154 -6.50 63.68 6.33
CA THR G 154 -6.95 64.82 7.13
C THR G 154 -6.61 66.08 6.37
N PRO G 155 -7.66 66.76 5.86
CA PRO G 155 -7.47 67.97 5.04
C PRO G 155 -7.03 69.14 5.90
N LEU G 156 -6.11 69.94 5.36
CA LEU G 156 -5.57 71.09 6.06
C LEU G 156 -5.81 72.33 5.20
N ASN G 157 -5.00 73.36 5.37
CA ASN G 157 -5.11 74.53 4.51
C ASN G 157 -4.19 74.40 3.29
N GLY G 158 -4.73 73.83 2.22
CA GLY G 158 -3.99 73.61 1.00
C GLY G 158 -3.13 72.36 1.03
N GLU G 159 -3.13 71.68 2.17
CA GLU G 159 -2.33 70.47 2.36
C GLU G 159 -3.16 69.38 3.04
N ALA G 160 -2.67 68.15 3.01
CA ALA G 160 -3.32 67.04 3.71
C ALA G 160 -2.30 66.13 4.39
N LEU G 161 -2.75 65.45 5.44
CA LEU G 161 -1.94 64.43 6.09
C LEU G 161 -2.46 63.05 5.70
N VAL G 162 -1.57 62.19 5.23
CA VAL G 162 -1.99 60.88 4.77
C VAL G 162 -1.42 59.73 5.60
N ARG G 163 -2.31 58.85 6.01
CA ARG G 163 -1.95 57.62 6.72
C ARG G 163 -2.80 56.48 6.20
N GLY G 164 -2.24 55.28 6.18
CA GLY G 164 -2.97 54.12 5.72
C GLY G 164 -2.15 52.85 5.84
N ALA G 165 -2.77 51.74 5.46
CA ALA G 165 -2.12 50.43 5.51
C ALA G 165 -2.83 49.48 4.59
N VAL G 166 -2.07 48.57 3.98
CA VAL G 166 -2.66 47.50 3.18
C VAL G 166 -2.17 46.16 3.72
N VAL G 167 -2.96 45.12 3.48
CA VAL G 167 -2.63 43.79 3.97
C VAL G 167 -2.03 42.95 2.83
N GLU G 168 -2.59 43.14 1.64
CA GLU G 168 -2.15 42.41 0.45
C GLU G 168 -1.80 43.42 -0.65
N PRO G 169 -0.92 43.04 -1.60
CA PRO G 169 -0.25 41.75 -1.76
C PRO G 169 0.86 41.53 -0.72
N THR G 170 1.21 42.59 -0.01
CA THR G 170 2.14 42.48 1.10
C THR G 170 1.80 43.54 2.15
N PRO G 171 1.91 43.18 3.44
CA PRO G 171 1.55 44.12 4.51
C PRO G 171 2.39 45.39 4.48
N LEU G 172 1.76 46.53 4.21
CA LEU G 172 2.47 47.79 4.17
C LEU G 172 1.81 48.82 5.08
N LEU G 173 2.63 49.66 5.70
CA LEU G 173 2.14 50.73 6.54
C LEU G 173 2.62 52.08 6.04
N LEU G 174 1.67 52.94 5.66
CA LEU G 174 1.99 54.28 5.19
C LEU G 174 2.08 55.25 6.36
N LYS G 175 3.31 55.64 6.70
CA LYS G 175 3.55 56.57 7.79
C LYS G 175 2.98 57.95 7.49
N ARG G 176 2.69 58.71 8.54
CA ARG G 176 2.17 60.08 8.41
C ARG G 176 3.01 60.97 7.48
N THR G 177 2.41 61.36 6.36
CA THR G 177 3.10 62.12 5.32
C THR G 177 2.33 63.39 4.95
N ARG G 178 3.04 64.51 4.84
CA ARG G 178 2.40 65.77 4.46
C ARG G 178 2.63 66.07 2.97
N VAL G 179 1.53 66.39 2.27
CA VAL G 179 1.57 66.64 0.82
C VAL G 179 0.77 67.88 0.41
N GLN G 180 1.06 68.37 -0.80
CA GLN G 180 0.40 69.55 -1.37
C GLN G 180 -0.85 69.21 -2.19
N VAL G 181 -2.03 69.46 -1.63
CA VAL G 181 -3.28 69.14 -2.34
C VAL G 181 -4.43 70.08 -1.97
N GLU G 182 -5.17 70.52 -2.98
CA GLU G 182 -6.37 71.32 -2.75
C GLU G 182 -7.52 70.41 -2.33
N ALA G 183 -8.38 70.90 -1.45
CA ALA G 183 -9.45 70.08 -0.87
C ALA G 183 -10.37 69.44 -1.91
N ASP G 184 -10.55 70.11 -3.04
CA ASP G 184 -11.41 69.60 -4.11
C ASP G 184 -10.79 68.44 -4.87
N ARG G 185 -9.46 68.39 -4.88
CA ARG G 185 -8.75 67.40 -5.67
C ARG G 185 -8.25 66.26 -4.80
N ILE G 186 -8.64 66.28 -3.53
CA ILE G 186 -8.25 65.24 -2.59
C ILE G 186 -8.70 63.90 -3.14
N ASP G 187 -9.98 63.82 -3.52
CA ASP G 187 -10.55 62.60 -4.05
C ASP G 187 -9.77 62.15 -5.27
N ASP G 188 -9.35 63.11 -6.08
CA ASP G 188 -8.52 62.84 -7.26
C ASP G 188 -7.05 62.61 -6.92
N PHE G 189 -6.51 63.37 -5.96
CA PHE G 189 -5.10 63.25 -5.58
C PHE G 189 -4.79 61.86 -5.04
N VAL G 190 -5.68 61.34 -4.20
CA VAL G 190 -5.49 60.03 -3.61
C VAL G 190 -5.39 59.01 -4.73
N ARG G 191 -6.26 59.14 -5.72
CA ARG G 191 -6.29 58.21 -6.85
C ARG G 191 -5.07 58.29 -7.74
N GLU G 192 -4.39 59.43 -7.76
CA GLU G 192 -3.24 59.61 -8.63
C GLU G 192 -1.92 59.24 -7.93
N SER G 193 -1.95 59.19 -6.61
CA SER G 193 -0.70 59.06 -5.84
C SER G 193 -0.67 57.88 -4.86
N VAL G 194 -1.79 57.17 -4.73
CA VAL G 194 -1.88 56.11 -3.72
C VAL G 194 -0.86 55.00 -3.97
N SER G 195 -0.66 54.66 -5.24
CA SER G 195 0.27 53.60 -5.59
C SER G 195 1.71 54.06 -5.36
N ARG G 196 1.95 55.36 -5.57
CA ARG G 196 3.29 55.92 -5.41
C ARG G 196 3.64 56.07 -3.93
N LEU G 197 2.63 56.39 -3.12
CA LEU G 197 2.84 56.54 -1.68
C LEU G 197 3.20 55.22 -1.01
N PHE G 198 2.54 54.14 -1.42
CA PHE G 198 2.78 52.84 -0.80
C PHE G 198 4.03 52.17 -1.37
N SER G 199 4.64 52.81 -2.37
CA SER G 199 5.91 52.33 -2.91
C SER G 199 7.02 52.69 -1.94
N GLU G 200 6.71 53.60 -1.02
CA GLU G 200 7.67 54.07 -0.03
C GLU G 200 7.18 53.76 1.38
N ALA G 201 6.22 52.85 1.47
CA ALA G 201 5.64 52.49 2.76
C ALA G 201 6.55 51.51 3.50
N GLN G 202 6.30 51.31 4.79
CA GLN G 202 7.12 50.39 5.56
C GLN G 202 6.61 48.97 5.41
N ASN G 203 7.54 48.04 5.21
CA ASN G 203 7.20 46.63 5.20
C ASN G 203 7.06 46.12 6.61
N VAL G 204 5.83 45.76 7.00
CA VAL G 204 5.55 45.34 8.36
C VAL G 204 4.86 43.99 8.42
N GLU G 205 4.50 43.56 9.62
CA GLU G 205 3.75 42.33 9.80
C GLU G 205 2.28 42.57 9.49
N LYS G 206 1.58 41.51 9.11
CA LYS G 206 0.17 41.58 8.73
C LYS G 206 -0.69 42.17 9.85
N ARG G 207 -0.40 41.76 11.08
CA ARG G 207 -1.19 42.17 12.24
C ARG G 207 -1.09 43.66 12.50
N GLU G 208 0.05 44.26 12.16
CA GLU G 208 0.24 45.70 12.31
C GLU G 208 -0.66 46.43 11.33
N ALA G 209 -0.65 45.96 10.08
CA ALA G 209 -1.46 46.56 9.03
C ALA G 209 -2.95 46.36 9.31
N VAL G 210 -3.32 45.17 9.77
CA VAL G 210 -4.72 44.85 10.05
C VAL G 210 -5.33 45.79 11.09
N ARG G 211 -4.60 46.07 12.16
CA ARG G 211 -5.11 46.93 13.22
C ARG G 211 -5.25 48.38 12.76
N VAL G 212 -4.30 48.86 11.96
CA VAL G 212 -4.38 50.22 11.45
C VAL G 212 -5.61 50.35 10.54
N VAL G 213 -5.84 49.32 9.73
CA VAL G 213 -7.01 49.27 8.85
C VAL G 213 -8.32 49.34 9.64
N ASN G 214 -8.41 48.53 10.70
CA ASN G 214 -9.60 48.51 11.54
C ASN G 214 -9.82 49.81 12.30
N GLU G 215 -8.72 50.45 12.70
CA GLU G 215 -8.79 51.73 13.41
C GLU G 215 -9.39 52.82 12.52
N ILE G 216 -8.96 52.85 11.27
CA ILE G 216 -9.43 53.84 10.32
C ILE G 216 -10.91 53.58 9.99
N LEU G 217 -11.26 52.31 9.81
CA LEU G 217 -12.64 51.94 9.48
C LEU G 217 -13.60 52.13 10.66
N SER G 218 -13.07 52.10 11.87
CA SER G 218 -13.88 52.26 13.07
C SER G 218 -14.43 53.68 13.20
N LEU G 219 -13.74 54.63 12.55
CA LEU G 219 -14.11 56.04 12.60
C LEU G 219 -15.42 56.32 11.86
N VAL G 220 -15.96 55.30 11.19
CA VAL G 220 -17.24 55.43 10.50
C VAL G 220 -18.35 54.94 11.42
N LYS G 221 -17.97 54.23 12.49
CA LYS G 221 -18.95 53.69 13.43
C LYS G 221 -19.02 54.54 14.70
N GLY H 1 -11.72 19.22 40.96
CA GLY H 1 -10.36 18.80 41.27
C GLY H 1 -9.59 18.36 40.04
N ALA H 2 -10.17 18.59 38.87
CA ALA H 2 -9.52 18.24 37.62
C ALA H 2 -8.33 19.16 37.35
N MET H 3 -7.43 18.72 36.48
CA MET H 3 -6.24 19.49 36.14
C MET H 3 -6.62 20.74 35.34
N LEU H 4 -5.85 21.80 35.49
CA LEU H 4 -6.15 23.06 34.81
C LEU H 4 -5.16 23.28 33.68
N PRO H 5 -5.59 24.06 32.67
CA PRO H 5 -4.65 24.46 31.60
C PRO H 5 -3.50 25.27 32.18
N THR H 6 -2.32 25.14 31.57
CA THR H 6 -1.15 25.87 32.03
C THR H 6 -0.61 26.72 30.88
N LEU H 7 -0.40 28.01 31.14
CA LEU H 7 0.21 28.86 30.14
C LEU H 7 1.71 28.69 30.25
N ARG H 8 2.33 28.16 29.21
CA ARG H 8 3.78 27.94 29.22
C ARG H 8 4.45 28.67 28.05
N THR H 9 5.49 29.42 28.37
CA THR H 9 6.21 30.20 27.37
C THR H 9 7.39 29.44 26.77
N GLY H 10 8.01 28.59 27.57
CA GLY H 10 9.25 27.95 27.15
C GLY H 10 10.39 28.96 27.26
N LEU H 11 11.54 28.62 26.69
CA LEU H 11 12.67 29.54 26.71
C LEU H 11 12.41 30.76 25.82
N VAL H 12 12.59 31.95 26.37
CA VAL H 12 12.41 33.19 25.62
C VAL H 12 13.28 34.30 26.20
N ILE H 13 13.81 35.15 25.32
CA ILE H 13 14.56 36.32 25.76
C ILE H 13 13.62 37.23 26.54
N ALA H 14 14.08 37.72 27.69
CA ALA H 14 13.25 38.48 28.61
C ALA H 14 12.56 39.69 27.95
N ALA H 15 13.20 40.23 26.93
CA ALA H 15 12.66 41.40 26.24
C ALA H 15 11.38 41.06 25.47
N GLY H 16 11.17 39.77 25.20
CA GLY H 16 10.05 39.35 24.38
C GLY H 16 9.09 38.39 25.05
N TYR H 17 9.04 38.41 26.38
CA TYR H 17 8.14 37.50 27.09
C TYR H 17 6.69 37.91 26.88
N ALA H 18 6.47 39.22 26.77
CA ALA H 18 5.12 39.76 26.71
C ALA H 18 4.39 39.33 25.44
N ASP H 19 5.05 39.46 24.30
CA ASP H 19 4.48 39.08 23.03
C ASP H 19 4.41 37.55 22.93
N LYS H 20 5.24 36.88 23.73
CA LYS H 20 5.25 35.42 23.80
C LYS H 20 4.04 34.89 24.58
N VAL H 21 3.77 35.50 25.73
CA VAL H 21 2.62 35.16 26.55
C VAL H 21 1.34 35.43 25.77
N ARG H 22 1.34 36.52 25.02
CA ARG H 22 0.17 36.94 24.25
C ARG H 22 -0.19 35.95 23.15
N ARG H 23 0.82 35.50 22.41
CA ARG H 23 0.59 34.59 21.29
C ARG H 23 0.18 33.21 21.77
N VAL H 24 0.78 32.76 22.87
CA VAL H 24 0.47 31.46 23.45
C VAL H 24 -0.94 31.43 24.01
N LEU H 25 -1.32 32.48 24.74
CA LEU H 25 -2.64 32.55 25.36
C LEU H 25 -3.74 32.57 24.31
N PHE H 26 -3.52 33.31 23.22
CA PHE H 26 -4.46 33.32 22.12
C PHE H 26 -4.52 31.95 21.44
N ALA H 27 -3.38 31.27 21.37
CA ALA H 27 -3.31 29.95 20.76
C ALA H 27 -4.10 28.93 21.58
N GLN H 28 -4.03 29.05 22.90
CA GLN H 28 -4.72 28.12 23.79
C GLN H 28 -6.21 28.44 23.89
N LEU H 29 -6.56 29.71 23.72
CA LEU H 29 -7.95 30.14 23.91
C LEU H 29 -8.59 30.44 22.56
N ARG H 30 -8.02 29.86 21.51
CA ARG H 30 -8.51 30.01 20.15
C ARG H 30 -9.96 29.56 20.04
N ASP H 31 -10.23 28.39 20.62
CA ASP H 31 -11.54 27.77 20.55
C ASP H 31 -12.61 28.52 21.35
N ALA H 32 -12.22 29.03 22.53
CA ALA H 32 -13.14 29.76 23.39
C ALA H 32 -13.64 31.03 22.72
N ILE H 33 -12.76 31.66 21.95
CA ILE H 33 -13.11 32.88 21.23
C ILE H 33 -14.08 32.54 20.10
N LYS H 34 -13.77 31.49 19.36
CA LYS H 34 -14.58 31.07 18.22
C LYS H 34 -15.97 30.58 18.65
N SER H 35 -16.03 29.94 19.80
CA SER H 35 -17.30 29.44 20.33
C SER H 35 -18.18 30.57 20.84
N GLY H 36 -17.54 31.66 21.28
CA GLY H 36 -18.27 32.81 21.79
C GLY H 36 -18.27 32.93 23.29
N GLU H 37 -17.56 32.02 23.96
CA GLU H 37 -17.45 32.07 25.42
C GLU H 37 -16.57 33.24 25.84
N LEU H 38 -15.65 33.62 24.95
CA LEU H 38 -14.77 34.75 25.22
C LEU H 38 -14.66 35.63 23.98
N SER H 39 -14.24 36.87 24.21
CA SER H 39 -13.97 37.81 23.13
C SER H 39 -12.47 38.01 23.01
N ASN H 40 -12.03 38.58 21.90
CA ASN H 40 -10.62 38.92 21.74
C ASN H 40 -10.19 39.92 22.80
N LYS H 41 -11.13 40.77 23.22
CA LYS H 41 -10.85 41.76 24.25
C LYS H 41 -10.54 41.08 25.58
N ASP H 42 -11.30 40.03 25.91
CA ASP H 42 -11.11 39.29 27.16
C ASP H 42 -9.72 38.66 27.22
N VAL H 43 -9.29 38.07 26.11
CA VAL H 43 -8.00 37.40 26.06
C VAL H 43 -6.86 38.42 26.06
N ALA H 44 -7.02 39.48 25.28
CA ALA H 44 -6.01 40.52 25.20
C ALA H 44 -5.82 41.22 26.53
N MET H 45 -6.93 41.47 27.23
CA MET H 45 -6.88 42.10 28.54
C MET H 45 -6.23 41.16 29.55
N ALA H 46 -6.47 39.85 29.38
CA ALA H 46 -5.91 38.86 30.30
C ALA H 46 -4.39 38.78 30.16
N ALA H 47 -3.90 38.72 28.93
CA ALA H 47 -2.47 38.66 28.68
C ALA H 47 -1.77 39.95 29.09
N GLY H 48 -2.44 41.09 28.84
CA GLY H 48 -1.88 42.39 29.16
C GLY H 48 -1.71 42.61 30.64
N ASN H 49 -2.71 42.18 31.42
CA ASN H 49 -2.66 42.31 32.87
C ASN H 49 -1.59 41.40 33.46
N LEU H 50 -1.43 40.21 32.88
CA LEU H 50 -0.40 39.28 33.31
C LEU H 50 0.98 39.85 33.00
N ASN H 51 1.12 40.43 31.81
CA ASN H 51 2.39 41.04 31.42
C ASN H 51 2.73 42.21 32.34
N ARG H 52 1.71 42.92 32.81
CA ARG H 52 1.91 44.00 33.75
C ARG H 52 2.47 43.45 35.05
N VAL H 53 1.90 42.33 35.49
CA VAL H 53 2.31 41.67 36.72
C VAL H 53 3.74 41.12 36.57
N LEU H 54 4.01 40.48 35.44
CA LEU H 54 5.33 39.91 35.20
C LEU H 54 6.39 40.99 35.07
N PHE H 55 5.99 42.18 34.65
CA PHE H 55 6.95 43.27 34.50
C PHE H 55 7.54 43.68 35.84
N GLU H 56 6.70 43.78 36.86
CA GLU H 56 7.17 44.14 38.20
C GLU H 56 8.08 43.06 38.77
N LEU H 57 7.71 41.80 38.57
CA LEU H 57 8.52 40.69 39.08
C LEU H 57 9.87 40.59 38.39
N LEU H 58 9.85 40.61 37.06
CA LEU H 58 11.06 40.37 36.28
C LEU H 58 11.99 41.58 36.26
N VAL H 59 11.43 42.77 36.05
CA VAL H 59 12.24 43.96 35.88
C VAL H 59 12.62 44.59 37.21
N ASN H 60 11.67 44.65 38.14
CA ASN H 60 11.92 45.29 39.43
C ASN H 60 12.40 44.33 40.52
N LYS H 61 11.69 43.23 40.71
CA LYS H 61 11.97 42.34 41.83
C LYS H 61 13.17 41.42 41.56
N LEU H 62 13.24 40.84 40.37
CA LEU H 62 14.34 39.94 40.04
C LEU H 62 15.45 40.70 39.32
N LYS H 63 15.12 41.90 38.86
CA LYS H 63 16.07 42.77 38.15
C LYS H 63 16.73 42.04 36.98
N ALA H 64 15.91 41.39 36.18
CA ALA H 64 16.41 40.64 35.03
C ALA H 64 16.69 41.60 33.89
N ASP H 65 17.84 41.45 33.27
CA ASP H 65 18.19 42.27 32.12
C ASP H 65 17.38 41.83 30.92
N LYS H 66 17.18 42.74 29.97
CA LYS H 66 16.34 42.47 28.81
C LYS H 66 17.00 41.48 27.85
N LEU H 67 18.27 41.17 28.11
CA LEU H 67 19.00 40.22 27.28
C LEU H 67 19.15 38.87 28.00
N ASP H 68 18.50 38.74 29.16
CA ASP H 68 18.50 37.48 29.90
C ASP H 68 17.46 36.52 29.33
N VAL H 69 17.40 35.31 29.88
CA VAL H 69 16.45 34.31 29.43
C VAL H 69 15.49 33.92 30.55
N VAL H 70 14.21 33.95 30.26
CA VAL H 70 13.20 33.55 31.25
C VAL H 70 12.34 32.41 30.71
N ARG H 71 11.74 31.67 31.64
CA ARG H 71 10.74 30.67 31.29
C ARG H 71 9.62 30.80 32.32
N ILE H 72 8.42 31.13 31.83
CA ILE H 72 7.32 31.45 32.72
C ILE H 72 6.16 30.48 32.52
N GLN H 73 5.57 30.01 33.62
CA GLN H 73 4.35 29.22 33.52
C GLN H 73 3.39 29.55 34.66
N ILE H 74 2.10 29.46 34.36
CA ILE H 74 1.06 29.73 35.34
C ILE H 74 -0.25 29.09 34.87
N ASP H 75 -0.97 28.46 35.80
CA ASP H 75 -2.25 27.84 35.47
C ASP H 75 -3.37 28.86 35.41
N TYR H 76 -4.39 28.58 34.60
CA TYR H 76 -5.56 29.44 34.50
C TYR H 76 -6.81 28.60 34.25
N GLU H 77 -7.97 29.14 34.60
CA GLU H 77 -9.23 28.47 34.34
C GLU H 77 -10.18 29.45 33.67
N VAL H 78 -11.01 28.95 32.77
CA VAL H 78 -12.02 29.78 32.14
C VAL H 78 -13.40 29.36 32.65
N ARG H 79 -13.98 30.23 33.47
CA ARG H 79 -15.29 30.00 34.09
C ARG H 79 -16.25 31.12 33.79
N ASP H 80 -17.37 30.78 33.15
CA ASP H 80 -18.45 31.72 32.89
C ASP H 80 -17.95 32.97 32.19
N SER H 81 -17.32 32.78 31.04
CA SER H 81 -16.84 33.88 30.20
C SER H 81 -15.82 34.77 30.92
N GLN H 82 -14.95 34.16 31.73
CA GLN H 82 -13.93 34.92 32.46
C GLN H 82 -12.62 34.15 32.66
N ILE H 83 -11.50 34.86 32.50
CA ILE H 83 -10.18 34.26 32.70
C ILE H 83 -9.55 34.66 34.03
N GLN H 84 -9.19 33.68 34.85
CA GLN H 84 -8.55 33.93 36.14
C GLN H 84 -7.30 33.08 36.30
N PHE H 85 -6.17 33.75 36.53
CA PHE H 85 -4.91 33.04 36.73
C PHE H 85 -4.79 32.59 38.19
N ASP H 86 -4.21 31.41 38.39
CA ASP H 86 -3.96 30.91 39.73
C ASP H 86 -2.50 31.16 40.09
N PHE H 87 -2.26 32.25 40.82
CA PHE H 87 -0.90 32.69 41.10
C PHE H 87 -0.19 31.81 42.13
N SER H 88 -0.92 30.86 42.72
CA SER H 88 -0.30 29.87 43.59
C SER H 88 0.49 28.89 42.72
N THR H 89 0.16 28.88 41.44
CA THR H 89 0.80 28.00 40.47
C THR H 89 1.84 28.74 39.64
N LEU H 90 2.04 30.03 39.92
CA LEU H 90 3.00 30.83 39.17
C LEU H 90 4.43 30.33 39.37
N ARG H 91 5.10 30.05 38.26
CA ARG H 91 6.49 29.61 38.26
C ARG H 91 7.30 30.42 37.27
N VAL H 92 8.45 30.93 37.71
CA VAL H 92 9.31 31.71 36.82
C VAL H 92 10.76 31.24 36.93
N GLU H 93 11.35 30.90 35.79
CA GLU H 93 12.76 30.50 35.75
C GLU H 93 13.59 31.59 35.07
N LEU H 94 14.82 31.78 35.54
CA LEU H 94 15.66 32.85 34.99
C LEU H 94 17.09 32.38 34.72
N TRP H 95 17.59 32.74 33.54
CA TRP H 95 18.98 32.49 33.18
C TRP H 95 19.65 33.82 32.87
N ARG H 96 20.76 34.10 33.58
CA ARG H 96 21.44 35.38 33.43
C ARG H 96 22.58 35.30 32.41
N ARG H 97 22.65 36.31 31.55
CA ARG H 97 23.54 36.31 30.39
C ARG H 97 25.02 36.44 30.72
N VAL H 98 25.83 35.61 30.08
CA VAL H 98 27.28 35.74 30.15
C VAL H 98 27.78 36.65 29.03
N PRO H 99 28.46 37.75 29.39
CA PRO H 99 28.96 38.76 28.44
C PRO H 99 29.83 38.16 27.34
N GLU H 100 29.74 38.69 26.12
CA GLU H 100 30.49 38.16 24.99
C GLU H 100 31.99 38.24 25.23
N GLU H 101 32.41 39.25 26.00
CA GLU H 101 33.83 39.46 26.28
C GLU H 101 34.42 38.29 27.07
N GLU H 102 33.54 37.45 27.61
CA GLU H 102 33.98 36.36 28.47
C GLU H 102 33.93 35.01 27.76
N ILE H 103 33.19 34.95 26.66
CA ILE H 103 32.99 33.69 25.94
C ILE H 103 33.68 33.68 24.58
N ALA H 104 33.61 34.81 23.87
CA ALA H 104 34.15 34.91 22.51
C ALA H 104 35.63 34.53 22.38
N PRO H 105 36.51 35.01 23.28
CA PRO H 105 37.91 34.59 23.12
C PRO H 105 38.11 33.10 23.36
N ILE H 106 37.33 32.50 24.28
CA ILE H 106 37.43 31.07 24.53
C ILE H 106 36.90 30.28 23.34
N VAL H 107 35.78 30.73 22.79
CA VAL H 107 35.21 30.08 21.61
C VAL H 107 36.12 30.27 20.39
N GLU H 108 36.63 31.48 20.23
CA GLU H 108 37.50 31.81 19.09
C GLU H 108 38.77 30.98 19.11
N ASP H 109 39.37 30.86 20.29
CA ASP H 109 40.61 30.10 20.44
C ASP H 109 40.36 28.60 20.23
N PHE H 110 39.30 28.09 20.83
CA PHE H 110 38.99 26.67 20.74
C PHE H 110 38.61 26.28 19.31
N ALA H 111 37.96 27.19 18.61
CA ALA H 111 37.48 26.92 17.26
C ALA H 111 38.65 26.68 16.29
N ARG H 112 39.80 27.26 16.61
CA ARG H 112 40.99 27.07 15.79
C ARG H 112 41.58 25.70 16.07
N ALA H 113 41.32 25.19 17.27
CA ALA H 113 41.85 23.91 17.70
C ALA H 113 40.86 22.80 17.37
N ALA H 114 39.68 23.19 16.90
CA ALA H 114 38.60 22.25 16.63
C ALA H 114 38.94 21.21 15.55
N PRO H 115 39.56 21.64 14.43
CA PRO H 115 39.87 20.60 13.43
C PRO H 115 40.91 19.59 13.91
N ARG H 116 41.72 19.92 14.92
CA ARG H 116 42.67 18.94 15.45
C ARG H 116 41.94 17.84 16.21
N LEU H 117 40.95 18.21 17.01
CA LEU H 117 40.21 17.21 17.79
C LEU H 117 39.45 16.28 16.84
N LEU H 118 39.08 16.82 15.68
CA LEU H 118 38.33 16.07 14.68
C LEU H 118 39.23 14.97 14.13
N GLU H 119 40.53 15.14 14.37
CA GLU H 119 41.55 14.21 13.91
C GLU H 119 41.72 13.10 14.94
N GLU H 120 41.59 13.46 16.21
CA GLU H 120 41.76 12.51 17.31
C GLU H 120 40.64 11.48 17.37
N GLU H 121 41.01 10.24 17.68
CA GLU H 121 40.04 9.19 17.93
C GLU H 121 39.52 9.33 19.37
N ILE H 122 38.26 9.03 19.59
CA ILE H 122 37.65 9.22 20.91
C ILE H 122 37.99 8.07 21.86
N ARG H 123 39.16 8.16 22.48
CA ARG H 123 39.60 7.16 23.45
C ARG H 123 38.59 6.92 24.57
N PHE H 124 38.09 5.68 24.65
CA PHE H 124 37.19 5.28 25.73
C PHE H 124 37.88 4.24 26.63
N THR H 125 37.36 4.09 27.85
CA THR H 125 37.82 3.02 28.73
C THR H 125 36.62 2.25 29.28
N VAL H 126 36.85 1.03 29.74
CA VAL H 126 35.77 0.19 30.25
C VAL H 126 36.04 -0.42 31.63
N GLU H 127 34.96 -0.84 32.28
CA GLU H 127 35.03 -1.56 33.55
C GLU H 127 33.87 -2.55 33.62
N LYS H 128 34.17 -3.79 34.00
CA LYS H 128 33.15 -4.84 34.08
C LYS H 128 32.11 -4.56 35.15
N VAL H 129 30.84 -4.71 34.79
CA VAL H 129 29.73 -4.45 35.71
C VAL H 129 29.15 -5.75 36.27
N GLY H 130 28.98 -6.74 35.40
CA GLY H 130 28.45 -8.02 35.82
C GLY H 130 28.08 -8.90 34.64
N GLU H 131 27.40 -10.01 34.91
CA GLU H 131 26.93 -10.90 33.84
C GLU H 131 25.42 -11.07 33.87
N THR H 132 24.83 -11.29 32.70
CA THR H 132 23.40 -11.53 32.60
C THR H 132 23.08 -12.99 32.91
N ASP H 133 21.78 -13.32 32.93
CA ASP H 133 21.33 -14.67 33.21
C ASP H 133 21.76 -15.66 32.14
N VAL H 134 21.83 -15.18 30.90
CA VAL H 134 22.14 -16.03 29.76
C VAL H 134 23.61 -15.96 29.35
N GLY H 135 24.43 -15.30 30.17
CA GLY H 135 25.86 -15.34 30.02
C GLY H 135 26.51 -14.21 29.23
N ASP H 136 25.79 -13.11 29.03
CA ASP H 136 26.37 -11.94 28.42
C ASP H 136 27.19 -11.18 29.46
N VAL H 137 28.24 -10.50 29.02
CA VAL H 137 29.06 -9.70 29.92
C VAL H 137 28.80 -8.22 29.68
N VAL H 138 28.47 -7.49 30.73
CA VAL H 138 28.11 -6.08 30.61
C VAL H 138 29.22 -5.20 31.16
N TYR H 139 29.63 -4.22 30.35
CA TYR H 139 30.70 -3.30 30.73
C TYR H 139 30.22 -1.86 30.86
N ARG H 140 30.94 -1.11 31.70
CA ARG H 140 30.72 0.32 31.84
C ARG H 140 31.68 1.09 30.92
N ILE H 141 31.14 1.95 30.07
CA ILE H 141 32.00 2.74 29.19
C ILE H 141 32.23 4.10 29.83
N MET H 142 33.49 4.53 29.85
CA MET H 142 33.85 5.78 30.51
C MET H 142 34.60 6.71 29.57
N TYR H 143 34.43 8.01 29.79
CA TYR H 143 35.16 9.01 29.04
C TYR H 143 35.81 9.99 30.02
N ARG H 144 37.14 9.98 30.05
CA ARG H 144 37.92 10.73 31.04
C ARG H 144 37.52 10.36 32.46
N GLY H 145 37.25 9.07 32.71
CA GLY H 145 36.92 8.63 34.05
C GLY H 145 35.46 8.78 34.42
N SER H 146 34.68 9.45 33.57
CA SER H 146 33.27 9.66 33.85
C SER H 146 32.40 8.71 33.02
N ASP H 147 31.32 8.21 33.63
CA ASP H 147 30.43 7.26 32.96
C ASP H 147 29.65 7.92 31.82
N VAL H 148 29.71 7.33 30.63
CA VAL H 148 29.04 7.91 29.47
C VAL H 148 28.20 6.91 28.67
N GLY H 149 28.34 5.62 28.97
CA GLY H 149 27.59 4.62 28.24
C GLY H 149 27.77 3.20 28.75
N ALA H 150 27.27 2.24 28.00
CA ALA H 150 27.34 0.83 28.38
C ALA H 150 27.58 -0.04 27.15
N LEU H 151 28.05 -1.26 27.38
CA LEU H 151 28.37 -2.18 26.30
C LEU H 151 28.10 -3.62 26.73
N ILE H 152 27.54 -4.42 25.83
CA ILE H 152 27.22 -5.81 26.15
C ILE H 152 27.82 -6.76 25.11
N VAL H 153 28.46 -7.82 25.60
CA VAL H 153 29.10 -8.81 24.74
C VAL H 153 28.52 -10.21 24.96
N THR H 154 28.13 -10.86 23.87
CA THR H 154 27.58 -12.21 23.94
C THR H 154 28.60 -13.22 23.42
N PRO H 155 29.17 -14.02 24.32
CA PRO H 155 30.22 -14.99 23.97
C PRO H 155 29.66 -16.17 23.17
N LEU H 156 30.39 -16.58 22.15
CA LEU H 156 29.98 -17.69 21.29
C LEU H 156 31.08 -18.75 21.21
N ASN H 157 31.08 -19.50 20.10
CA ASN H 157 32.16 -20.44 19.84
C ASN H 157 33.27 -19.77 19.05
N GLY H 158 34.21 -19.17 19.77
CA GLY H 158 35.31 -18.47 19.11
C GLY H 158 34.86 -17.08 18.67
N GLU H 159 33.61 -16.74 18.95
CA GLU H 159 33.03 -15.48 18.49
C GLU H 159 32.33 -14.74 19.61
N ALA H 160 32.08 -13.45 19.39
CA ALA H 160 31.30 -12.65 20.31
C ALA H 160 30.37 -11.70 19.55
N LEU H 161 29.25 -11.35 20.16
CA LEU H 161 28.38 -10.31 19.61
C LEU H 161 28.47 -9.07 20.49
N VAL H 162 28.73 -7.92 19.88
CA VAL H 162 28.87 -6.69 20.65
C VAL H 162 27.84 -5.63 20.27
N ARG H 163 27.19 -5.09 21.30
CA ARG H 163 26.29 -3.96 21.14
C ARG H 163 26.57 -3.01 22.30
N GLY H 164 26.39 -1.72 22.06
CA GLY H 164 26.59 -0.73 23.09
C GLY H 164 26.25 0.66 22.59
N ALA H 165 26.36 1.63 23.49
CA ALA H 165 26.06 3.01 23.17
C ALA H 165 26.72 3.94 24.18
N VAL H 166 27.12 5.12 23.71
CA VAL H 166 27.63 6.15 24.60
C VAL H 166 26.80 7.42 24.42
N VAL H 167 26.77 8.24 25.46
CA VAL H 167 25.97 9.46 25.46
C VAL H 167 26.88 10.66 25.16
N GLU H 168 28.08 10.61 25.72
CA GLU H 168 29.08 11.66 25.56
C GLU H 168 30.39 11.07 25.02
N PRO H 169 31.22 11.89 24.34
CA PRO H 169 31.08 13.31 24.01
C PRO H 169 30.07 13.56 22.90
N THR H 170 29.66 12.50 22.21
CA THR H 170 28.61 12.58 21.21
C THR H 170 27.86 11.24 21.19
N PRO H 171 26.52 11.28 21.04
CA PRO H 171 25.71 10.07 21.07
C PRO H 171 26.07 9.08 19.98
N LEU H 172 26.56 7.91 20.37
CA LEU H 172 26.94 6.87 19.41
C LEU H 172 26.25 5.55 19.73
N LEU H 173 25.88 4.84 18.67
CA LEU H 173 25.26 3.52 18.80
C LEU H 173 26.09 2.47 18.07
N LEU H 174 26.57 1.50 18.82
CA LEU H 174 27.34 0.40 18.26
C LEU H 174 26.42 -0.73 17.81
N LYS H 175 26.30 -0.91 16.50
CA LYS H 175 25.47 -1.96 15.92
C LYS H 175 25.96 -3.35 16.31
N ARG H 176 25.05 -4.32 16.25
CA ARG H 176 25.39 -5.71 16.50
C ARG H 176 26.60 -6.13 15.67
N THR H 177 27.72 -6.40 16.33
CA THR H 177 28.94 -6.69 15.60
C THR H 177 29.52 -8.01 16.08
N ARG H 178 29.88 -8.87 15.13
CA ARG H 178 30.49 -10.15 15.45
C ARG H 178 32.00 -10.10 15.25
N VAL H 179 32.73 -10.60 16.24
CA VAL H 179 34.19 -10.58 16.18
C VAL H 179 34.75 -11.94 16.54
N GLN H 180 35.97 -12.22 16.09
CA GLN H 180 36.64 -13.49 16.38
C GLN H 180 37.44 -13.37 17.66
N VAL H 181 36.89 -13.89 18.75
CA VAL H 181 37.48 -13.78 20.07
C VAL H 181 37.15 -15.01 20.90
N GLU H 182 38.14 -15.57 21.60
CA GLU H 182 37.86 -16.66 22.51
C GLU H 182 37.24 -16.07 23.78
N ALA H 183 36.26 -16.80 24.32
CA ALA H 183 35.44 -16.32 25.44
C ALA H 183 36.21 -15.93 26.70
N ASP H 184 37.34 -16.58 26.92
CA ASP H 184 38.16 -16.33 28.10
C ASP H 184 38.90 -15.00 28.04
N ARG H 185 39.16 -14.53 26.83
CA ARG H 185 40.00 -13.37 26.61
C ARG H 185 39.17 -12.13 26.26
N ILE H 186 37.86 -12.27 26.40
CA ILE H 186 36.91 -11.21 26.11
C ILE H 186 37.23 -9.93 26.88
N ASP H 187 37.43 -10.10 28.19
CA ASP H 187 37.65 -8.98 29.09
C ASP H 187 38.85 -8.14 28.67
N ASP H 188 39.89 -8.78 28.14
CA ASP H 188 41.05 -8.07 27.61
C ASP H 188 40.74 -7.45 26.24
N PHE H 189 39.98 -8.18 25.42
CA PHE H 189 39.61 -7.73 24.08
C PHE H 189 38.82 -6.43 24.14
N VAL H 190 37.88 -6.36 25.07
CA VAL H 190 37.04 -5.18 25.24
C VAL H 190 37.89 -3.95 25.57
N ARG H 191 38.85 -4.11 26.46
CA ARG H 191 39.68 -2.99 26.90
C ARG H 191 40.61 -2.47 25.81
N GLU H 192 40.96 -3.34 24.87
CA GLU H 192 41.89 -2.99 23.80
C GLU H 192 41.20 -2.46 22.55
N SER H 193 39.90 -2.71 22.45
CA SER H 193 39.18 -2.46 21.21
C SER H 193 37.97 -1.54 21.34
N VAL H 194 37.66 -1.12 22.57
CA VAL H 194 36.45 -0.34 22.82
C VAL H 194 36.45 0.98 22.05
N SER H 195 37.60 1.65 21.98
CA SER H 195 37.71 2.93 21.30
C SER H 195 37.62 2.75 19.79
N ARG H 196 38.16 1.64 19.30
CA ARG H 196 38.19 1.35 17.87
C ARG H 196 36.82 0.92 17.35
N LEU H 197 36.05 0.25 18.20
CA LEU H 197 34.71 -0.19 17.84
C LEU H 197 33.79 1.01 17.62
N PHE H 198 33.94 2.02 18.47
CA PHE H 198 33.07 3.20 18.42
C PHE H 198 33.52 4.22 17.39
N SER H 199 34.67 3.99 16.76
CA SER H 199 35.13 4.87 15.69
C SER H 199 34.33 4.60 14.41
N GLU H 200 33.61 3.49 14.39
CA GLU H 200 32.82 3.11 13.24
C GLU H 200 31.34 3.03 13.67
N ALA H 201 31.03 3.63 14.82
CA ALA H 201 29.67 3.58 15.36
C ALA H 201 28.78 4.60 14.66
N GLN H 202 27.47 4.45 14.81
CA GLN H 202 26.52 5.39 14.22
C GLN H 202 26.28 6.60 15.11
N ASN H 203 26.25 7.77 14.49
CA ASN H 203 25.84 8.97 15.20
C ASN H 203 24.32 9.02 15.27
N VAL H 204 23.79 8.93 16.48
CA VAL H 204 22.35 8.88 16.69
C VAL H 204 21.94 10.00 17.64
N GLU H 205 20.67 10.05 18.00
CA GLU H 205 20.21 11.05 18.96
C GLU H 205 20.56 10.63 20.38
N LYS H 206 20.68 11.62 21.27
CA LYS H 206 21.07 11.39 22.65
C LYS H 206 20.07 10.48 23.35
N ARG H 207 18.78 10.73 23.11
CA ARG H 207 17.73 9.98 23.76
C ARG H 207 17.74 8.51 23.30
N GLU H 208 18.19 8.30 22.07
CA GLU H 208 18.34 6.96 21.52
C GLU H 208 19.44 6.19 22.25
N ALA H 209 20.58 6.83 22.43
CA ALA H 209 21.71 6.22 23.13
C ALA H 209 21.40 5.97 24.60
N VAL H 210 20.73 6.93 25.24
CA VAL H 210 20.37 6.84 26.65
C VAL H 210 19.55 5.59 26.95
N ARG H 211 18.58 5.31 26.07
CA ARG H 211 17.71 4.15 26.23
C ARG H 211 18.43 2.80 26.08
N VAL H 212 19.32 2.70 25.10
CA VAL H 212 20.07 1.47 24.92
C VAL H 212 20.99 1.23 26.12
N VAL H 213 21.61 2.30 26.61
CA VAL H 213 22.47 2.22 27.79
C VAL H 213 21.72 1.67 29.00
N ASN H 214 20.52 2.21 29.26
CA ASN H 214 19.70 1.74 30.36
C ASN H 214 19.20 0.31 30.18
N GLU H 215 18.96 -0.07 28.93
CA GLU H 215 18.54 -1.43 28.61
C GLU H 215 19.61 -2.45 28.99
N ILE H 216 20.85 -2.11 28.66
CA ILE H 216 21.99 -2.99 28.92
C ILE H 216 22.28 -3.08 30.42
N LEU H 217 22.21 -1.93 31.09
CA LEU H 217 22.49 -1.87 32.52
C LEU H 217 21.38 -2.54 33.34
N SER H 218 20.17 -2.59 32.78
CA SER H 218 19.04 -3.18 33.48
C SER H 218 19.15 -4.71 33.57
N LEU H 219 19.85 -5.31 32.61
CA LEU H 219 19.98 -6.76 32.56
C LEU H 219 20.91 -7.32 33.63
N VAL H 220 21.63 -6.43 34.31
CA VAL H 220 22.49 -6.83 35.43
C VAL H 220 21.74 -6.56 36.73
N LYS H 221 21.02 -5.45 36.75
CA LYS H 221 20.31 -4.99 37.94
C LYS H 221 18.81 -5.33 37.86
P PO4 M . -12.61 -9.09 -26.13
O1 PO4 M . -13.68 -8.09 -26.56
O2 PO4 M . -12.14 -9.85 -27.34
O3 PO4 M . -11.44 -8.35 -25.52
O4 PO4 M . -13.20 -10.04 -25.13
#